data_1Q12
#
_entry.id   1Q12
#
_cell.length_a   59.880
_cell.length_b   97.278
_cell.length_c   101.862
_cell.angle_alpha   74.59
_cell.angle_beta   82.47
_cell.angle_gamma   76.85
#
_symmetry.space_group_name_H-M   'P 1'
#
loop_
_entity.id
_entity.type
_entity.pdbx_description
1 polymer 'Maltose/maltodextrin transport ATP-binding protein malK'
2 non-polymer "ADENOSINE-5'-TRIPHOSPHATE"
3 water water
#
_entity_poly.entity_id   1
_entity_poly.type   'polypeptide(L)'
_entity_poly.pdbx_seq_one_letter_code
;MASVQLQNVTKAWGEVVVSKDINLDIHEGEFVVFVGPSGCGKSTLLRMIAGLETITSGDLFIGEKRMNDTPPAERGVGMV
FQSYALYPHLSVAENMSFGLKLAGAKKEVINQRVNQVAEVLQLAHLLDRKPKALSGGQRQRVAIGRTLVAEPSVFLLDEP
LSNLDAALRVQMRIEISRLHKRLGRTMIYVTHDQVEAMTLADKIVVLDAGRVAQVGKPLELYHYPADRFVAGFIGSPKMN
FLPVKVTATAIDQVQVELPMPNRQQVWLPVESRDVQVGANMSLGIRPEHLLPSDIADVILEGEVQVVEQLGNETQIHIQI
PSIRQNLVYRQNDVVLVEEGATFAIGLPPERCHLFREDGTACRRLHKEPGVASASHHHHHH
;
_entity_poly.pdbx_strand_id   A,B,C,D
#
# COMPACT_ATOMS: atom_id res chain seq x y z
N VAL A 4 -61.66 6.26 -29.11
CA VAL A 4 -62.82 5.53 -28.63
C VAL A 4 -63.74 5.02 -29.74
N GLN A 5 -63.27 4.97 -30.99
CA GLN A 5 -64.14 4.49 -32.07
C GLN A 5 -63.53 4.72 -33.46
N LEU A 6 -63.55 3.66 -34.26
CA LEU A 6 -63.03 3.70 -35.65
C LEU A 6 -64.06 3.08 -36.62
N GLN A 7 -64.14 3.68 -37.79
CA GLN A 7 -65.08 3.21 -38.84
C GLN A 7 -64.42 3.29 -40.22
N ASN A 8 -64.34 2.12 -40.84
CA ASN A 8 -63.75 1.97 -42.17
C ASN A 8 -62.40 2.66 -42.25
N VAL A 9 -61.79 2.91 -41.10
CA VAL A 9 -60.49 3.55 -41.02
C VAL A 9 -59.49 2.85 -41.93
N THR A 10 -58.99 3.57 -42.93
CA THR A 10 -58.03 3.01 -43.87
C THR A 10 -56.75 3.84 -43.83
N LYS A 11 -55.63 3.22 -44.14
CA LYS A 11 -54.36 3.94 -44.14
C LYS A 11 -53.41 3.23 -45.08
N ALA A 12 -52.80 4.00 -45.98
CA ALA A 12 -51.85 3.45 -46.93
C ALA A 12 -50.72 4.43 -47.22
N TRP A 13 -49.54 3.88 -47.48
CA TRP A 13 -48.37 4.68 -47.81
C TRP A 13 -48.14 4.50 -49.31
N GLY A 14 -48.77 5.37 -50.11
CA GLY A 14 -48.64 5.28 -51.55
C GLY A 14 -49.44 4.13 -52.12
N GLU A 15 -48.75 3.05 -52.47
CA GLU A 15 -49.38 1.87 -53.06
C GLU A 15 -49.51 0.72 -52.04
N VAL A 16 -48.98 0.93 -50.84
CA VAL A 16 -49.03 -0.08 -49.80
C VAL A 16 -50.06 0.24 -48.72
N VAL A 17 -51.15 -0.52 -48.67
CA VAL A 17 -52.18 -0.30 -47.65
C VAL A 17 -51.64 -0.89 -46.36
N VAL A 18 -52.07 -0.34 -45.22
CA VAL A 18 -51.59 -0.85 -43.94
C VAL A 18 -52.71 -0.97 -42.92
N SER A 19 -53.94 -0.72 -43.36
CA SER A 19 -55.09 -0.81 -42.48
C SER A 19 -56.38 -0.87 -43.28
N LYS A 20 -56.55 -1.93 -44.05
CA LYS A 20 -57.76 -2.07 -44.85
C LYS A 20 -58.98 -1.88 -43.96
N ASP A 21 -59.62 -0.74 -44.12
CA ASP A 21 -60.81 -0.34 -43.36
C ASP A 21 -61.10 -1.17 -42.13
N ILE A 22 -60.56 -0.72 -41.00
CA ILE A 22 -60.75 -1.44 -39.76
C ILE A 22 -61.85 -0.77 -38.93
N ASN A 23 -62.72 -1.58 -38.34
CA ASN A 23 -63.80 -1.07 -37.51
C ASN A 23 -63.70 -1.58 -36.08
N LEU A 24 -63.38 -0.69 -35.16
CA LEU A 24 -63.27 -1.05 -33.76
C LEU A 24 -64.26 -0.22 -32.97
N ASP A 25 -64.62 -0.71 -31.80
CA ASP A 25 -65.57 0.00 -30.98
C ASP A 25 -65.13 -0.13 -29.53
N ILE A 26 -64.14 0.66 -29.15
CA ILE A 26 -63.61 0.61 -27.80
C ILE A 26 -64.42 1.45 -26.80
N HIS A 27 -65.23 0.78 -25.98
CA HIS A 27 -66.05 1.49 -25.00
C HIS A 27 -65.20 2.27 -24.03
N GLU A 28 -65.78 3.30 -23.44
CA GLU A 28 -65.04 4.15 -22.50
C GLU A 28 -64.71 3.40 -21.22
N GLY A 29 -63.43 3.46 -20.85
CA GLY A 29 -62.96 2.79 -19.64
C GLY A 29 -62.41 1.39 -19.91
N GLU A 30 -62.73 0.83 -21.07
CA GLU A 30 -62.27 -0.50 -21.43
C GLU A 30 -60.75 -0.64 -21.52
N PHE A 31 -60.25 -1.83 -21.20
CA PHE A 31 -58.82 -2.12 -21.31
C PHE A 31 -58.73 -3.01 -22.55
N VAL A 32 -58.25 -2.46 -23.65
CA VAL A 32 -58.16 -3.23 -24.90
C VAL A 32 -56.72 -3.45 -25.35
N VAL A 33 -56.33 -4.70 -25.57
CA VAL A 33 -54.96 -4.92 -26.04
C VAL A 33 -54.95 -5.36 -27.48
N PHE A 34 -53.93 -4.89 -28.18
CA PHE A 34 -53.78 -5.22 -29.59
C PHE A 34 -52.59 -6.14 -29.77
N VAL A 35 -52.83 -7.21 -30.51
CA VAL A 35 -51.77 -8.14 -30.78
C VAL A 35 -51.77 -8.40 -32.28
N GLY A 36 -50.66 -8.93 -32.77
CA GLY A 36 -50.58 -9.24 -34.17
C GLY A 36 -49.14 -9.38 -34.57
N PRO A 37 -48.90 -10.09 -35.69
CA PRO A 37 -47.57 -10.36 -36.27
C PRO A 37 -46.76 -9.08 -36.40
N SER A 38 -45.44 -9.20 -36.31
CA SER A 38 -44.57 -8.02 -36.46
C SER A 38 -44.93 -7.32 -37.79
N GLY A 39 -45.14 -6.02 -37.72
CA GLY A 39 -45.49 -5.28 -38.92
C GLY A 39 -46.91 -5.50 -39.44
N CYS A 40 -47.87 -5.73 -38.55
CA CYS A 40 -49.24 -5.95 -39.01
C CYS A 40 -50.01 -4.63 -38.94
N GLY A 41 -49.42 -3.63 -38.29
CA GLY A 41 -50.05 -2.32 -38.19
C GLY A 41 -50.49 -1.88 -36.80
N LYS A 42 -49.86 -2.40 -35.75
CA LYS A 42 -50.23 -2.06 -34.38
C LYS A 42 -49.81 -0.66 -33.96
N SER A 43 -48.56 -0.31 -34.22
CA SER A 43 -48.08 1.04 -33.85
C SER A 43 -48.80 2.08 -34.73
N THR A 44 -48.97 1.78 -36.02
CA THR A 44 -49.65 2.70 -36.93
C THR A 44 -51.05 3.05 -36.46
N LEU A 45 -51.83 2.02 -36.19
CA LEU A 45 -53.19 2.22 -35.72
C LEU A 45 -53.13 3.07 -34.46
N LEU A 46 -52.09 2.88 -33.67
CA LEU A 46 -51.95 3.63 -32.44
C LEU A 46 -51.59 5.09 -32.69
N ARG A 47 -50.83 5.31 -33.73
CA ARG A 47 -50.36 6.66 -34.07
C ARG A 47 -51.42 7.44 -34.86
N MET A 48 -52.48 6.75 -35.23
CA MET A 48 -53.57 7.38 -35.96
C MET A 48 -54.65 7.84 -34.98
N ILE A 49 -54.64 7.21 -33.81
CA ILE A 49 -55.57 7.57 -32.73
C ILE A 49 -55.02 8.78 -31.98
N ALA A 50 -53.71 8.93 -32.09
CA ALA A 50 -52.96 10.02 -31.46
C ALA A 50 -52.90 11.22 -32.42
N GLY A 51 -52.57 10.93 -33.66
CA GLY A 51 -52.53 11.95 -34.72
C GLY A 51 -51.15 12.06 -35.36
N LEU A 52 -50.19 11.35 -34.82
CA LEU A 52 -48.83 11.37 -35.35
C LEU A 52 -48.82 10.83 -36.79
N GLU A 53 -49.93 10.21 -37.18
CA GLU A 53 -50.06 9.68 -38.53
C GLU A 53 -51.39 10.07 -39.15
N THR A 54 -51.39 10.21 -40.47
CA THR A 54 -52.60 10.60 -41.20
C THR A 54 -53.51 9.43 -41.55
N ILE A 55 -54.82 9.66 -41.43
CA ILE A 55 -55.85 8.66 -41.75
C ILE A 55 -56.22 8.78 -43.22
N THR A 56 -55.84 7.81 -44.04
CA THR A 56 -56.17 7.87 -45.46
C THR A 56 -57.69 7.93 -45.66
N SER A 57 -58.42 7.00 -45.07
CA SER A 57 -59.88 6.98 -45.21
C SER A 57 -60.53 6.63 -43.87
N GLY A 58 -61.85 6.75 -43.82
CA GLY A 58 -62.57 6.41 -42.60
C GLY A 58 -62.65 7.52 -41.58
N ASP A 59 -63.29 7.24 -40.46
CA ASP A 59 -63.48 8.24 -39.41
C ASP A 59 -63.09 7.75 -38.02
N LEU A 60 -62.31 8.56 -37.32
CA LEU A 60 -61.88 8.25 -35.96
C LEU A 60 -62.69 9.13 -35.02
N PHE A 61 -63.38 8.53 -34.04
CA PHE A 61 -64.17 9.31 -33.11
C PHE A 61 -63.73 9.20 -31.67
N ILE A 62 -62.62 9.83 -31.31
CA ILE A 62 -62.17 9.79 -29.93
C ILE A 62 -63.20 10.58 -29.14
N GLY A 63 -63.48 10.14 -27.95
CA GLY A 63 -64.53 10.78 -27.16
C GLY A 63 -65.84 10.52 -27.89
N GLU A 64 -66.36 11.57 -28.52
CA GLU A 64 -67.62 11.45 -29.28
C GLU A 64 -67.68 12.45 -30.44
N LYS A 65 -66.51 12.80 -30.94
CA LYS A 65 -66.39 13.75 -32.05
C LYS A 65 -65.24 13.38 -32.98
N ARG A 66 -65.55 13.33 -34.26
CA ARG A 66 -64.58 13.03 -35.33
C ARG A 66 -63.33 13.91 -35.09
N MET A 67 -62.17 13.27 -35.11
CA MET A 67 -60.92 14.00 -34.83
C MET A 67 -59.80 13.72 -35.85
N ASN A 68 -60.16 13.21 -37.01
CA ASN A 68 -59.16 12.88 -38.04
C ASN A 68 -58.25 14.07 -38.34
N ASP A 69 -58.77 15.29 -38.18
CA ASP A 69 -58.01 16.49 -38.47
C ASP A 69 -57.61 17.32 -37.26
N THR A 70 -57.99 16.85 -36.08
CA THR A 70 -57.66 17.55 -34.85
C THR A 70 -56.15 17.38 -34.59
N PRO A 71 -55.50 18.41 -34.00
CA PRO A 71 -54.07 18.28 -33.73
C PRO A 71 -53.81 17.24 -32.62
N PRO A 72 -52.67 16.56 -32.67
CA PRO A 72 -52.33 15.54 -31.65
C PRO A 72 -52.44 16.00 -30.19
N ALA A 73 -51.79 17.10 -29.87
CA ALA A 73 -51.77 17.63 -28.50
C ALA A 73 -53.13 17.93 -27.89
N GLU A 74 -54.20 17.90 -28.70
CA GLU A 74 -55.52 18.20 -28.19
C GLU A 74 -56.56 17.15 -28.55
N ARG A 75 -56.30 15.90 -28.15
CA ARG A 75 -57.24 14.82 -28.43
C ARG A 75 -57.65 14.16 -27.12
N GLY A 76 -56.84 14.35 -26.09
CA GLY A 76 -57.11 13.78 -24.77
C GLY A 76 -56.33 12.49 -24.63
N VAL A 77 -55.45 12.29 -25.60
CA VAL A 77 -54.61 11.12 -25.69
C VAL A 77 -53.23 11.29 -25.06
N GLY A 78 -52.87 10.33 -24.20
CA GLY A 78 -51.56 10.34 -23.56
C GLY A 78 -50.91 9.05 -24.03
N MET A 79 -49.94 9.16 -24.92
CA MET A 79 -49.26 7.98 -25.44
C MET A 79 -47.86 7.77 -24.88
N VAL A 80 -47.43 6.51 -24.86
CA VAL A 80 -46.10 6.15 -24.40
C VAL A 80 -45.63 4.98 -25.27
N PHE A 81 -44.72 5.27 -26.19
CA PHE A 81 -44.21 4.23 -27.09
C PHE A 81 -42.74 3.90 -26.77
N GLN A 82 -42.13 3.16 -27.67
CA GLN A 82 -40.75 2.69 -27.52
C GLN A 82 -39.71 3.82 -27.72
N SER A 83 -39.97 4.70 -28.67
CA SER A 83 -39.05 5.81 -28.98
C SER A 83 -38.73 6.63 -27.71
N TYR A 84 -39.56 6.45 -26.71
CA TYR A 84 -39.42 7.13 -25.41
C TYR A 84 -39.78 8.62 -25.53
N ALA A 85 -39.31 9.37 -24.54
CA ALA A 85 -39.56 10.83 -24.47
C ALA A 85 -38.72 11.48 -23.37
N LEU A 86 -37.63 10.82 -23.03
CA LEU A 86 -36.72 11.31 -21.98
C LEU A 86 -35.80 12.40 -22.56
N TYR A 87 -36.20 13.65 -22.29
CA TYR A 87 -35.43 14.85 -22.72
C TYR A 87 -34.07 14.85 -22.00
N PRO A 88 -32.95 14.63 -22.68
CA PRO A 88 -31.65 14.52 -22.01
C PRO A 88 -31.27 15.75 -21.21
N HIS A 89 -31.91 16.88 -21.43
CA HIS A 89 -31.55 18.10 -20.68
C HIS A 89 -32.29 18.17 -19.33
N LEU A 90 -33.30 17.33 -19.20
CA LEU A 90 -34.12 17.28 -17.97
C LEU A 90 -33.75 16.07 -17.11
N SER A 91 -33.81 16.26 -15.80
CA SER A 91 -33.53 15.17 -14.85
C SER A 91 -34.73 14.23 -14.87
N VAL A 92 -34.57 13.06 -14.26
CA VAL A 92 -35.66 12.09 -14.21
C VAL A 92 -36.90 12.73 -13.60
N ALA A 93 -36.72 13.43 -12.49
CA ALA A 93 -37.85 14.09 -11.84
C ALA A 93 -38.42 15.19 -12.74
N GLU A 94 -37.54 15.83 -13.49
CA GLU A 94 -37.94 16.91 -14.41
C GLU A 94 -38.84 16.32 -15.47
N ASN A 95 -38.48 15.14 -15.89
CA ASN A 95 -39.35 14.39 -16.78
C ASN A 95 -40.45 13.86 -15.86
N MET A 96 -41.49 13.33 -16.44
CA MET A 96 -42.60 12.80 -15.64
C MET A 96 -43.48 13.97 -15.14
N SER A 97 -42.87 15.15 -15.10
CA SER A 97 -43.56 16.40 -14.70
C SER A 97 -43.74 17.25 -15.95
N PHE A 98 -42.76 17.19 -16.85
CA PHE A 98 -42.82 17.95 -18.10
C PHE A 98 -44.21 17.78 -18.70
N GLY A 99 -44.76 16.58 -18.52
CA GLY A 99 -46.08 16.28 -19.03
C GLY A 99 -47.12 17.25 -18.48
N LEU A 100 -47.10 17.49 -17.17
CA LEU A 100 -48.03 18.42 -16.55
C LEU A 100 -47.51 19.84 -16.72
N LYS A 101 -47.14 20.16 -17.96
CA LYS A 101 -46.64 21.49 -18.31
C LYS A 101 -47.77 22.49 -18.36
N LEU A 102 -48.49 22.51 -19.47
CA LEU A 102 -49.62 23.44 -19.64
C LEU A 102 -50.84 23.10 -18.80
N ALA A 103 -50.85 21.92 -18.20
CA ALA A 103 -51.98 21.51 -17.36
C ALA A 103 -52.18 22.46 -16.19
N GLY A 104 -51.32 23.48 -16.11
CA GLY A 104 -51.43 24.46 -15.03
C GLY A 104 -51.19 23.83 -13.68
N ALA A 105 -50.82 22.56 -13.67
CA ALA A 105 -50.57 21.86 -12.42
C ALA A 105 -49.59 22.71 -11.61
N LYS A 106 -49.79 22.76 -10.29
CA LYS A 106 -48.91 23.53 -9.43
C LYS A 106 -48.13 22.57 -8.54
N LYS A 107 -46.92 22.97 -8.18
CA LYS A 107 -46.03 22.17 -7.33
C LYS A 107 -46.74 21.47 -6.17
N GLU A 108 -47.91 21.98 -5.78
CA GLU A 108 -48.67 21.37 -4.69
C GLU A 108 -49.31 20.06 -5.15
N VAL A 109 -50.05 20.12 -6.25
CA VAL A 109 -50.71 18.94 -6.79
C VAL A 109 -49.68 18.05 -7.51
N ILE A 110 -48.84 18.68 -8.33
CA ILE A 110 -47.79 17.96 -9.04
C ILE A 110 -46.70 17.75 -8.00
N ASN A 111 -45.57 17.20 -8.41
CA ASN A 111 -44.49 16.96 -7.46
C ASN A 111 -44.96 15.97 -6.39
N GLN A 112 -46.26 15.95 -6.15
CA GLN A 112 -46.85 15.04 -5.18
C GLN A 112 -47.10 13.71 -5.90
N ARG A 113 -47.86 13.76 -6.98
CA ARG A 113 -48.15 12.55 -7.73
C ARG A 113 -46.90 12.10 -8.47
N VAL A 114 -45.93 13.01 -8.58
CA VAL A 114 -44.67 12.68 -9.23
C VAL A 114 -43.87 11.85 -8.25
N ASN A 115 -44.15 12.06 -6.96
CA ASN A 115 -43.47 11.30 -5.91
C ASN A 115 -44.13 9.95 -5.73
N GLN A 116 -45.47 9.92 -5.69
CA GLN A 116 -46.18 8.66 -5.51
C GLN A 116 -46.00 7.74 -6.71
N VAL A 117 -45.71 8.32 -7.88
CA VAL A 117 -45.51 7.54 -9.09
C VAL A 117 -44.08 7.01 -9.17
N ALA A 118 -43.13 7.84 -8.76
CA ALA A 118 -41.73 7.43 -8.79
C ALA A 118 -41.56 6.32 -7.75
N GLU A 119 -42.59 6.14 -6.92
CA GLU A 119 -42.56 5.12 -5.88
C GLU A 119 -42.95 3.77 -6.46
N VAL A 120 -44.17 3.69 -7.00
CA VAL A 120 -44.63 2.44 -7.58
C VAL A 120 -43.70 1.97 -8.69
N LEU A 121 -43.27 2.87 -9.56
CA LEU A 121 -42.39 2.50 -10.65
C LEU A 121 -40.95 2.26 -10.18
N GLN A 122 -40.74 2.42 -8.88
CA GLN A 122 -39.44 2.18 -8.25
C GLN A 122 -38.26 2.98 -8.79
N LEU A 123 -38.45 4.29 -8.97
CA LEU A 123 -37.39 5.18 -9.45
C LEU A 123 -37.06 6.24 -8.40
N ALA A 124 -37.71 6.14 -7.24
CA ALA A 124 -37.48 7.10 -6.17
C ALA A 124 -36.01 7.45 -5.96
N HIS A 125 -35.13 6.46 -6.08
CA HIS A 125 -33.70 6.69 -5.89
C HIS A 125 -33.02 7.20 -7.15
N LEU A 126 -33.80 7.65 -8.13
CA LEU A 126 -33.21 8.10 -9.38
C LEU A 126 -33.75 9.42 -9.90
N LEU A 127 -34.55 10.11 -9.11
CA LEU A 127 -35.11 11.37 -9.52
C LEU A 127 -34.09 12.37 -10.08
N ASP A 128 -33.06 12.66 -9.30
CA ASP A 128 -32.05 13.62 -9.75
C ASP A 128 -31.11 13.08 -10.84
N ARG A 129 -31.49 11.97 -11.45
CA ARG A 129 -30.69 11.37 -12.50
C ARG A 129 -31.02 11.99 -13.86
N LYS A 130 -30.22 11.63 -14.86
CA LYS A 130 -30.43 12.11 -16.22
C LYS A 130 -30.49 10.94 -17.18
N PRO A 131 -31.44 10.99 -18.13
CA PRO A 131 -31.59 9.90 -19.10
C PRO A 131 -30.27 9.27 -19.52
N LYS A 132 -29.27 10.10 -19.81
CA LYS A 132 -27.97 9.58 -20.23
C LYS A 132 -27.40 8.57 -19.23
N ALA A 133 -27.59 8.83 -17.94
CA ALA A 133 -27.05 7.96 -16.90
C ALA A 133 -28.05 6.96 -16.32
N LEU A 134 -28.81 6.31 -17.20
CA LEU A 134 -29.79 5.31 -16.80
C LEU A 134 -29.64 4.11 -17.70
N SER A 135 -30.55 3.15 -17.55
CA SER A 135 -30.54 1.95 -18.37
C SER A 135 -31.85 1.79 -19.11
N GLY A 136 -31.86 0.90 -20.11
CA GLY A 136 -33.07 0.69 -20.88
C GLY A 136 -34.28 0.65 -19.98
N GLY A 137 -34.37 -0.42 -19.18
CA GLY A 137 -35.47 -0.64 -18.26
C GLY A 137 -35.82 0.53 -17.37
N GLN A 138 -34.81 1.24 -16.89
CA GLN A 138 -35.06 2.39 -16.04
C GLN A 138 -35.69 3.52 -16.87
N ARG A 139 -35.02 3.91 -17.95
CA ARG A 139 -35.55 4.96 -18.82
C ARG A 139 -36.99 4.67 -19.20
N GLN A 140 -37.28 3.42 -19.52
CA GLN A 140 -38.63 3.05 -19.93
C GLN A 140 -39.68 3.24 -18.83
N ARG A 141 -39.28 3.05 -17.58
CA ARG A 141 -40.23 3.27 -16.51
C ARG A 141 -40.45 4.76 -16.39
N VAL A 142 -39.38 5.54 -16.55
CA VAL A 142 -39.47 7.00 -16.48
C VAL A 142 -40.50 7.45 -17.51
N ALA A 143 -40.35 6.97 -18.73
CA ALA A 143 -41.29 7.31 -19.81
C ALA A 143 -42.72 7.01 -19.36
N ILE A 144 -42.93 5.86 -18.73
CA ILE A 144 -44.27 5.51 -18.27
C ILE A 144 -44.68 6.52 -17.23
N GLY A 145 -43.69 6.92 -16.43
CA GLY A 145 -43.92 7.88 -15.37
C GLY A 145 -44.54 9.16 -15.86
N ARG A 146 -44.04 9.67 -16.99
CA ARG A 146 -44.59 10.89 -17.56
C ARG A 146 -46.07 10.72 -17.83
N THR A 147 -46.41 9.81 -18.72
CA THR A 147 -47.81 9.60 -19.06
C THR A 147 -48.66 9.27 -17.84
N LEU A 148 -48.10 8.59 -16.87
CA LEU A 148 -48.88 8.28 -15.68
C LEU A 148 -49.19 9.58 -14.93
N VAL A 149 -48.15 10.33 -14.59
CA VAL A 149 -48.30 11.59 -13.87
C VAL A 149 -49.29 12.55 -14.53
N ALA A 150 -49.32 12.54 -15.86
CA ALA A 150 -50.22 13.40 -16.63
C ALA A 150 -51.67 12.91 -16.61
N GLU A 151 -51.89 11.68 -16.17
CA GLU A 151 -53.21 11.07 -16.10
C GLU A 151 -54.17 11.53 -17.22
N PRO A 152 -53.87 11.17 -18.47
CA PRO A 152 -54.72 11.55 -19.61
C PRO A 152 -56.12 10.98 -19.47
N SER A 153 -56.95 11.17 -20.48
CA SER A 153 -58.31 10.64 -20.43
C SER A 153 -58.27 9.32 -21.20
N VAL A 154 -57.23 9.19 -22.01
CA VAL A 154 -57.02 8.00 -22.82
C VAL A 154 -55.55 7.61 -22.85
N PHE A 155 -55.27 6.39 -22.41
CA PHE A 155 -53.91 5.88 -22.40
C PHE A 155 -53.66 5.06 -23.67
N LEU A 156 -52.49 5.28 -24.25
CA LEU A 156 -52.07 4.55 -25.43
C LEU A 156 -50.69 4.04 -25.06
N LEU A 157 -50.63 2.79 -24.62
CA LEU A 157 -49.38 2.19 -24.21
C LEU A 157 -48.88 1.25 -25.28
N ASP A 158 -47.69 1.51 -25.80
CA ASP A 158 -47.14 0.66 -26.85
C ASP A 158 -45.95 -0.14 -26.30
N GLU A 159 -46.24 -1.36 -25.84
CA GLU A 159 -45.24 -2.25 -25.27
C GLU A 159 -44.45 -1.47 -24.22
N PRO A 160 -45.16 -0.90 -23.24
CA PRO A 160 -44.58 -0.10 -22.16
C PRO A 160 -43.77 -0.83 -21.10
N LEU A 161 -43.87 -2.17 -21.06
CA LEU A 161 -43.16 -2.90 -20.02
C LEU A 161 -42.01 -3.76 -20.49
N SER A 162 -41.64 -3.63 -21.76
CA SER A 162 -40.51 -4.39 -22.28
C SER A 162 -39.27 -3.82 -21.56
N ASN A 163 -38.11 -4.42 -21.78
CA ASN A 163 -36.89 -3.94 -21.10
C ASN A 163 -36.85 -4.18 -19.59
N LEU A 164 -37.82 -4.91 -19.05
CA LEU A 164 -37.84 -5.17 -17.62
C LEU A 164 -37.71 -6.66 -17.27
N ASP A 165 -37.05 -6.96 -16.15
CA ASP A 165 -36.94 -8.35 -15.72
C ASP A 165 -38.34 -8.93 -15.45
N ALA A 166 -38.45 -10.25 -15.49
CA ALA A 166 -39.74 -10.90 -15.26
C ALA A 166 -40.42 -10.51 -13.95
N ALA A 167 -39.66 -10.39 -12.88
CA ALA A 167 -40.24 -10.02 -11.59
C ALA A 167 -40.83 -8.61 -11.61
N LEU A 168 -40.00 -7.65 -11.99
CA LEU A 168 -40.40 -6.27 -12.03
C LEU A 168 -41.56 -6.08 -13.00
N ARG A 169 -41.51 -6.84 -14.09
CA ARG A 169 -42.55 -6.73 -15.09
C ARG A 169 -43.89 -7.18 -14.52
N VAL A 170 -43.88 -8.25 -13.74
CA VAL A 170 -45.11 -8.77 -13.13
C VAL A 170 -45.64 -7.74 -12.16
N GLN A 171 -44.73 -7.09 -11.44
CA GLN A 171 -45.13 -6.04 -10.50
C GLN A 171 -45.80 -4.87 -11.28
N MET A 172 -45.21 -4.45 -12.41
CA MET A 172 -45.81 -3.37 -13.18
C MET A 172 -47.17 -3.76 -13.72
N ARG A 173 -47.35 -5.02 -14.09
CA ARG A 173 -48.65 -5.46 -14.59
C ARG A 173 -49.70 -5.25 -13.52
N ILE A 174 -49.30 -5.41 -12.26
CA ILE A 174 -50.25 -5.21 -11.17
C ILE A 174 -50.48 -3.71 -11.00
N GLU A 175 -49.41 -2.91 -11.08
CA GLU A 175 -49.58 -1.48 -10.95
C GLU A 175 -50.48 -0.93 -12.06
N ILE A 176 -50.09 -1.13 -13.33
CA ILE A 176 -50.88 -0.66 -14.47
C ILE A 176 -52.32 -1.11 -14.33
N SER A 177 -52.52 -2.30 -13.79
CA SER A 177 -53.86 -2.82 -13.64
C SER A 177 -54.61 -2.04 -12.58
N ARG A 178 -53.93 -1.74 -11.47
CA ARG A 178 -54.53 -0.97 -10.38
C ARG A 178 -54.84 0.44 -10.86
N LEU A 179 -53.93 1.00 -11.64
CA LEU A 179 -54.11 2.34 -12.19
C LEU A 179 -55.36 2.35 -13.04
N HIS A 180 -55.65 1.24 -13.71
CA HIS A 180 -56.82 1.16 -14.56
C HIS A 180 -58.10 1.01 -13.75
N LYS A 181 -57.98 0.56 -12.51
CA LYS A 181 -59.14 0.39 -11.65
C LYS A 181 -59.41 1.72 -10.96
N ARG A 182 -58.36 2.32 -10.40
CA ARG A 182 -58.47 3.59 -9.70
C ARG A 182 -59.16 4.63 -10.57
N LEU A 183 -58.46 5.09 -11.61
CA LEU A 183 -59.01 6.08 -12.52
C LEU A 183 -60.18 5.57 -13.36
N GLY A 184 -60.02 4.40 -13.96
CA GLY A 184 -61.09 3.84 -14.76
C GLY A 184 -61.24 4.50 -16.13
N ARG A 185 -60.12 4.85 -16.75
CA ARG A 185 -60.14 5.48 -18.07
C ARG A 185 -59.70 4.51 -19.16
N THR A 186 -60.09 4.81 -20.40
CA THR A 186 -59.74 3.96 -21.53
C THR A 186 -58.25 3.74 -21.68
N MET A 187 -57.88 2.50 -21.99
CA MET A 187 -56.48 2.12 -22.21
C MET A 187 -56.35 1.19 -23.43
N ILE A 188 -55.54 1.64 -24.38
CA ILE A 188 -55.27 0.91 -25.60
C ILE A 188 -53.80 0.50 -25.50
N TYR A 189 -53.61 -0.77 -25.15
CA TYR A 189 -52.32 -1.39 -24.90
C TYR A 189 -51.83 -2.29 -26.04
N VAL A 190 -50.59 -2.08 -26.48
CA VAL A 190 -50.06 -2.94 -27.54
C VAL A 190 -48.93 -3.77 -26.96
N THR A 191 -48.95 -5.08 -27.23
CA THR A 191 -47.91 -5.96 -26.72
C THR A 191 -47.75 -7.24 -27.51
N HIS A 192 -46.61 -7.90 -27.29
CA HIS A 192 -46.34 -9.16 -27.96
C HIS A 192 -46.40 -10.27 -26.93
N ASP A 193 -46.28 -9.89 -25.66
CA ASP A 193 -46.32 -10.83 -24.57
C ASP A 193 -47.75 -11.30 -24.39
N GLN A 194 -48.04 -12.49 -24.87
CA GLN A 194 -49.38 -13.05 -24.79
C GLN A 194 -49.90 -13.29 -23.37
N VAL A 195 -49.01 -13.57 -22.42
CA VAL A 195 -49.43 -13.78 -21.04
C VAL A 195 -49.89 -12.42 -20.50
N GLU A 196 -49.23 -11.37 -20.93
CA GLU A 196 -49.58 -10.01 -20.51
C GLU A 196 -50.96 -9.67 -21.08
N ALA A 197 -51.18 -9.97 -22.36
CA ALA A 197 -52.45 -9.69 -22.97
C ALA A 197 -53.53 -10.40 -22.16
N MET A 198 -53.50 -11.73 -22.14
CA MET A 198 -54.47 -12.57 -21.40
C MET A 198 -54.70 -12.04 -19.99
N THR A 199 -53.64 -11.55 -19.35
CA THR A 199 -53.74 -11.05 -17.99
C THR A 199 -54.48 -9.71 -17.81
N LEU A 200 -54.07 -8.70 -18.57
CA LEU A 200 -54.61 -7.32 -18.39
C LEU A 200 -55.93 -7.02 -19.16
N ALA A 201 -56.00 -7.50 -20.38
CA ALA A 201 -57.12 -7.21 -21.31
C ALA A 201 -58.50 -7.67 -20.82
N ASP A 202 -59.47 -6.84 -21.24
CA ASP A 202 -60.91 -7.06 -21.05
C ASP A 202 -61.47 -7.60 -22.36
N LYS A 203 -60.77 -7.14 -23.38
CA LYS A 203 -61.03 -7.47 -24.78
C LYS A 203 -59.69 -7.42 -25.53
N ILE A 204 -59.55 -8.29 -26.50
CA ILE A 204 -58.32 -8.37 -27.29
C ILE A 204 -58.63 -8.25 -28.76
N VAL A 205 -57.84 -7.46 -29.47
CA VAL A 205 -58.05 -7.31 -30.90
C VAL A 205 -56.86 -7.93 -31.59
N VAL A 206 -57.11 -8.87 -32.50
CA VAL A 206 -56.01 -9.53 -33.21
C VAL A 206 -55.95 -9.00 -34.63
N LEU A 207 -54.87 -8.29 -34.93
CA LEU A 207 -54.69 -7.73 -36.25
C LEU A 207 -53.91 -8.64 -37.18
N ASP A 208 -54.24 -8.59 -38.46
CA ASP A 208 -53.55 -9.41 -39.45
C ASP A 208 -53.36 -8.68 -40.77
N ALA A 209 -52.13 -8.28 -41.05
CA ALA A 209 -51.84 -7.59 -42.30
C ALA A 209 -52.77 -6.39 -42.51
N GLY A 210 -52.85 -5.52 -41.50
CA GLY A 210 -53.70 -4.34 -41.61
C GLY A 210 -55.18 -4.52 -41.30
N ARG A 211 -55.67 -5.75 -41.37
CA ARG A 211 -57.09 -6.00 -41.11
C ARG A 211 -57.34 -6.52 -39.71
N VAL A 212 -58.57 -6.37 -39.22
CA VAL A 212 -58.95 -6.86 -37.89
C VAL A 212 -59.41 -8.30 -38.09
N ALA A 213 -58.64 -9.25 -37.56
CA ALA A 213 -58.99 -10.66 -37.72
C ALA A 213 -60.07 -11.11 -36.75
N GLN A 214 -59.87 -10.84 -35.46
CA GLN A 214 -60.87 -11.23 -34.48
C GLN A 214 -60.79 -10.35 -33.23
N VAL A 215 -61.96 -10.15 -32.61
CA VAL A 215 -62.07 -9.38 -31.39
C VAL A 215 -62.78 -10.24 -30.36
N GLY A 216 -62.29 -10.25 -29.13
CA GLY A 216 -62.98 -11.06 -28.14
C GLY A 216 -62.27 -11.01 -26.82
N LYS A 217 -62.84 -11.66 -25.82
CA LYS A 217 -62.19 -11.70 -24.51
C LYS A 217 -61.07 -12.74 -24.68
N PRO A 218 -60.05 -12.67 -23.82
CA PRO A 218 -58.93 -13.62 -23.91
C PRO A 218 -59.30 -15.11 -24.07
N LEU A 219 -60.05 -15.68 -23.13
CA LEU A 219 -60.42 -17.11 -23.25
C LEU A 219 -61.30 -17.38 -24.46
N GLU A 220 -61.95 -16.34 -24.98
CA GLU A 220 -62.81 -16.46 -26.16
C GLU A 220 -61.93 -16.76 -27.37
N LEU A 221 -60.79 -16.10 -27.44
CA LEU A 221 -59.86 -16.29 -28.55
C LEU A 221 -59.06 -17.58 -28.41
N TYR A 222 -58.75 -17.97 -27.18
CA TYR A 222 -57.97 -19.17 -26.92
C TYR A 222 -58.75 -20.46 -27.23
N HIS A 223 -60.02 -20.51 -26.85
CA HIS A 223 -60.86 -21.69 -27.09
C HIS A 223 -61.58 -21.67 -28.41
N TYR A 224 -61.89 -20.49 -28.92
CA TYR A 224 -62.67 -20.43 -30.15
C TYR A 224 -62.19 -19.51 -31.26
N PRO A 225 -60.98 -19.72 -31.79
CA PRO A 225 -60.47 -18.88 -32.86
C PRO A 225 -61.43 -18.94 -34.03
N ALA A 226 -61.65 -17.81 -34.69
CA ALA A 226 -62.56 -17.76 -35.85
C ALA A 226 -61.89 -18.28 -37.12
N ASP A 227 -60.56 -18.33 -37.14
CA ASP A 227 -59.89 -18.88 -38.31
C ASP A 227 -58.52 -19.46 -37.98
N ARG A 228 -57.91 -20.09 -38.98
CA ARG A 228 -56.61 -20.71 -38.80
C ARG A 228 -55.60 -19.67 -38.35
N PHE A 229 -55.65 -18.48 -38.96
CA PHE A 229 -54.68 -17.45 -38.60
C PHE A 229 -54.69 -17.10 -37.12
N VAL A 230 -55.88 -16.86 -36.56
CA VAL A 230 -55.96 -16.52 -35.14
C VAL A 230 -55.55 -17.73 -34.31
N ALA A 231 -56.04 -18.90 -34.71
CA ALA A 231 -55.73 -20.16 -34.03
C ALA A 231 -54.23 -20.33 -33.92
N GLY A 232 -53.53 -20.06 -35.03
CA GLY A 232 -52.09 -20.18 -35.04
C GLY A 232 -51.39 -19.03 -34.35
N PHE A 233 -52.12 -17.95 -34.07
CA PHE A 233 -51.53 -16.76 -33.43
C PHE A 233 -51.69 -16.66 -31.91
N ILE A 234 -52.86 -17.01 -31.37
CA ILE A 234 -53.05 -16.94 -29.92
C ILE A 234 -52.59 -18.26 -29.33
N GLY A 235 -51.62 -18.21 -28.42
CA GLY A 235 -51.11 -19.42 -27.83
C GLY A 235 -49.60 -19.62 -28.08
N SER A 236 -48.87 -19.58 -26.95
CA SER A 236 -47.38 -19.74 -26.88
C SER A 236 -46.93 -20.79 -27.89
N PRO A 237 -46.50 -22.01 -27.55
CA PRO A 237 -46.16 -22.93 -28.59
C PRO A 237 -47.38 -23.03 -29.46
N LYS A 238 -47.17 -22.58 -30.68
CA LYS A 238 -48.21 -22.52 -31.71
C LYS A 238 -49.02 -23.82 -31.80
N MET A 239 -50.31 -23.64 -32.06
CA MET A 239 -51.21 -24.79 -32.22
C MET A 239 -50.63 -25.72 -33.28
N ASN A 240 -50.77 -27.00 -33.18
CA ASN A 240 -50.22 -27.91 -34.20
C ASN A 240 -51.31 -27.99 -35.24
N PHE A 241 -50.92 -28.19 -36.50
CA PHE A 241 -51.88 -28.32 -37.59
C PHE A 241 -51.63 -29.61 -38.37
N LEU A 242 -52.69 -30.33 -38.68
CA LEU A 242 -52.59 -31.58 -39.39
C LEU A 242 -53.52 -31.60 -40.58
N PRO A 243 -53.02 -32.00 -41.75
CA PRO A 243 -53.91 -32.01 -42.90
C PRO A 243 -54.78 -33.25 -42.73
N VAL A 244 -56.11 -33.07 -42.86
CA VAL A 244 -57.03 -34.19 -42.73
C VAL A 244 -58.02 -34.10 -43.86
N LYS A 245 -58.73 -35.20 -44.07
CA LYS A 245 -59.72 -35.33 -45.13
C LYS A 245 -61.06 -35.61 -44.46
N VAL A 246 -62.12 -35.01 -44.96
CA VAL A 246 -63.43 -35.21 -44.38
C VAL A 246 -64.07 -36.44 -44.97
N THR A 247 -64.29 -37.44 -44.13
CA THR A 247 -64.88 -38.70 -44.57
C THR A 247 -66.38 -38.82 -44.35
N ALA A 248 -66.91 -38.05 -43.40
CA ALA A 248 -68.34 -38.09 -43.11
C ALA A 248 -68.83 -36.83 -42.39
N THR A 249 -70.15 -36.63 -42.39
CA THR A 249 -70.70 -35.45 -41.76
C THR A 249 -72.10 -35.75 -41.19
N ALA A 250 -72.28 -35.38 -39.93
CA ALA A 250 -73.55 -35.57 -39.22
C ALA A 250 -74.09 -34.19 -38.79
N ILE A 251 -75.16 -34.20 -38.01
CA ILE A 251 -75.82 -32.95 -37.54
C ILE A 251 -74.78 -31.98 -36.98
N ASP A 252 -74.39 -32.22 -35.75
CA ASP A 252 -73.39 -31.39 -35.06
C ASP A 252 -72.07 -32.16 -34.99
N GLN A 253 -71.70 -32.72 -36.13
CA GLN A 253 -70.49 -33.54 -36.23
C GLN A 253 -69.63 -33.13 -37.43
N VAL A 254 -68.91 -34.14 -37.89
CA VAL A 254 -67.94 -34.04 -39.00
C VAL A 254 -66.80 -34.99 -38.66
N GLN A 255 -66.62 -35.97 -39.52
CA GLN A 255 -65.59 -37.00 -39.32
C GLN A 255 -64.41 -36.76 -40.27
N VAL A 256 -63.20 -36.86 -39.73
CA VAL A 256 -62.00 -36.62 -40.54
C VAL A 256 -61.02 -37.77 -40.51
N GLU A 257 -60.27 -37.93 -41.59
CA GLU A 257 -59.28 -38.99 -41.72
C GLU A 257 -57.87 -38.45 -41.53
N LEU A 258 -57.15 -38.98 -40.55
CA LEU A 258 -55.78 -38.55 -40.26
C LEU A 258 -54.76 -39.02 -41.30
N PRO A 259 -53.71 -38.21 -41.54
CA PRO A 259 -52.66 -38.52 -42.50
C PRO A 259 -52.00 -39.87 -42.24
N MET A 260 -52.14 -40.34 -41.01
CA MET A 260 -51.57 -41.60 -40.54
C MET A 260 -51.68 -42.76 -41.54
N PRO A 261 -50.62 -43.60 -41.64
CA PRO A 261 -50.60 -44.75 -42.54
C PRO A 261 -51.78 -45.68 -42.31
N ASN A 262 -52.31 -45.64 -41.09
CA ASN A 262 -53.47 -46.46 -40.71
C ASN A 262 -54.79 -45.75 -41.00
N ARG A 263 -54.70 -44.61 -41.68
CA ARG A 263 -55.85 -43.79 -42.07
C ARG A 263 -56.98 -43.85 -41.04
N GLN A 264 -56.68 -43.43 -39.82
CA GLN A 264 -57.67 -43.45 -38.76
C GLN A 264 -58.71 -42.33 -38.90
N GLN A 265 -59.97 -42.69 -38.82
CA GLN A 265 -61.04 -41.72 -38.93
C GLN A 265 -61.55 -41.42 -37.54
N VAL A 266 -61.72 -40.14 -37.22
CA VAL A 266 -62.21 -39.73 -35.91
C VAL A 266 -63.26 -38.63 -36.05
N TRP A 267 -64.31 -38.69 -35.24
CA TRP A 267 -65.37 -37.69 -35.26
C TRP A 267 -65.04 -36.51 -34.34
N LEU A 268 -65.31 -35.29 -34.78
CA LEU A 268 -65.03 -34.11 -33.98
C LEU A 268 -66.32 -33.35 -33.65
N PRO A 269 -66.55 -33.01 -32.38
CA PRO A 269 -67.78 -32.27 -32.04
C PRO A 269 -67.63 -30.86 -32.64
N VAL A 270 -67.95 -30.75 -33.92
CA VAL A 270 -67.78 -29.47 -34.61
C VAL A 270 -68.93 -29.06 -35.52
N GLU A 271 -69.05 -27.75 -35.70
CA GLU A 271 -70.09 -27.12 -36.50
C GLU A 271 -70.71 -27.91 -37.63
N SER A 272 -69.90 -28.34 -38.62
CA SER A 272 -70.47 -29.11 -39.75
C SER A 272 -71.12 -28.21 -40.79
N ARG A 273 -71.52 -27.05 -40.36
CA ARG A 273 -72.11 -26.07 -41.27
C ARG A 273 -71.04 -25.75 -42.33
N ASP A 274 -71.43 -25.87 -43.58
CA ASP A 274 -70.54 -25.56 -44.69
C ASP A 274 -69.32 -26.49 -44.72
N VAL A 275 -69.56 -27.75 -44.41
CA VAL A 275 -68.51 -28.78 -44.46
C VAL A 275 -68.95 -29.84 -45.44
N GLN A 276 -68.03 -30.18 -46.29
CA GLN A 276 -68.32 -31.14 -47.35
C GLN A 276 -67.38 -32.32 -47.32
N VAL A 277 -67.98 -33.46 -47.58
CA VAL A 277 -67.24 -34.71 -47.67
C VAL A 277 -66.26 -34.59 -48.83
N GLY A 278 -65.02 -34.88 -48.54
CA GLY A 278 -63.95 -34.87 -49.55
C GLY A 278 -63.02 -33.66 -49.37
N ALA A 279 -63.53 -32.61 -48.75
CA ALA A 279 -62.74 -31.40 -48.53
C ALA A 279 -61.45 -31.74 -47.78
N ASN A 280 -60.44 -30.93 -48.03
CA ASN A 280 -59.15 -31.04 -47.36
C ASN A 280 -59.10 -29.93 -46.32
N MET A 281 -59.21 -30.33 -45.08
CA MET A 281 -59.23 -29.37 -43.99
C MET A 281 -58.00 -29.49 -43.14
N SER A 282 -57.90 -28.60 -42.17
CA SER A 282 -56.77 -28.54 -41.27
C SER A 282 -57.32 -28.84 -39.87
N LEU A 283 -56.65 -29.72 -39.14
CA LEU A 283 -57.09 -30.07 -37.81
C LEU A 283 -56.09 -29.44 -36.87
N GLY A 284 -56.60 -28.72 -35.87
CA GLY A 284 -55.72 -28.07 -34.93
C GLY A 284 -55.85 -28.68 -33.55
N ILE A 285 -54.73 -28.72 -32.84
CA ILE A 285 -54.69 -29.25 -31.50
C ILE A 285 -53.50 -28.57 -30.88
N ARG A 286 -53.68 -28.05 -29.67
CA ARG A 286 -52.61 -27.34 -28.97
C ARG A 286 -51.68 -28.29 -28.25
N PRO A 287 -50.40 -27.92 -28.13
CA PRO A 287 -49.42 -28.78 -27.45
C PRO A 287 -49.82 -29.17 -26.04
N GLU A 288 -50.55 -28.30 -25.36
CA GLU A 288 -50.98 -28.56 -23.99
C GLU A 288 -52.31 -29.32 -23.92
N HIS A 289 -52.91 -29.61 -25.07
CA HIS A 289 -54.16 -30.34 -25.05
C HIS A 289 -53.99 -31.78 -25.51
N LEU A 290 -52.80 -32.10 -26.00
CA LEU A 290 -52.49 -33.44 -26.44
C LEU A 290 -52.45 -34.23 -25.13
N LEU A 291 -52.82 -35.51 -25.18
CA LEU A 291 -52.84 -36.35 -23.99
C LEU A 291 -51.73 -37.39 -23.97
N PRO A 292 -51.46 -37.99 -22.79
CA PRO A 292 -50.43 -39.03 -22.68
C PRO A 292 -50.95 -40.23 -23.48
N SER A 293 -50.07 -40.99 -24.11
CA SER A 293 -50.51 -42.13 -24.92
C SER A 293 -51.42 -43.17 -24.24
N ASP A 294 -51.01 -43.67 -23.08
CA ASP A 294 -51.81 -44.68 -22.38
C ASP A 294 -53.23 -44.23 -22.04
N ILE A 295 -53.36 -42.98 -21.62
CA ILE A 295 -54.66 -42.42 -21.23
C ILE A 295 -55.45 -41.83 -22.40
N ALA A 296 -55.46 -42.51 -23.53
CA ALA A 296 -56.22 -42.02 -24.70
C ALA A 296 -56.21 -42.98 -25.86
N ASP A 297 -57.22 -42.75 -26.69
CA ASP A 297 -57.42 -43.47 -27.95
C ASP A 297 -56.93 -42.52 -29.04
N VAL A 298 -56.84 -43.02 -30.25
CA VAL A 298 -56.32 -42.18 -31.33
C VAL A 298 -54.95 -41.68 -30.89
N ILE A 299 -53.96 -42.51 -31.10
CA ILE A 299 -52.58 -42.23 -30.69
C ILE A 299 -51.71 -41.92 -31.90
N LEU A 300 -50.66 -41.13 -31.69
CA LEU A 300 -49.73 -40.80 -32.75
C LEU A 300 -48.35 -41.03 -32.20
N GLU A 301 -47.56 -41.85 -32.91
CA GLU A 301 -46.19 -42.15 -32.48
C GLU A 301 -45.21 -41.51 -33.45
N GLY A 302 -44.01 -41.20 -32.96
CA GLY A 302 -43.01 -40.58 -33.81
C GLY A 302 -41.65 -40.45 -33.16
N GLU A 303 -40.72 -39.83 -33.89
CA GLU A 303 -39.35 -39.63 -33.43
C GLU A 303 -39.10 -38.28 -32.77
N VAL A 304 -38.71 -38.30 -31.50
CA VAL A 304 -38.40 -37.09 -30.77
C VAL A 304 -37.29 -36.35 -31.52
N GLN A 305 -37.55 -35.11 -31.91
CA GLN A 305 -36.55 -34.32 -32.63
C GLN A 305 -35.88 -33.36 -31.69
N VAL A 306 -36.69 -32.68 -30.90
CA VAL A 306 -36.19 -31.67 -29.97
C VAL A 306 -36.81 -31.83 -28.60
N VAL A 307 -36.08 -31.40 -27.59
CA VAL A 307 -36.57 -31.45 -26.24
C VAL A 307 -36.01 -30.25 -25.53
N GLU A 308 -36.88 -29.31 -25.18
CA GLU A 308 -36.47 -28.11 -24.48
C GLU A 308 -36.90 -28.24 -23.03
N GLN A 309 -35.93 -28.08 -22.13
CA GLN A 309 -36.17 -28.16 -20.69
C GLN A 309 -36.39 -26.76 -20.14
N LEU A 310 -37.64 -26.42 -19.87
CA LEU A 310 -37.94 -25.10 -19.35
C LEU A 310 -37.92 -25.01 -17.82
N GLY A 311 -37.89 -26.16 -17.15
CA GLY A 311 -37.86 -26.14 -15.70
C GLY A 311 -39.17 -26.54 -15.05
N ASN A 312 -40.22 -25.79 -15.39
CA ASN A 312 -41.56 -26.04 -14.86
C ASN A 312 -42.21 -26.99 -15.80
N GLU A 313 -41.68 -27.09 -17.01
CA GLU A 313 -42.28 -28.00 -17.97
C GLU A 313 -41.28 -28.44 -19.03
N THR A 314 -41.67 -29.40 -19.85
CA THR A 314 -40.77 -29.88 -20.90
C THR A 314 -41.53 -29.91 -22.21
N GLN A 315 -40.98 -29.28 -23.25
CA GLN A 315 -41.65 -29.29 -24.57
C GLN A 315 -40.86 -30.26 -25.42
N ILE A 316 -41.60 -31.21 -26.02
CA ILE A 316 -41.06 -32.28 -26.83
C ILE A 316 -41.55 -32.24 -28.27
N HIS A 317 -40.66 -32.03 -29.24
CA HIS A 317 -41.10 -32.03 -30.64
C HIS A 317 -40.99 -33.45 -31.20
N ILE A 318 -42.07 -33.91 -31.80
CA ILE A 318 -42.16 -35.27 -32.32
C ILE A 318 -42.39 -35.33 -33.81
N GLN A 319 -41.46 -35.93 -34.54
CA GLN A 319 -41.65 -36.07 -35.98
C GLN A 319 -42.49 -37.32 -36.17
N ILE A 320 -43.64 -37.17 -36.82
CA ILE A 320 -44.50 -38.31 -37.05
C ILE A 320 -44.53 -38.64 -38.53
N PRO A 321 -44.28 -39.92 -38.84
CA PRO A 321 -44.28 -40.36 -40.23
C PRO A 321 -45.69 -40.12 -40.77
N SER A 322 -45.86 -38.96 -41.41
CA SER A 322 -47.14 -38.53 -41.99
C SER A 322 -47.13 -37.00 -42.14
N ILE A 323 -47.12 -36.29 -41.02
CA ILE A 323 -47.11 -34.83 -41.00
C ILE A 323 -45.72 -34.29 -41.31
N ARG A 324 -45.65 -33.33 -42.23
CA ARG A 324 -44.37 -32.74 -42.59
C ARG A 324 -43.80 -31.93 -41.45
N GLN A 325 -44.66 -31.26 -40.69
CA GLN A 325 -44.20 -30.46 -39.57
C GLN A 325 -44.10 -31.24 -38.28
N ASN A 326 -43.12 -30.92 -37.45
CA ASN A 326 -42.97 -31.60 -36.18
C ASN A 326 -44.22 -31.29 -35.37
N LEU A 327 -44.64 -32.24 -34.53
CA LEU A 327 -45.80 -32.02 -33.68
C LEU A 327 -45.25 -31.62 -32.32
N VAL A 328 -45.63 -30.45 -31.82
CA VAL A 328 -45.13 -30.02 -30.51
C VAL A 328 -46.08 -30.42 -29.38
N TYR A 329 -45.48 -30.83 -28.28
CA TYR A 329 -46.23 -31.33 -27.11
C TYR A 329 -45.65 -30.80 -25.81
N ARG A 330 -46.50 -30.28 -24.93
CA ARG A 330 -46.04 -29.76 -23.63
C ARG A 330 -46.43 -30.73 -22.54
N GLN A 331 -45.45 -31.11 -21.73
CA GLN A 331 -45.68 -32.01 -20.63
C GLN A 331 -45.12 -31.35 -19.40
N ASN A 332 -45.85 -31.49 -18.31
CA ASN A 332 -45.50 -30.90 -17.06
C ASN A 332 -44.21 -31.42 -16.45
N ASP A 333 -43.53 -30.53 -15.73
CA ASP A 333 -42.28 -30.87 -15.05
C ASP A 333 -41.12 -31.22 -15.97
N VAL A 334 -40.02 -31.65 -15.35
CA VAL A 334 -38.82 -32.07 -16.07
C VAL A 334 -39.06 -33.50 -16.58
N VAL A 335 -38.88 -33.68 -17.88
CA VAL A 335 -39.08 -34.99 -18.53
C VAL A 335 -37.86 -35.34 -19.36
N LEU A 336 -37.18 -36.41 -18.99
CA LEU A 336 -35.99 -36.85 -19.71
C LEU A 336 -36.36 -37.74 -20.88
N VAL A 337 -35.96 -37.29 -22.06
CA VAL A 337 -36.22 -38.04 -23.29
C VAL A 337 -35.00 -37.82 -24.16
N GLU A 338 -34.56 -38.87 -24.84
CA GLU A 338 -33.39 -38.76 -25.68
C GLU A 338 -33.77 -38.32 -27.08
N GLU A 339 -33.03 -37.33 -27.58
CA GLU A 339 -33.29 -36.81 -28.91
C GLU A 339 -33.15 -37.92 -29.97
N GLY A 340 -34.19 -38.72 -30.11
CA GLY A 340 -34.20 -39.79 -31.08
C GLY A 340 -35.22 -40.86 -30.70
N ALA A 341 -35.62 -40.83 -29.43
CA ALA A 341 -36.57 -41.79 -28.88
C ALA A 341 -37.94 -41.87 -29.55
N THR A 342 -38.61 -42.99 -29.33
CA THR A 342 -39.94 -43.20 -29.88
C THR A 342 -40.92 -42.70 -28.82
N PHE A 343 -41.83 -41.81 -29.22
CA PHE A 343 -42.77 -41.20 -28.29
C PHE A 343 -44.21 -41.27 -28.83
N ALA A 344 -45.16 -41.37 -27.92
CA ALA A 344 -46.58 -41.44 -28.28
C ALA A 344 -47.38 -40.41 -27.50
N ILE A 345 -48.53 -40.03 -28.06
CA ILE A 345 -49.43 -39.04 -27.44
C ILE A 345 -50.86 -39.23 -27.95
N GLY A 346 -51.79 -38.74 -27.13
CA GLY A 346 -53.26 -38.85 -27.41
C GLY A 346 -53.79 -37.57 -28.05
N LEU A 347 -54.74 -37.78 -28.98
CA LEU A 347 -55.41 -36.74 -29.75
C LEU A 347 -56.86 -36.56 -29.27
N PRO A 348 -57.10 -35.76 -28.19
CA PRO A 348 -58.44 -35.53 -27.62
C PRO A 348 -59.40 -34.88 -28.61
N PRO A 349 -60.43 -35.60 -29.14
CA PRO A 349 -61.36 -35.03 -30.12
C PRO A 349 -62.08 -33.76 -29.66
N GLU A 350 -62.53 -33.70 -28.42
CA GLU A 350 -63.30 -32.51 -27.90
C GLU A 350 -62.47 -31.24 -27.97
N ARG A 351 -61.14 -31.37 -28.03
CA ARG A 351 -60.32 -30.18 -28.06
C ARG A 351 -59.59 -29.93 -29.35
N CYS A 352 -60.16 -30.47 -30.42
CA CYS A 352 -59.61 -30.33 -31.75
C CYS A 352 -60.36 -29.29 -32.56
N HIS A 353 -59.64 -28.34 -33.15
CA HIS A 353 -60.31 -27.35 -33.99
C HIS A 353 -60.28 -27.88 -35.43
N LEU A 354 -61.23 -27.46 -36.25
CA LEU A 354 -61.24 -27.86 -37.64
C LEU A 354 -61.34 -26.62 -38.51
N PHE A 355 -60.38 -26.47 -39.43
CA PHE A 355 -60.38 -25.31 -40.33
C PHE A 355 -60.64 -25.70 -41.77
N ARG A 356 -61.57 -25.00 -42.42
CA ARG A 356 -61.90 -25.26 -43.83
C ARG A 356 -60.73 -24.89 -44.72
N GLU A 357 -60.88 -25.16 -46.01
CA GLU A 357 -59.85 -24.85 -46.99
C GLU A 357 -59.57 -23.33 -47.03
N ASP A 358 -60.61 -22.53 -46.84
CA ASP A 358 -60.44 -21.08 -46.84
C ASP A 358 -59.97 -20.56 -45.47
N GLY A 359 -59.62 -21.49 -44.58
CA GLY A 359 -59.12 -21.12 -43.26
C GLY A 359 -60.14 -20.81 -42.17
N THR A 360 -61.38 -20.59 -42.53
CA THR A 360 -62.40 -20.29 -41.50
C THR A 360 -62.64 -21.54 -40.66
N ALA A 361 -62.78 -21.30 -39.37
CA ALA A 361 -62.98 -22.39 -38.41
C ALA A 361 -64.41 -22.86 -38.36
N CYS A 362 -64.51 -24.15 -38.10
CA CYS A 362 -65.80 -24.82 -37.91
C CYS A 362 -66.10 -24.80 -36.41
N ARG A 363 -66.95 -23.85 -36.08
CA ARG A 363 -67.38 -23.60 -34.69
C ARG A 363 -67.37 -24.88 -33.85
N ARG A 364 -66.56 -24.81 -32.81
CA ARG A 364 -66.41 -25.90 -31.82
C ARG A 364 -67.64 -25.93 -30.93
N LEU A 365 -68.27 -27.08 -30.87
CA LEU A 365 -69.50 -27.25 -30.09
C LEU A 365 -69.19 -27.68 -28.65
N HIS A 366 -67.95 -28.08 -28.37
CA HIS A 366 -67.61 -28.46 -27.01
C HIS A 366 -67.63 -27.19 -26.16
N LYS A 367 -68.36 -27.22 -25.06
CA LYS A 367 -68.41 -26.06 -24.19
C LYS A 367 -67.19 -26.12 -23.29
N GLU A 368 -66.43 -25.04 -23.26
CA GLU A 368 -65.24 -24.99 -22.43
C GLU A 368 -65.50 -24.05 -21.26
N PRO A 369 -64.88 -24.33 -20.10
CA PRO A 369 -65.09 -23.46 -18.95
C PRO A 369 -64.59 -22.05 -19.25
N GLY A 370 -65.50 -21.08 -19.22
CA GLY A 370 -65.12 -19.70 -19.49
C GLY A 370 -65.94 -18.93 -20.52
N VAL B 4 -14.24 -13.36 -24.26
CA VAL B 4 -14.30 -14.77 -23.81
C VAL B 4 -13.80 -14.87 -22.37
N GLN B 5 -13.29 -13.78 -21.80
CA GLN B 5 -12.77 -13.85 -20.44
C GLN B 5 -12.57 -12.52 -19.69
N LEU B 6 -13.14 -12.45 -18.48
CA LEU B 6 -13.03 -11.27 -17.64
C LEU B 6 -12.30 -11.66 -16.36
N GLN B 7 -11.71 -10.68 -15.67
CA GLN B 7 -10.94 -10.96 -14.48
C GLN B 7 -10.93 -9.76 -13.54
N ASN B 8 -11.83 -9.75 -12.57
CA ASN B 8 -11.96 -8.66 -11.61
C ASN B 8 -12.29 -7.36 -12.33
N VAL B 9 -13.02 -7.49 -13.44
CA VAL B 9 -13.43 -6.33 -14.22
C VAL B 9 -14.38 -5.48 -13.37
N THR B 10 -13.90 -4.32 -12.95
CA THR B 10 -14.71 -3.43 -12.13
C THR B 10 -14.99 -2.17 -12.93
N LYS B 11 -16.24 -1.74 -12.93
CA LYS B 11 -16.59 -0.52 -13.64
C LYS B 11 -17.35 0.38 -12.71
N ALA B 12 -17.13 1.67 -12.84
CA ALA B 12 -17.81 2.64 -11.98
C ALA B 12 -17.59 4.05 -12.46
N TRP B 13 -18.54 4.92 -12.10
CA TRP B 13 -18.49 6.33 -12.44
C TRP B 13 -18.89 7.10 -11.18
N GLY B 14 -17.88 7.56 -10.44
CA GLY B 14 -18.14 8.27 -9.21
C GLY B 14 -18.41 7.26 -8.12
N GLU B 15 -19.18 7.64 -7.11
CA GLU B 15 -19.51 6.71 -6.03
C GLU B 15 -20.68 5.83 -6.42
N VAL B 16 -20.95 5.76 -7.72
CA VAL B 16 -22.03 4.93 -8.26
C VAL B 16 -21.40 3.75 -9.00
N VAL B 17 -20.93 2.76 -8.24
CA VAL B 17 -20.28 1.58 -8.80
C VAL B 17 -21.28 0.67 -9.54
N VAL B 18 -21.17 0.63 -10.86
CA VAL B 18 -22.06 -0.16 -11.71
C VAL B 18 -21.74 -1.64 -11.71
N SER B 19 -20.46 -1.96 -11.58
CA SER B 19 -20.04 -3.36 -11.58
C SER B 19 -18.87 -3.60 -10.63
N LYS B 20 -18.94 -4.69 -9.87
CA LYS B 20 -17.90 -5.05 -8.93
C LYS B 20 -16.90 -5.95 -9.64
N ASP B 21 -15.98 -6.54 -8.88
CA ASP B 21 -14.95 -7.40 -9.44
C ASP B 21 -15.52 -8.70 -10.00
N ILE B 22 -16.30 -8.60 -11.06
CA ILE B 22 -16.89 -9.78 -11.67
C ILE B 22 -15.81 -10.63 -12.35
N ASN B 23 -15.90 -11.94 -12.17
CA ASN B 23 -14.94 -12.88 -12.76
C ASN B 23 -15.64 -13.92 -13.62
N LEU B 24 -15.82 -13.62 -14.91
CA LEU B 24 -16.48 -14.54 -15.82
C LEU B 24 -15.43 -15.33 -16.60
N ASP B 25 -15.76 -16.58 -16.91
CA ASP B 25 -14.86 -17.46 -17.64
C ASP B 25 -15.61 -18.08 -18.82
N ILE B 26 -15.80 -17.32 -19.89
CA ILE B 26 -16.54 -17.81 -21.04
C ILE B 26 -15.65 -18.56 -22.03
N HIS B 27 -15.91 -19.86 -22.18
CA HIS B 27 -15.13 -20.69 -23.09
C HIS B 27 -15.38 -20.33 -24.54
N GLU B 28 -14.64 -20.94 -25.45
CA GLU B 28 -14.79 -20.67 -26.86
C GLU B 28 -16.00 -21.38 -27.43
N GLY B 29 -16.81 -20.65 -28.20
CA GLY B 29 -18.00 -21.23 -28.81
C GLY B 29 -19.03 -21.70 -27.81
N GLU B 30 -19.15 -20.97 -26.70
CA GLU B 30 -20.12 -21.31 -25.68
C GLU B 30 -21.24 -20.28 -25.83
N PHE B 31 -22.49 -20.71 -25.63
CA PHE B 31 -23.63 -19.78 -25.72
C PHE B 31 -23.92 -19.32 -24.29
N VAL B 32 -23.61 -18.06 -23.99
CA VAL B 32 -23.84 -17.54 -22.65
C VAL B 32 -24.83 -16.38 -22.60
N VAL B 33 -25.90 -16.53 -21.82
CA VAL B 33 -26.86 -15.43 -21.72
C VAL B 33 -26.76 -14.76 -20.36
N PHE B 34 -26.95 -13.44 -20.35
CA PHE B 34 -26.89 -12.68 -19.10
C PHE B 34 -28.30 -12.25 -18.71
N VAL B 35 -28.64 -12.49 -17.45
CA VAL B 35 -29.94 -12.11 -16.95
C VAL B 35 -29.73 -11.42 -15.62
N GLY B 36 -30.67 -10.56 -15.25
CA GLY B 36 -30.54 -9.85 -14.00
C GLY B 36 -31.60 -8.78 -13.94
N PRO B 37 -31.84 -8.22 -12.75
CA PRO B 37 -32.84 -7.17 -12.54
C PRO B 37 -32.48 -5.95 -13.37
N SER B 38 -33.51 -5.19 -13.75
CA SER B 38 -33.30 -3.95 -14.49
C SER B 38 -32.32 -3.11 -13.68
N GLY B 39 -31.19 -2.74 -14.28
CA GLY B 39 -30.21 -1.92 -13.58
C GLY B 39 -29.00 -2.64 -13.01
N CYS B 40 -29.03 -3.97 -12.97
CA CYS B 40 -27.92 -4.74 -12.39
C CYS B 40 -26.57 -4.60 -13.11
N GLY B 41 -26.57 -4.15 -14.37
CA GLY B 41 -25.34 -3.98 -15.11
C GLY B 41 -25.10 -4.89 -16.30
N LYS B 42 -26.17 -5.38 -16.91
CA LYS B 42 -26.07 -6.28 -18.05
C LYS B 42 -25.62 -5.61 -19.35
N SER B 43 -26.21 -4.46 -19.65
CA SER B 43 -25.87 -3.73 -20.87
C SER B 43 -24.47 -3.11 -20.76
N THR B 44 -24.19 -2.52 -19.61
CA THR B 44 -22.88 -1.91 -19.39
C THR B 44 -21.81 -2.98 -19.57
N LEU B 45 -22.04 -4.13 -18.97
CA LEU B 45 -21.10 -5.23 -19.03
C LEU B 45 -20.84 -5.61 -20.49
N LEU B 46 -21.90 -5.81 -21.24
CA LEU B 46 -21.80 -6.19 -22.65
C LEU B 46 -21.03 -5.15 -23.46
N ARG B 47 -21.26 -3.87 -23.16
CA ARG B 47 -20.57 -2.79 -23.87
C ARG B 47 -19.07 -2.77 -23.52
N MET B 48 -18.75 -2.91 -22.25
CA MET B 48 -17.36 -2.94 -21.83
C MET B 48 -16.65 -4.08 -22.54
N ILE B 49 -17.32 -5.23 -22.67
CA ILE B 49 -16.72 -6.38 -23.37
C ILE B 49 -16.34 -5.96 -24.79
N ALA B 50 -16.94 -4.87 -25.25
CA ALA B 50 -16.66 -4.34 -26.58
C ALA B 50 -16.12 -2.92 -26.35
N GLY B 51 -16.52 -1.98 -27.20
CA GLY B 51 -16.07 -0.62 -27.02
C GLY B 51 -17.24 0.15 -26.46
N LEU B 52 -17.35 1.44 -26.77
CA LEU B 52 -18.46 2.24 -26.29
C LEU B 52 -18.43 2.46 -24.79
N GLU B 53 -17.65 1.67 -24.07
CA GLU B 53 -17.57 1.81 -22.62
C GLU B 53 -16.20 1.43 -22.05
N THR B 54 -15.70 2.27 -21.17
CA THR B 54 -14.38 2.08 -20.54
C THR B 54 -14.41 1.01 -19.44
N ILE B 55 -13.22 0.54 -19.06
CA ILE B 55 -13.07 -0.47 -18.00
C ILE B 55 -12.26 0.11 -16.84
N THR B 56 -12.95 0.56 -15.80
CA THR B 56 -12.28 1.15 -14.64
C THR B 56 -11.20 0.27 -13.99
N SER B 57 -11.32 -1.05 -14.11
CA SER B 57 -10.33 -1.95 -13.53
C SER B 57 -10.53 -3.38 -14.02
N GLY B 58 -9.49 -4.20 -13.93
CA GLY B 58 -9.61 -5.58 -14.38
C GLY B 58 -9.05 -5.84 -15.76
N ASP B 59 -9.08 -7.11 -16.16
CA ASP B 59 -8.54 -7.52 -17.46
C ASP B 59 -9.61 -8.15 -18.36
N LEU B 60 -9.49 -7.90 -19.66
CA LEU B 60 -10.42 -8.45 -20.63
C LEU B 60 -9.66 -9.33 -21.62
N PHE B 61 -9.63 -10.63 -21.34
CA PHE B 61 -8.93 -11.59 -22.19
C PHE B 61 -9.77 -12.17 -23.33
N ILE B 62 -9.80 -11.48 -24.45
CA ILE B 62 -10.56 -11.95 -25.60
C ILE B 62 -9.57 -12.68 -26.52
N GLY B 63 -9.71 -14.00 -26.61
CA GLY B 63 -8.81 -14.76 -27.47
C GLY B 63 -7.61 -15.28 -26.69
N GLU B 64 -6.91 -14.38 -26.02
CA GLU B 64 -5.76 -14.78 -25.23
C GLU B 64 -5.24 -13.62 -24.39
N LYS B 65 -4.73 -12.60 -25.07
CA LYS B 65 -4.19 -11.45 -24.36
C LYS B 65 -5.20 -10.32 -24.23
N ARG B 66 -5.04 -9.56 -23.16
CA ARG B 66 -5.89 -8.41 -22.83
C ARG B 66 -6.28 -7.58 -24.04
N MET B 67 -7.39 -6.84 -23.90
CA MET B 67 -7.90 -5.99 -24.97
C MET B 67 -8.73 -4.83 -24.42
N ASN B 68 -8.34 -4.29 -23.29
CA ASN B 68 -9.07 -3.18 -22.68
C ASN B 68 -8.80 -1.87 -23.41
N ASP B 69 -7.65 -1.80 -24.07
CA ASP B 69 -7.25 -0.59 -24.79
C ASP B 69 -7.41 -0.71 -26.31
N THR B 70 -7.59 -1.94 -26.78
CA THR B 70 -7.76 -2.18 -28.21
C THR B 70 -8.97 -1.39 -28.68
N PRO B 71 -8.87 -0.71 -29.84
CA PRO B 71 -9.99 0.06 -30.36
C PRO B 71 -11.20 -0.82 -30.72
N PRO B 72 -12.42 -0.29 -30.52
CA PRO B 72 -13.65 -1.03 -30.81
C PRO B 72 -13.57 -1.75 -32.15
N ALA B 73 -12.79 -1.18 -33.07
CA ALA B 73 -12.61 -1.76 -34.39
C ALA B 73 -12.32 -3.25 -34.32
N GLU B 74 -11.04 -3.61 -34.23
CA GLU B 74 -10.63 -5.00 -34.18
C GLU B 74 -10.61 -5.51 -32.75
N ARG B 75 -11.47 -6.49 -32.48
CA ARG B 75 -11.58 -7.13 -31.17
C ARG B 75 -12.11 -8.52 -31.46
N GLY B 76 -12.96 -8.58 -32.50
CA GLY B 76 -13.59 -9.82 -32.90
C GLY B 76 -15.06 -9.66 -32.60
N VAL B 77 -15.39 -8.51 -32.02
CA VAL B 77 -16.75 -8.17 -31.63
C VAL B 77 -17.65 -7.75 -32.80
N GLY B 78 -18.95 -7.87 -32.57
CA GLY B 78 -19.94 -7.49 -33.57
C GLY B 78 -21.24 -7.21 -32.83
N MET B 79 -21.38 -5.99 -32.30
CA MET B 79 -22.57 -5.61 -31.54
C MET B 79 -23.56 -4.70 -32.28
N VAL B 80 -23.96 -3.60 -31.62
CA VAL B 80 -24.92 -2.64 -32.16
C VAL B 80 -26.27 -3.34 -32.31
N PHE B 81 -27.26 -2.91 -31.53
CA PHE B 81 -28.56 -3.59 -31.58
C PHE B 81 -29.78 -2.72 -31.19
N GLN B 82 -30.91 -3.39 -31.43
CA GLN B 82 -32.30 -2.97 -31.07
C GLN B 82 -32.78 -1.71 -31.79
N SER B 83 -33.84 -1.94 -32.54
CA SER B 83 -34.56 -0.95 -33.36
C SER B 83 -33.91 0.44 -33.35
N TYR B 84 -33.49 0.78 -34.56
CA TYR B 84 -32.85 2.05 -34.94
C TYR B 84 -31.47 2.23 -34.29
N ALA B 85 -30.55 1.91 -35.16
CA ALA B 85 -29.11 1.97 -35.00
C ALA B 85 -28.59 1.91 -36.43
N LEU B 86 -29.61 2.00 -37.28
CA LEU B 86 -29.52 1.96 -38.74
C LEU B 86 -29.36 3.37 -39.32
N TYR B 87 -28.76 3.41 -40.49
CA TYR B 87 -28.51 4.68 -41.22
C TYR B 87 -29.79 5.13 -41.93
N PRO B 88 -30.43 6.21 -41.48
CA PRO B 88 -31.67 6.69 -42.08
C PRO B 88 -31.58 6.97 -43.57
N HIS B 89 -30.39 7.06 -44.14
CA HIS B 89 -30.28 7.35 -45.59
C HIS B 89 -30.08 6.07 -46.43
N LEU B 90 -29.38 5.10 -45.87
CA LEU B 90 -29.15 3.83 -46.58
C LEU B 90 -30.48 3.06 -46.62
N SER B 91 -30.45 1.91 -47.26
CA SER B 91 -31.64 1.04 -47.35
C SER B 91 -31.43 -0.15 -46.42
N VAL B 92 -32.35 -1.08 -46.48
CA VAL B 92 -32.25 -2.28 -45.64
C VAL B 92 -31.03 -3.09 -46.06
N ALA B 93 -31.00 -3.41 -47.34
CA ALA B 93 -29.90 -4.19 -47.92
C ALA B 93 -28.55 -3.50 -47.67
N GLU B 94 -28.59 -2.19 -47.72
CA GLU B 94 -27.37 -1.37 -47.53
C GLU B 94 -26.87 -1.47 -46.08
N ASN B 95 -27.81 -1.43 -45.15
CA ASN B 95 -27.49 -1.49 -43.71
C ASN B 95 -27.02 -2.89 -43.32
N MET B 96 -27.69 -3.89 -43.86
CA MET B 96 -27.38 -5.28 -43.56
C MET B 96 -26.03 -5.70 -44.18
N SER B 97 -25.74 -5.15 -45.35
CA SER B 97 -24.50 -5.49 -46.07
C SER B 97 -23.36 -4.51 -45.74
N PHE B 98 -23.27 -4.19 -44.46
CA PHE B 98 -22.23 -3.27 -43.97
C PHE B 98 -21.08 -4.08 -43.36
N GLY B 99 -20.96 -5.31 -43.84
CA GLY B 99 -19.95 -6.25 -43.34
C GLY B 99 -18.71 -6.24 -44.23
N LEU B 100 -18.24 -5.05 -44.55
CA LEU B 100 -17.04 -4.87 -45.39
C LEU B 100 -15.82 -4.62 -44.50
N LYS B 101 -16.08 -4.18 -43.27
CA LYS B 101 -15.01 -3.89 -42.30
C LYS B 101 -15.55 -3.88 -40.85
N LEU B 102 -15.67 -5.07 -40.28
CA LEU B 102 -16.17 -5.22 -38.89
C LEU B 102 -15.33 -6.26 -38.13
N ALA B 103 -14.02 -6.12 -38.26
CA ALA B 103 -13.03 -6.99 -37.59
C ALA B 103 -12.96 -8.38 -38.24
N GLY B 104 -12.32 -8.44 -39.41
CA GLY B 104 -12.17 -9.71 -40.16
C GLY B 104 -11.69 -9.45 -41.59
N ALA B 105 -12.01 -10.41 -42.45
CA ALA B 105 -11.64 -10.32 -43.88
C ALA B 105 -12.68 -11.03 -44.75
N LYS B 106 -13.44 -10.21 -45.48
CA LYS B 106 -14.51 -10.68 -46.38
C LYS B 106 -14.36 -10.03 -47.77
N LYS B 107 -14.95 -10.68 -48.76
CA LYS B 107 -14.91 -10.21 -50.16
C LYS B 107 -15.80 -8.97 -50.32
N GLU B 108 -16.44 -8.89 -51.48
CA GLU B 108 -17.34 -7.76 -51.81
C GLU B 108 -18.52 -8.20 -52.68
N VAL B 109 -18.66 -9.51 -52.82
CA VAL B 109 -19.77 -10.12 -53.57
C VAL B 109 -20.56 -11.01 -52.60
N ILE B 110 -20.59 -10.54 -51.37
CA ILE B 110 -21.24 -11.24 -50.24
C ILE B 110 -22.76 -11.21 -50.36
N ASN B 111 -23.24 -10.73 -51.48
CA ASN B 111 -24.68 -10.66 -51.75
C ASN B 111 -25.31 -12.04 -51.54
N GLN B 112 -24.46 -13.05 -51.59
CA GLN B 112 -24.89 -14.45 -51.43
C GLN B 112 -25.32 -14.74 -49.99
N ARG B 113 -24.96 -13.85 -49.08
CA ARG B 113 -25.31 -14.05 -47.67
C ARG B 113 -26.34 -13.03 -47.18
N VAL B 114 -26.16 -11.78 -47.56
CA VAL B 114 -27.10 -10.73 -47.16
C VAL B 114 -28.50 -11.10 -47.64
N ASN B 115 -28.53 -12.00 -48.60
CA ASN B 115 -29.78 -12.48 -49.20
C ASN B 115 -30.28 -13.73 -48.48
N GLN B 116 -29.34 -14.44 -47.89
CA GLN B 116 -29.65 -15.68 -47.15
C GLN B 116 -30.02 -15.35 -45.70
N VAL B 117 -29.51 -14.22 -45.23
CA VAL B 117 -29.81 -13.78 -43.85
C VAL B 117 -31.17 -13.11 -43.82
N ALA B 118 -31.38 -12.20 -44.74
CA ALA B 118 -32.66 -11.49 -44.85
C ALA B 118 -33.79 -12.51 -45.06
N GLU B 119 -33.36 -13.72 -45.41
CA GLU B 119 -34.30 -14.82 -45.66
C GLU B 119 -34.76 -15.43 -44.34
N VAL B 120 -33.80 -15.73 -43.48
CA VAL B 120 -34.12 -16.33 -42.16
C VAL B 120 -34.87 -15.33 -41.28
N LEU B 121 -34.53 -14.07 -41.44
CA LEU B 121 -35.17 -13.00 -40.64
C LEU B 121 -36.48 -12.53 -41.30
N GLN B 122 -36.90 -13.28 -42.30
CA GLN B 122 -38.13 -12.99 -43.06
C GLN B 122 -38.18 -11.49 -43.41
N LEU B 123 -37.10 -11.04 -44.01
CA LEU B 123 -36.91 -9.64 -44.41
C LEU B 123 -36.72 -9.53 -45.95
N ALA B 124 -36.82 -10.66 -46.61
CA ALA B 124 -36.62 -10.75 -48.07
C ALA B 124 -37.35 -9.63 -48.84
N HIS B 125 -38.65 -9.54 -48.62
CA HIS B 125 -39.50 -8.57 -49.33
C HIS B 125 -39.31 -7.13 -48.81
N LEU B 126 -38.22 -6.88 -48.09
CA LEU B 126 -37.99 -5.54 -47.52
C LEU B 126 -36.54 -5.05 -47.71
N LEU B 127 -35.83 -5.68 -48.63
CA LEU B 127 -34.41 -5.37 -48.89
C LEU B 127 -34.20 -3.91 -49.37
N ASP B 128 -35.05 -3.47 -50.29
CA ASP B 128 -34.93 -2.13 -50.89
C ASP B 128 -35.67 -1.07 -50.05
N ARG B 129 -36.08 -1.45 -48.86
CA ARG B 129 -36.81 -0.55 -47.96
C ARG B 129 -35.83 0.33 -47.18
N LYS B 130 -36.34 1.46 -46.73
CA LYS B 130 -35.57 2.43 -45.92
C LYS B 130 -36.06 2.38 -44.47
N PRO B 131 -35.18 2.55 -43.48
CA PRO B 131 -35.54 2.41 -42.08
C PRO B 131 -36.82 3.13 -41.70
N LYS B 132 -37.01 4.34 -42.14
CA LYS B 132 -38.23 5.09 -41.78
C LYS B 132 -39.49 4.36 -42.29
N ALA B 133 -39.28 3.29 -43.06
CA ALA B 133 -40.39 2.52 -43.66
C ALA B 133 -40.53 1.11 -43.06
N LEU B 134 -39.89 0.90 -41.93
CA LEU B 134 -39.94 -0.41 -41.25
C LEU B 134 -40.54 -0.27 -39.84
N SER B 135 -41.26 -1.30 -39.44
CA SER B 135 -41.89 -1.34 -38.10
C SER B 135 -40.80 -1.64 -37.06
N GLY B 136 -41.11 -1.33 -35.81
CA GLY B 136 -40.18 -1.54 -34.71
C GLY B 136 -39.53 -2.93 -34.83
N GLY B 137 -40.38 -3.92 -35.04
CA GLY B 137 -39.97 -5.34 -35.14
C GLY B 137 -39.07 -5.59 -36.37
N GLN B 138 -39.39 -4.90 -37.44
CA GLN B 138 -38.63 -5.05 -38.70
C GLN B 138 -37.25 -4.43 -38.55
N ARG B 139 -37.23 -3.19 -38.10
CA ARG B 139 -35.97 -2.49 -37.86
C ARG B 139 -35.08 -3.39 -37.02
N GLN B 140 -35.67 -3.89 -35.93
CA GLN B 140 -34.96 -4.76 -35.00
C GLN B 140 -34.22 -5.90 -35.69
N ARG B 141 -34.90 -6.60 -36.60
CA ARG B 141 -34.26 -7.71 -37.28
C ARG B 141 -33.17 -7.23 -38.24
N VAL B 142 -33.39 -6.07 -38.86
CA VAL B 142 -32.38 -5.52 -39.76
C VAL B 142 -31.12 -5.36 -38.93
N ALA B 143 -31.26 -4.74 -37.76
CA ALA B 143 -30.13 -4.53 -36.87
C ALA B 143 -29.40 -5.84 -36.61
N ILE B 144 -30.14 -6.94 -36.56
CA ILE B 144 -29.56 -8.26 -36.31
C ILE B 144 -28.85 -8.80 -37.53
N GLY B 145 -29.39 -8.52 -38.71
CA GLY B 145 -28.79 -8.98 -39.95
C GLY B 145 -27.40 -8.41 -40.10
N ARG B 146 -27.27 -7.13 -39.75
CA ARG B 146 -26.00 -6.43 -39.82
C ARG B 146 -24.92 -7.25 -39.13
N THR B 147 -25.30 -7.91 -38.05
CA THR B 147 -24.37 -8.72 -37.29
C THR B 147 -24.28 -10.14 -37.80
N LEU B 148 -25.38 -10.68 -38.30
CA LEU B 148 -25.34 -12.05 -38.82
C LEU B 148 -24.62 -12.09 -40.14
N VAL B 149 -24.52 -10.92 -40.79
CA VAL B 149 -23.84 -10.82 -42.07
C VAL B 149 -22.33 -10.72 -41.84
N ALA B 150 -21.91 -9.82 -40.94
CA ALA B 150 -20.50 -9.65 -40.64
C ALA B 150 -19.90 -10.96 -40.11
N GLU B 151 -20.70 -11.76 -39.41
CA GLU B 151 -20.25 -13.04 -38.86
C GLU B 151 -19.01 -12.97 -37.97
N PRO B 152 -18.98 -12.06 -36.98
CA PRO B 152 -17.83 -11.94 -36.09
C PRO B 152 -17.38 -13.26 -35.48
N SER B 153 -16.29 -13.22 -34.72
CA SER B 153 -15.78 -14.43 -34.07
C SER B 153 -16.51 -14.59 -32.73
N VAL B 154 -17.09 -13.48 -32.27
CA VAL B 154 -17.84 -13.44 -31.02
C VAL B 154 -18.98 -12.44 -31.12
N PHE B 155 -20.22 -12.95 -31.18
CA PHE B 155 -21.39 -12.08 -31.26
C PHE B 155 -21.72 -11.58 -29.85
N LEU B 156 -22.28 -10.38 -29.75
CA LEU B 156 -22.68 -9.83 -28.47
C LEU B 156 -24.09 -9.32 -28.63
N LEU B 157 -25.04 -10.23 -28.58
CA LEU B 157 -26.44 -9.89 -28.74
C LEU B 157 -27.07 -9.31 -27.47
N ASP B 158 -27.86 -8.25 -27.64
CA ASP B 158 -28.50 -7.61 -26.50
C ASP B 158 -30.00 -7.46 -26.72
N GLU B 159 -30.75 -8.50 -26.35
CA GLU B 159 -32.21 -8.52 -26.49
C GLU B 159 -32.55 -8.31 -27.95
N PRO B 160 -31.88 -9.06 -28.83
CA PRO B 160 -32.10 -8.98 -30.27
C PRO B 160 -33.48 -9.39 -30.77
N LEU B 161 -34.19 -10.18 -29.99
CA LEU B 161 -35.48 -10.68 -30.42
C LEU B 161 -36.72 -9.92 -29.96
N SER B 162 -36.50 -8.79 -29.28
CA SER B 162 -37.61 -7.98 -28.80
C SER B 162 -38.45 -7.46 -29.95
N ASN B 163 -39.63 -6.96 -29.64
CA ASN B 163 -40.55 -6.44 -30.65
C ASN B 163 -41.04 -7.47 -31.65
N LEU B 164 -40.93 -8.75 -31.32
CA LEU B 164 -41.39 -9.79 -32.23
C LEU B 164 -42.55 -10.61 -31.65
N ASP B 165 -43.58 -10.85 -32.45
CA ASP B 165 -44.70 -11.65 -31.98
C ASP B 165 -44.16 -13.02 -31.53
N ALA B 166 -44.93 -13.71 -30.70
CA ALA B 166 -44.53 -15.02 -30.17
C ALA B 166 -44.14 -16.02 -31.27
N ALA B 167 -45.04 -16.24 -32.23
CA ALA B 167 -44.73 -17.18 -33.31
C ALA B 167 -43.39 -16.85 -33.98
N LEU B 168 -43.23 -15.60 -34.39
CA LEU B 168 -42.01 -15.18 -35.05
C LEU B 168 -40.80 -15.36 -34.14
N ARG B 169 -40.97 -14.94 -32.88
CA ARG B 169 -39.90 -15.04 -31.91
C ARG B 169 -39.43 -16.47 -31.67
N VAL B 170 -40.32 -17.44 -31.87
CA VAL B 170 -39.90 -18.83 -31.70
C VAL B 170 -39.02 -19.23 -32.87
N GLN B 171 -39.48 -18.93 -34.09
CA GLN B 171 -38.68 -19.25 -35.27
C GLN B 171 -37.28 -18.64 -35.15
N MET B 172 -37.19 -17.37 -34.74
CA MET B 172 -35.88 -16.74 -34.61
C MET B 172 -34.99 -17.42 -33.59
N ARG B 173 -35.58 -18.00 -32.55
CA ARG B 173 -34.78 -18.69 -31.54
C ARG B 173 -34.15 -19.89 -32.21
N ILE B 174 -34.92 -20.53 -33.08
CA ILE B 174 -34.44 -21.70 -33.80
C ILE B 174 -33.27 -21.30 -34.70
N GLU B 175 -33.45 -20.21 -35.44
CA GLU B 175 -32.44 -19.69 -36.34
C GLU B 175 -31.14 -19.33 -35.65
N ILE B 176 -31.28 -18.59 -34.54
CA ILE B 176 -30.13 -18.18 -33.76
C ILE B 176 -29.42 -19.40 -33.18
N SER B 177 -30.19 -20.45 -32.87
CA SER B 177 -29.60 -21.65 -32.31
C SER B 177 -28.77 -22.39 -33.36
N ARG B 178 -29.25 -22.33 -34.61
CA ARG B 178 -28.55 -22.97 -35.71
C ARG B 178 -27.28 -22.20 -36.07
N LEU B 179 -27.38 -20.88 -36.06
CA LEU B 179 -26.25 -20.04 -36.36
C LEU B 179 -25.17 -20.24 -35.31
N HIS B 180 -25.48 -20.99 -34.27
CA HIS B 180 -24.50 -21.24 -33.22
C HIS B 180 -23.95 -22.66 -33.31
N LYS B 181 -24.75 -23.59 -33.83
CA LYS B 181 -24.30 -24.97 -33.96
C LYS B 181 -23.74 -25.13 -35.36
N ARG B 182 -23.35 -24.02 -35.97
CA ARG B 182 -22.77 -24.02 -37.31
C ARG B 182 -21.47 -23.22 -37.26
N LEU B 183 -21.57 -21.90 -37.14
CA LEU B 183 -20.39 -21.06 -37.06
C LEU B 183 -19.55 -21.41 -35.83
N GLY B 184 -20.17 -22.11 -34.88
CA GLY B 184 -19.47 -22.50 -33.67
C GLY B 184 -18.79 -21.36 -32.94
N ARG B 185 -19.12 -20.12 -33.31
CA ARG B 185 -18.52 -18.94 -32.67
C ARG B 185 -18.97 -18.83 -31.21
N THR B 186 -18.47 -17.81 -30.52
CA THR B 186 -18.86 -17.59 -29.13
C THR B 186 -20.00 -16.57 -29.09
N MET B 187 -21.02 -16.84 -28.27
CA MET B 187 -22.16 -15.94 -28.16
C MET B 187 -22.41 -15.46 -26.73
N ILE B 188 -22.63 -14.15 -26.61
CA ILE B 188 -22.91 -13.51 -25.33
C ILE B 188 -24.25 -12.81 -25.50
N TYR B 189 -25.31 -13.51 -25.10
CA TYR B 189 -26.71 -13.07 -25.21
C TYR B 189 -27.23 -12.40 -23.94
N VAL B 190 -28.02 -11.35 -24.09
CA VAL B 190 -28.57 -10.67 -22.92
C VAL B 190 -30.08 -10.60 -23.08
N THR B 191 -30.81 -11.14 -22.12
CA THR B 191 -32.26 -11.12 -22.22
C THR B 191 -33.02 -11.05 -20.90
N HIS B 192 -34.32 -10.82 -21.02
CA HIS B 192 -35.20 -10.77 -19.87
C HIS B 192 -36.21 -11.88 -20.04
N ASP B 193 -36.33 -12.36 -21.26
CA ASP B 193 -37.23 -13.46 -21.56
C ASP B 193 -36.59 -14.70 -20.93
N GLN B 194 -37.17 -15.23 -19.86
CA GLN B 194 -36.55 -16.37 -19.20
C GLN B 194 -36.69 -17.68 -19.96
N VAL B 195 -37.79 -17.84 -20.68
CA VAL B 195 -37.97 -19.06 -21.45
C VAL B 195 -36.83 -19.09 -22.47
N GLU B 196 -36.55 -17.94 -23.07
CA GLU B 196 -35.49 -17.84 -24.07
C GLU B 196 -34.17 -18.26 -23.47
N ALA B 197 -33.85 -17.65 -22.34
CA ALA B 197 -32.61 -17.97 -21.63
C ALA B 197 -32.42 -19.47 -21.50
N MET B 198 -33.42 -20.14 -20.94
CA MET B 198 -33.37 -21.57 -20.71
C MET B 198 -33.20 -22.36 -22.01
N THR B 199 -33.84 -21.91 -23.08
CA THR B 199 -33.77 -22.61 -24.36
C THR B 199 -32.48 -22.41 -25.16
N LEU B 200 -31.89 -21.25 -25.09
CA LEU B 200 -30.68 -20.95 -25.90
C LEU B 200 -29.37 -21.16 -25.13
N ALA B 201 -29.40 -20.67 -23.92
CA ALA B 201 -28.22 -20.68 -23.03
C ALA B 201 -27.63 -22.08 -22.82
N ASP B 202 -26.31 -22.04 -22.88
CA ASP B 202 -25.41 -23.17 -22.63
C ASP B 202 -24.54 -22.76 -21.45
N LYS B 203 -25.20 -22.05 -20.55
CA LYS B 203 -24.59 -21.47 -19.36
C LYS B 203 -25.23 -20.09 -19.14
N ILE B 204 -25.81 -19.89 -17.96
CA ILE B 204 -26.48 -18.62 -17.64
C ILE B 204 -25.76 -17.89 -16.51
N VAL B 205 -25.62 -16.60 -16.71
CA VAL B 205 -25.00 -15.72 -15.71
C VAL B 205 -26.03 -14.80 -15.11
N VAL B 206 -26.21 -14.86 -13.80
CA VAL B 206 -27.19 -14.01 -13.12
C VAL B 206 -26.48 -12.88 -12.41
N LEU B 207 -26.79 -11.67 -12.83
CA LEU B 207 -26.19 -10.49 -12.22
C LEU B 207 -27.15 -9.92 -11.21
N ASP B 208 -26.62 -9.09 -10.33
CA ASP B 208 -27.43 -8.44 -9.31
C ASP B 208 -26.63 -7.29 -8.74
N ALA B 209 -27.17 -6.08 -8.88
CA ALA B 209 -26.50 -4.88 -8.37
C ALA B 209 -24.99 -4.94 -8.55
N GLY B 210 -24.54 -4.99 -9.79
CA GLY B 210 -23.12 -5.04 -10.06
C GLY B 210 -22.44 -6.38 -9.86
N ARG B 211 -22.73 -7.06 -8.75
CA ARG B 211 -22.10 -8.35 -8.48
C ARG B 211 -22.71 -9.51 -9.26
N VAL B 212 -21.94 -10.59 -9.43
CA VAL B 212 -22.45 -11.78 -10.10
C VAL B 212 -23.06 -12.64 -9.00
N ALA B 213 -24.33 -13.01 -9.17
CA ALA B 213 -25.04 -13.79 -8.17
C ALA B 213 -24.72 -15.28 -8.26
N GLN B 214 -24.75 -15.81 -9.47
CA GLN B 214 -24.49 -17.21 -9.66
C GLN B 214 -24.35 -17.51 -11.15
N VAL B 215 -23.57 -18.53 -11.48
CA VAL B 215 -23.39 -18.93 -12.86
C VAL B 215 -23.57 -20.43 -12.90
N GLY B 216 -24.39 -20.90 -13.84
CA GLY B 216 -24.62 -22.32 -13.95
C GLY B 216 -25.46 -22.65 -15.16
N LYS B 217 -25.72 -23.92 -15.40
CA LYS B 217 -26.53 -24.31 -16.54
C LYS B 217 -27.98 -23.99 -16.20
N PRO B 218 -28.87 -23.97 -17.20
CA PRO B 218 -30.28 -23.65 -16.97
C PRO B 218 -30.95 -24.38 -15.78
N LEU B 219 -31.00 -25.71 -15.81
CA LEU B 219 -31.65 -26.45 -14.72
C LEU B 219 -30.93 -26.37 -13.38
N GLU B 220 -29.63 -26.05 -13.36
CA GLU B 220 -28.92 -25.95 -12.08
C GLU B 220 -29.36 -24.70 -11.34
N LEU B 221 -29.64 -23.64 -12.09
CA LEU B 221 -30.08 -22.38 -11.51
C LEU B 221 -31.50 -22.52 -11.03
N TYR B 222 -32.31 -23.21 -11.83
CA TYR B 222 -33.71 -23.42 -11.54
C TYR B 222 -33.91 -24.25 -10.27
N HIS B 223 -33.29 -25.44 -10.27
CA HIS B 223 -33.37 -26.40 -9.18
C HIS B 223 -32.48 -26.11 -8.01
N TYR B 224 -31.36 -25.44 -8.22
CA TYR B 224 -30.44 -25.22 -7.11
C TYR B 224 -29.94 -23.82 -6.91
N PRO B 225 -30.86 -22.85 -6.79
CA PRO B 225 -30.43 -21.47 -6.57
C PRO B 225 -29.57 -21.47 -5.33
N ALA B 226 -28.42 -20.79 -5.40
CA ALA B 226 -27.48 -20.74 -4.29
C ALA B 226 -27.94 -19.82 -3.15
N ASP B 227 -28.88 -18.94 -3.44
CA ASP B 227 -29.38 -18.03 -2.42
C ASP B 227 -30.80 -17.56 -2.70
N ARG B 228 -31.35 -16.85 -1.73
CA ARG B 228 -32.72 -16.33 -1.84
C ARG B 228 -32.90 -15.49 -3.10
N PHE B 229 -31.97 -14.54 -3.31
CA PHE B 229 -32.07 -13.69 -4.49
C PHE B 229 -32.19 -14.48 -5.80
N VAL B 230 -31.20 -15.31 -6.09
CA VAL B 230 -31.27 -16.09 -7.32
C VAL B 230 -32.55 -16.91 -7.36
N ALA B 231 -32.92 -17.49 -6.22
CA ALA B 231 -34.13 -18.31 -6.13
C ALA B 231 -35.36 -17.52 -6.57
N GLY B 232 -35.46 -16.27 -6.14
CA GLY B 232 -36.60 -15.45 -6.49
C GLY B 232 -36.53 -14.84 -7.87
N PHE B 233 -35.34 -14.90 -8.51
CA PHE B 233 -35.17 -14.35 -9.85
C PHE B 233 -35.35 -15.33 -11.01
N ILE B 234 -34.85 -16.56 -10.90
CA ILE B 234 -35.06 -17.50 -12.00
C ILE B 234 -36.40 -18.22 -11.73
N GLY B 235 -37.25 -18.23 -12.75
CA GLY B 235 -38.59 -18.84 -12.67
C GLY B 235 -39.66 -17.75 -12.72
N SER B 236 -40.57 -17.94 -13.68
CA SER B 236 -41.67 -17.00 -13.96
C SER B 236 -42.38 -16.57 -12.66
N PRO B 237 -43.64 -16.96 -12.38
CA PRO B 237 -44.27 -16.50 -11.16
C PRO B 237 -43.33 -16.83 -10.04
N LYS B 238 -42.66 -15.77 -9.63
CA LYS B 238 -41.65 -15.82 -8.56
C LYS B 238 -41.94 -16.95 -7.57
N MET B 239 -40.86 -17.47 -7.02
CA MET B 239 -40.92 -18.56 -6.03
C MET B 239 -41.62 -18.03 -4.77
N ASN B 240 -42.51 -18.84 -4.21
CA ASN B 240 -43.21 -18.48 -2.99
C ASN B 240 -42.21 -18.55 -1.84
N PHE B 241 -42.33 -17.61 -0.89
CA PHE B 241 -41.44 -17.58 0.27
C PHE B 241 -42.24 -17.52 1.57
N LEU B 242 -42.07 -18.53 2.42
CA LEU B 242 -42.77 -18.58 3.70
C LEU B 242 -41.81 -18.44 4.86
N PRO B 243 -42.19 -17.69 5.90
CA PRO B 243 -41.28 -17.57 7.04
C PRO B 243 -41.47 -18.79 7.94
N VAL B 244 -40.37 -19.42 8.33
CA VAL B 244 -40.45 -20.60 9.19
C VAL B 244 -39.39 -20.58 10.29
N LYS B 245 -39.43 -21.59 11.15
CA LYS B 245 -38.48 -21.68 12.22
C LYS B 245 -37.93 -23.10 12.31
N VAL B 246 -36.64 -23.19 12.54
CA VAL B 246 -35.99 -24.49 12.66
C VAL B 246 -36.27 -25.02 14.04
N THR B 247 -36.97 -26.14 14.10
CA THR B 247 -37.30 -26.75 15.37
C THR B 247 -36.36 -27.92 15.68
N ALA B 248 -35.90 -28.61 14.64
CA ALA B 248 -34.99 -29.74 14.84
C ALA B 248 -33.89 -29.86 13.79
N THR B 249 -32.79 -30.50 14.18
CA THR B 249 -31.67 -30.68 13.26
C THR B 249 -31.10 -32.09 13.31
N ALA B 250 -31.00 -32.66 12.13
CA ALA B 250 -30.41 -33.97 11.90
C ALA B 250 -29.14 -33.74 11.09
N ILE B 251 -28.61 -34.80 10.52
CA ILE B 251 -27.40 -34.69 9.70
C ILE B 251 -27.74 -34.16 8.31
N ASP B 252 -28.91 -34.57 7.82
CA ASP B 252 -29.37 -34.17 6.50
C ASP B 252 -30.88 -33.94 6.48
N GLN B 253 -31.39 -33.36 7.52
CA GLN B 253 -32.82 -33.08 7.57
C GLN B 253 -33.06 -31.60 7.82
N VAL B 254 -33.32 -31.25 9.05
CA VAL B 254 -33.66 -29.88 9.40
C VAL B 254 -35.17 -29.75 9.33
N GLN B 255 -35.78 -29.75 10.47
CA GLN B 255 -37.22 -29.64 10.60
C GLN B 255 -37.59 -28.18 10.85
N VAL B 256 -38.62 -27.73 10.15
CA VAL B 256 -39.08 -26.35 10.28
C VAL B 256 -40.53 -26.26 10.70
N GLU B 257 -40.90 -25.14 11.30
CA GLU B 257 -42.26 -24.93 11.77
C GLU B 257 -42.98 -23.87 10.95
N LEU B 258 -44.04 -24.26 10.26
CA LEU B 258 -44.81 -23.33 9.44
C LEU B 258 -45.56 -22.35 10.36
N PRO B 259 -45.57 -21.06 10.00
CA PRO B 259 -46.23 -20.01 10.79
C PRO B 259 -47.75 -20.15 10.96
N MET B 260 -48.33 -21.19 10.40
CA MET B 260 -49.77 -21.42 10.49
C MET B 260 -50.31 -21.52 11.93
N PRO B 261 -51.65 -21.40 12.08
CA PRO B 261 -52.29 -21.49 13.40
C PRO B 261 -51.98 -22.83 14.06
N ASN B 262 -52.01 -23.88 13.25
CA ASN B 262 -51.75 -25.24 13.73
C ASN B 262 -50.25 -25.47 13.97
N ARG B 263 -49.42 -24.57 13.45
CA ARG B 263 -47.97 -24.66 13.60
C ARG B 263 -47.45 -26.05 13.26
N GLN B 264 -47.71 -26.48 12.03
CA GLN B 264 -47.28 -27.78 11.55
C GLN B 264 -45.77 -27.80 11.29
N GLN B 265 -45.14 -28.93 11.54
CA GLN B 265 -43.71 -29.09 11.35
C GLN B 265 -43.48 -30.13 10.27
N VAL B 266 -42.40 -29.98 9.51
CA VAL B 266 -42.09 -30.93 8.44
C VAL B 266 -40.57 -31.05 8.23
N TRP B 267 -40.13 -32.25 7.86
CA TRP B 267 -38.69 -32.52 7.63
C TRP B 267 -38.36 -32.36 6.14
N LEU B 268 -37.39 -31.48 5.91
CA LEU B 268 -36.91 -31.06 4.59
C LEU B 268 -35.56 -31.70 4.22
N PRO B 269 -35.44 -32.22 2.99
CA PRO B 269 -34.17 -32.84 2.57
C PRO B 269 -33.11 -31.79 2.27
N VAL B 270 -32.69 -31.07 3.32
CA VAL B 270 -31.71 -29.99 3.18
C VAL B 270 -30.36 -30.14 3.88
N GLU B 271 -29.38 -29.41 3.38
CA GLU B 271 -27.99 -29.37 3.85
C GLU B 271 -27.76 -29.62 5.34
N SER B 272 -28.41 -28.83 6.20
CA SER B 272 -28.27 -28.95 7.66
C SER B 272 -27.02 -28.26 8.20
N ARG B 273 -25.99 -28.15 7.36
CA ARG B 273 -24.76 -27.49 7.75
C ARG B 273 -25.03 -26.04 8.10
N ASP B 274 -24.50 -25.61 9.24
CA ASP B 274 -24.67 -24.24 9.70
C ASP B 274 -26.12 -23.81 9.86
N VAL B 275 -26.95 -24.71 10.37
CA VAL B 275 -28.36 -24.41 10.60
C VAL B 275 -28.65 -24.65 12.09
N GLN B 276 -28.76 -23.57 12.84
CA GLN B 276 -29.01 -23.65 14.27
C GLN B 276 -30.50 -23.74 14.60
N VAL B 277 -30.85 -24.61 15.54
CA VAL B 277 -32.24 -24.76 15.96
C VAL B 277 -32.74 -23.43 16.48
N GLY B 278 -33.99 -23.09 16.15
CA GLY B 278 -34.53 -21.83 16.62
C GLY B 278 -34.28 -20.65 15.71
N ALA B 279 -33.48 -20.85 14.66
CA ALA B 279 -33.17 -19.77 13.72
C ALA B 279 -34.39 -19.47 12.82
N ASN B 280 -34.52 -18.20 12.43
CA ASN B 280 -35.61 -17.77 11.56
C ASN B 280 -35.18 -17.95 10.13
N MET B 281 -35.86 -18.84 9.42
CA MET B 281 -35.47 -19.11 8.06
C MET B 281 -36.59 -18.94 7.07
N SER B 282 -36.18 -18.88 5.80
CA SER B 282 -37.08 -18.68 4.69
C SER B 282 -37.26 -19.98 3.91
N LEU B 283 -38.51 -20.38 3.71
CA LEU B 283 -38.79 -21.59 2.98
C LEU B 283 -39.40 -21.23 1.64
N GLY B 284 -38.79 -21.72 0.56
CA GLY B 284 -39.30 -21.44 -0.76
C GLY B 284 -39.91 -22.64 -1.45
N ILE B 285 -41.00 -22.39 -2.17
CA ILE B 285 -41.70 -23.44 -2.90
C ILE B 285 -42.28 -22.78 -4.14
N ARG B 286 -42.00 -23.34 -5.31
CA ARG B 286 -42.47 -22.75 -6.56
C ARG B 286 -43.92 -22.98 -6.92
N PRO B 287 -44.58 -21.95 -7.45
CA PRO B 287 -45.98 -22.10 -7.83
C PRO B 287 -46.31 -23.43 -8.53
N GLU B 288 -45.42 -23.92 -9.40
CA GLU B 288 -45.72 -25.17 -10.12
C GLU B 288 -45.47 -26.42 -9.29
N HIS B 289 -44.75 -26.25 -8.21
CA HIS B 289 -44.42 -27.35 -7.36
C HIS B 289 -45.44 -27.65 -6.29
N LEU B 290 -46.26 -26.66 -5.97
CA LEU B 290 -47.34 -26.83 -5.01
C LEU B 290 -48.21 -27.97 -5.53
N LEU B 291 -48.86 -28.66 -4.61
CA LEU B 291 -49.70 -29.82 -4.96
C LEU B 291 -51.19 -29.59 -4.84
N PRO B 292 -51.99 -30.43 -5.51
CA PRO B 292 -53.45 -30.39 -5.52
C PRO B 292 -54.12 -30.39 -4.12
N SER B 293 -53.41 -30.87 -3.10
CA SER B 293 -53.93 -30.94 -1.73
C SER B 293 -54.89 -32.11 -1.62
N ASP B 294 -55.42 -32.48 -2.78
CA ASP B 294 -56.34 -33.59 -2.92
C ASP B 294 -55.62 -34.83 -2.39
N ILE B 295 -54.31 -34.88 -2.61
CA ILE B 295 -53.49 -36.00 -2.16
C ILE B 295 -53.52 -36.08 -0.62
N ALA B 296 -52.60 -35.36 0.04
CA ALA B 296 -52.54 -35.34 1.50
C ALA B 296 -51.28 -34.66 2.01
N ASP B 297 -50.99 -34.89 3.30
CA ASP B 297 -49.83 -34.33 4.00
C ASP B 297 -49.94 -32.83 4.24
N VAL B 298 -48.80 -32.20 4.47
CA VAL B 298 -48.74 -30.76 4.73
C VAL B 298 -49.71 -30.00 3.84
N ILE B 299 -50.65 -29.30 4.45
CA ILE B 299 -51.63 -28.55 3.67
C ILE B 299 -51.77 -27.11 4.13
N LEU B 300 -52.03 -26.23 3.17
CA LEU B 300 -52.24 -24.83 3.48
C LEU B 300 -53.58 -24.45 2.88
N GLU B 301 -54.33 -23.62 3.60
CA GLU B 301 -55.65 -23.17 3.14
C GLU B 301 -55.71 -21.67 3.24
N GLY B 302 -56.50 -21.07 2.36
CA GLY B 302 -56.63 -19.62 2.38
C GLY B 302 -57.76 -19.16 1.49
N GLU B 303 -57.83 -17.85 1.27
CA GLU B 303 -58.87 -17.26 0.43
C GLU B 303 -58.33 -16.80 -0.92
N VAL B 304 -59.02 -17.21 -1.98
CA VAL B 304 -58.63 -16.82 -3.32
C VAL B 304 -58.63 -15.29 -3.42
N GLN B 305 -57.47 -14.71 -3.73
CA GLN B 305 -57.37 -13.26 -3.86
C GLN B 305 -57.37 -12.85 -5.33
N VAL B 306 -56.64 -13.61 -6.15
CA VAL B 306 -56.54 -13.33 -7.58
C VAL B 306 -56.62 -14.63 -8.37
N VAL B 307 -57.12 -14.53 -9.59
CA VAL B 307 -57.23 -15.67 -10.46
C VAL B 307 -57.01 -15.20 -11.88
N GLU B 308 -55.85 -15.55 -12.45
CA GLU B 308 -55.49 -15.17 -13.81
C GLU B 308 -55.64 -16.37 -14.75
N GLN B 309 -56.48 -16.21 -15.78
CA GLN B 309 -56.72 -17.26 -16.77
C GLN B 309 -55.77 -17.14 -17.96
N LEU B 310 -54.99 -18.17 -18.22
CA LEU B 310 -54.07 -18.09 -19.34
C LEU B 310 -54.36 -19.09 -20.45
N GLY B 311 -55.49 -19.77 -20.35
CA GLY B 311 -55.84 -20.74 -21.38
C GLY B 311 -55.20 -22.10 -21.15
N ASN B 312 -53.87 -22.14 -21.05
CA ASN B 312 -53.20 -23.42 -20.85
C ASN B 312 -53.14 -23.69 -19.35
N GLU B 313 -53.13 -22.64 -18.54
CA GLU B 313 -53.10 -22.82 -17.09
C GLU B 313 -53.88 -21.73 -16.31
N THR B 314 -53.97 -21.87 -15.00
CA THR B 314 -54.66 -20.89 -14.18
C THR B 314 -53.78 -20.62 -13.00
N GLN B 315 -53.56 -19.36 -12.69
CA GLN B 315 -52.74 -19.04 -11.54
C GLN B 315 -53.71 -18.52 -10.50
N ILE B 316 -53.70 -19.15 -9.32
CA ILE B 316 -54.58 -18.78 -8.22
C ILE B 316 -53.75 -18.12 -7.14
N HIS B 317 -54.14 -16.92 -6.73
CA HIS B 317 -53.44 -16.23 -5.65
C HIS B 317 -54.21 -16.53 -4.37
N ILE B 318 -53.54 -17.13 -3.41
CA ILE B 318 -54.18 -17.51 -2.16
C ILE B 318 -53.62 -16.77 -0.96
N GLN B 319 -54.51 -16.26 -0.13
CA GLN B 319 -54.08 -15.57 1.07
C GLN B 319 -54.11 -16.54 2.25
N ILE B 320 -52.99 -16.61 2.96
CA ILE B 320 -52.87 -17.51 4.10
C ILE B 320 -52.57 -16.72 5.36
N PRO B 321 -53.25 -17.06 6.45
CA PRO B 321 -53.06 -16.39 7.74
C PRO B 321 -51.63 -16.55 8.27
N SER B 322 -51.03 -15.44 8.67
CA SER B 322 -49.67 -15.37 9.22
C SER B 322 -48.60 -15.15 8.16
N ILE B 323 -48.98 -15.23 6.89
CA ILE B 323 -48.02 -15.01 5.81
C ILE B 323 -48.30 -13.67 5.11
N ARG B 324 -47.27 -12.84 4.99
CA ARG B 324 -47.40 -11.53 4.35
C ARG B 324 -48.05 -11.57 2.97
N GLN B 325 -47.23 -11.81 1.95
CA GLN B 325 -47.68 -11.85 0.56
C GLN B 325 -48.54 -13.09 0.27
N ASN B 326 -49.35 -13.03 -0.78
CA ASN B 326 -50.20 -14.15 -1.16
C ASN B 326 -49.30 -15.27 -1.64
N LEU B 327 -49.83 -16.49 -1.67
CA LEU B 327 -49.08 -17.64 -2.15
C LEU B 327 -49.57 -17.90 -3.57
N VAL B 328 -48.67 -17.80 -4.55
CA VAL B 328 -49.07 -18.03 -5.94
C VAL B 328 -48.96 -19.51 -6.29
N TYR B 329 -50.01 -20.01 -6.92
CA TYR B 329 -50.12 -21.41 -7.32
C TYR B 329 -50.59 -21.55 -8.77
N ARG B 330 -49.90 -22.36 -9.57
CA ARG B 330 -50.27 -22.55 -10.97
C ARG B 330 -50.84 -23.94 -11.14
N GLN B 331 -51.95 -24.02 -11.84
CA GLN B 331 -52.57 -25.31 -12.06
C GLN B 331 -52.96 -25.44 -13.52
N ASN B 332 -52.86 -26.66 -13.98
CA ASN B 332 -53.12 -26.98 -15.37
C ASN B 332 -54.56 -26.70 -15.78
N ASP B 333 -54.66 -26.29 -17.03
CA ASP B 333 -55.93 -26.00 -17.73
C ASP B 333 -56.67 -24.82 -17.12
N VAL B 334 -57.89 -24.69 -17.60
CA VAL B 334 -58.84 -23.71 -17.08
C VAL B 334 -59.45 -24.32 -15.84
N VAL B 335 -59.39 -23.57 -14.80
CA VAL B 335 -59.92 -23.97 -13.50
C VAL B 335 -60.84 -22.86 -13.05
N LEU B 336 -62.05 -23.21 -12.70
CA LEU B 336 -63.04 -22.18 -12.37
C LEU B 336 -63.21 -21.94 -10.87
N VAL B 337 -62.56 -20.89 -10.35
CA VAL B 337 -62.70 -20.54 -8.94
C VAL B 337 -62.93 -19.05 -8.89
N GLU B 338 -63.58 -18.60 -7.82
CA GLU B 338 -63.84 -17.18 -7.67
C GLU B 338 -63.08 -16.59 -6.51
N GLU B 339 -63.03 -15.26 -6.48
CA GLU B 339 -62.35 -14.57 -5.40
C GLU B 339 -63.14 -14.75 -4.12
N GLY B 340 -62.42 -14.79 -3.00
CA GLY B 340 -63.06 -14.96 -1.72
C GLY B 340 -63.30 -16.42 -1.41
N ALA B 341 -63.23 -17.27 -2.43
CA ALA B 341 -63.43 -18.69 -2.24
C ALA B 341 -62.29 -19.27 -1.39
N THR B 342 -62.57 -20.42 -0.78
CA THR B 342 -61.58 -21.09 0.06
C THR B 342 -60.81 -22.09 -0.80
N PHE B 343 -59.49 -22.08 -0.67
CA PHE B 343 -58.65 -22.95 -1.50
C PHE B 343 -57.55 -23.63 -0.68
N ALA B 344 -57.32 -24.91 -0.93
CA ALA B 344 -56.28 -25.65 -0.20
C ALA B 344 -55.28 -26.28 -1.16
N ILE B 345 -54.00 -26.18 -0.81
CA ILE B 345 -52.93 -26.74 -1.64
C ILE B 345 -51.92 -27.55 -0.83
N GLY B 346 -51.25 -28.49 -1.50
CA GLY B 346 -50.26 -29.33 -0.83
C GLY B 346 -48.82 -28.87 -0.98
N LEU B 347 -48.09 -28.85 0.12
CA LEU B 347 -46.70 -28.41 0.16
C LEU B 347 -45.67 -29.54 0.23
N PRO B 348 -45.19 -30.04 -0.92
CA PRO B 348 -44.20 -31.14 -1.05
C PRO B 348 -42.82 -30.80 -0.47
N PRO B 349 -42.38 -31.54 0.56
CA PRO B 349 -41.07 -31.28 1.18
C PRO B 349 -39.83 -31.44 0.29
N GLU B 350 -39.86 -32.37 -0.66
CA GLU B 350 -38.72 -32.56 -1.55
C GLU B 350 -38.45 -31.32 -2.41
N ARG B 351 -39.52 -30.64 -2.82
CA ARG B 351 -39.41 -29.46 -3.66
C ARG B 351 -39.25 -28.15 -2.90
N CYS B 352 -39.01 -28.22 -1.60
CA CYS B 352 -38.85 -27.00 -0.80
C CYS B 352 -37.41 -26.56 -0.72
N HIS B 353 -37.23 -25.24 -0.64
CA HIS B 353 -35.90 -24.67 -0.51
C HIS B 353 -35.90 -24.03 0.86
N LEU B 354 -34.71 -23.77 1.40
CA LEU B 354 -34.63 -23.16 2.70
C LEU B 354 -33.43 -22.23 2.70
N PHE B 355 -33.64 -20.99 3.13
CA PHE B 355 -32.57 -20.01 3.14
C PHE B 355 -32.29 -19.52 4.54
N ARG B 356 -31.01 -19.45 4.90
CA ARG B 356 -30.64 -18.98 6.22
C ARG B 356 -31.02 -17.50 6.30
N GLU B 357 -30.87 -16.90 7.48
CA GLU B 357 -31.22 -15.50 7.65
C GLU B 357 -30.40 -14.64 6.69
N ASP B 358 -29.16 -15.05 6.43
CA ASP B 358 -28.29 -14.29 5.54
C ASP B 358 -28.70 -14.50 4.08
N GLY B 359 -29.73 -15.32 3.86
CA GLY B 359 -30.21 -15.55 2.52
C GLY B 359 -29.55 -16.64 1.70
N THR B 360 -28.40 -17.15 2.13
CA THR B 360 -27.73 -18.21 1.37
C THR B 360 -28.57 -19.48 1.53
N ALA B 361 -28.51 -20.33 0.53
CA ALA B 361 -29.34 -21.54 0.52
C ALA B 361 -28.67 -22.74 1.18
N CYS B 362 -29.57 -23.62 1.59
CA CYS B 362 -29.23 -24.91 2.19
C CYS B 362 -29.40 -25.97 1.11
N ARG B 363 -28.30 -26.19 0.41
CA ARG B 363 -28.22 -27.13 -0.71
C ARG B 363 -29.23 -28.25 -0.57
N ARG B 364 -30.25 -28.20 -1.40
CA ARG B 364 -31.28 -29.25 -1.46
C ARG B 364 -30.56 -30.57 -1.74
N LEU B 365 -30.96 -31.60 -1.04
CA LEU B 365 -30.31 -32.91 -1.18
C LEU B 365 -31.04 -33.76 -2.22
N HIS B 366 -32.33 -33.52 -2.36
CA HIS B 366 -33.15 -34.24 -3.34
C HIS B 366 -32.54 -34.10 -4.73
N LYS B 367 -32.40 -35.21 -5.44
CA LYS B 367 -31.85 -35.16 -6.79
C LYS B 367 -32.95 -35.00 -7.83
N GLU B 368 -32.88 -33.91 -8.59
CA GLU B 368 -33.83 -33.63 -9.66
C GLU B 368 -33.18 -34.07 -10.96
N PRO B 369 -33.98 -34.62 -11.89
CA PRO B 369 -33.42 -35.07 -13.17
C PRO B 369 -32.85 -33.86 -13.92
N GLY B 370 -31.60 -34.00 -14.39
CA GLY B 370 -30.96 -32.91 -15.10
C GLY B 370 -29.82 -32.31 -14.30
N VAL C 4 64.25 24.00 10.70
CA VAL C 4 65.27 23.13 11.28
C VAL C 4 66.14 23.90 12.26
N GLN C 5 65.98 25.19 12.52
CA GLN C 5 66.86 25.90 13.47
C GLN C 5 66.45 27.33 13.84
N LEU C 6 66.31 27.62 15.14
CA LEU C 6 65.92 28.95 15.60
C LEU C 6 66.85 29.48 16.68
N GLN C 7 67.11 30.78 16.63
CA GLN C 7 68.00 31.43 17.59
C GLN C 7 67.46 32.76 18.07
N ASN C 8 67.23 32.86 19.38
CA ASN C 8 66.71 34.07 19.98
C ASN C 8 65.48 34.58 19.26
N VAL C 9 64.85 33.71 18.48
CA VAL C 9 63.65 34.04 17.73
C VAL C 9 62.61 34.68 18.64
N THR C 10 62.28 35.94 18.37
CA THR C 10 61.31 36.68 19.16
C THR C 10 60.15 37.12 18.26
N LYS C 11 58.97 37.27 18.84
CA LYS C 11 57.83 37.71 18.06
C LYS C 11 56.84 38.37 18.99
N ALA C 12 56.41 39.57 18.62
CA ALA C 12 55.43 40.31 19.42
C ALA C 12 54.48 41.10 18.54
N TRP C 13 53.24 41.24 19.02
CA TRP C 13 52.21 42.00 18.31
C TRP C 13 52.05 43.30 19.08
N GLY C 14 52.84 44.31 18.71
CA GLY C 14 52.77 45.59 19.37
C GLY C 14 53.44 45.54 20.74
N GLU C 15 52.62 45.49 21.79
CA GLU C 15 53.11 45.46 23.18
C GLU C 15 53.01 44.06 23.79
N VAL C 16 52.45 43.12 23.03
CA VAL C 16 52.30 41.76 23.51
C VAL C 16 53.30 40.79 22.86
N VAL C 17 54.27 40.32 23.65
CA VAL C 17 55.25 39.37 23.12
C VAL C 17 54.57 38.01 23.05
N VAL C 18 55.00 37.16 22.13
CA VAL C 18 54.39 35.86 21.98
C VAL C 18 55.42 34.76 21.77
N SER C 19 56.69 35.12 21.87
CA SER C 19 57.77 34.16 21.70
C SER C 19 59.07 34.72 22.22
N LYS C 20 59.15 34.96 23.53
CA LYS C 20 60.35 35.49 24.12
C LYS C 20 61.54 34.62 23.71
N ASP C 21 62.36 35.17 22.81
CA ASP C 21 63.54 34.52 22.26
C ASP C 21 63.64 33.02 22.51
N ILE C 22 63.11 32.25 21.57
CA ILE C 22 63.13 30.82 21.71
C ILE C 22 64.25 30.22 20.87
N ASN C 23 64.96 29.25 21.45
CA ASN C 23 66.06 28.60 20.76
C ASN C 23 65.81 27.10 20.60
N LEU C 24 65.57 26.67 19.37
CA LEU C 24 65.32 25.28 19.08
C LEU C 24 66.38 24.79 18.11
N ASP C 25 66.61 23.49 18.09
CA ASP C 25 67.60 22.94 17.21
C ASP C 25 67.06 21.63 16.66
N ILE C 26 66.19 21.72 15.68
CA ILE C 26 65.56 20.53 15.10
C ILE C 26 66.43 19.89 14.01
N HIS C 27 67.09 18.78 14.35
CA HIS C 27 67.95 18.09 13.39
C HIS C 27 67.17 17.64 12.18
N GLU C 28 67.85 17.46 11.06
CA GLU C 28 67.19 17.05 9.83
C GLU C 28 66.68 15.61 9.92
N GLY C 29 65.40 15.45 9.57
CA GLY C 29 64.78 14.14 9.62
C GLY C 29 64.05 13.86 10.92
N GLU C 30 64.35 14.64 11.96
CA GLU C 30 63.72 14.46 13.26
C GLU C 30 62.21 14.66 13.26
N PHE C 31 61.52 13.94 14.14
CA PHE C 31 60.07 14.07 14.30
C PHE C 31 59.93 14.84 15.61
N VAL C 32 59.60 16.12 15.54
CA VAL C 32 59.47 16.94 16.74
C VAL C 32 58.04 17.41 16.98
N VAL C 33 57.49 17.14 18.16
CA VAL C 33 56.13 17.61 18.41
C VAL C 33 56.14 18.75 19.42
N PHE C 34 55.24 19.69 19.17
CA PHE C 34 55.12 20.84 20.05
C PHE C 34 53.82 20.75 20.84
N VAL C 35 53.94 20.95 22.14
CA VAL C 35 52.78 20.94 22.98
C VAL C 35 52.83 22.17 23.85
N GLY C 36 51.69 22.53 24.41
CA GLY C 36 51.63 23.68 25.27
C GLY C 36 50.22 24.14 25.43
N PRO C 37 49.94 24.89 26.50
CA PRO C 37 48.63 25.45 26.86
C PRO C 37 48.01 26.17 25.67
N SER C 38 46.68 26.20 25.60
CA SER C 38 46.01 26.91 24.51
C SER C 38 46.54 28.36 24.49
N GLY C 39 46.93 28.81 23.30
CA GLY C 39 47.45 30.17 23.19
C GLY C 39 48.83 30.39 23.77
N CYS C 40 49.71 29.39 23.70
CA CYS C 40 51.05 29.56 24.22
C CYS C 40 52.01 29.95 23.10
N GLY C 41 51.52 29.85 21.86
CA GLY C 41 52.34 30.22 20.70
C GLY C 41 52.75 29.10 19.77
N LYS C 42 51.99 28.01 19.72
CA LYS C 42 52.33 26.87 18.87
C LYS C 42 52.09 27.11 17.39
N SER C 43 50.92 27.63 17.04
CA SER C 43 50.62 27.92 15.64
C SER C 43 51.53 29.06 15.15
N THR C 44 51.74 30.07 15.99
CA THR C 44 52.59 31.21 15.61
C THR C 44 53.99 30.77 15.24
N LEU C 45 54.60 30.00 16.13
CA LEU C 45 55.96 29.52 15.92
C LEU C 45 55.95 28.73 14.61
N LEU C 46 54.84 28.05 14.33
CA LEU C 46 54.74 27.27 13.12
C LEU C 46 54.63 28.15 11.87
N ARG C 47 53.91 29.25 11.99
CA ARG C 47 53.72 30.17 10.87
C ARG C 47 54.94 31.07 10.68
N MET C 48 55.87 31.02 11.64
CA MET C 48 57.10 31.77 11.48
C MET C 48 58.15 30.95 10.72
N ILE C 49 57.98 29.63 10.79
CA ILE C 49 58.90 28.74 10.09
C ILE C 49 58.47 28.67 8.62
N ALA C 50 57.19 28.96 8.39
CA ALA C 50 56.63 28.93 7.04
C ALA C 50 56.77 30.32 6.40
N GLY C 51 56.50 31.35 7.18
CA GLY C 51 56.61 32.69 6.65
C GLY C 51 55.30 33.47 6.69
N LEU C 52 54.21 32.79 7.00
CA LEU C 52 52.93 33.46 7.06
C LEU C 52 52.93 34.53 8.16
N GLU C 53 53.96 34.50 8.99
CA GLU C 53 54.08 35.49 10.06
C GLU C 53 55.48 36.06 10.11
N THR C 54 55.58 37.31 10.55
CA THR C 54 56.87 37.99 10.63
C THR C 54 57.62 37.73 11.94
N ILE C 55 58.94 37.57 11.82
CA ILE C 55 59.83 37.33 12.95
C ILE C 55 60.32 38.67 13.51
N THR C 56 59.83 39.06 14.69
CA THR C 56 60.26 40.32 15.27
C THR C 56 61.78 40.36 15.46
N SER C 57 62.32 39.36 16.13
CA SER C 57 63.77 39.31 16.36
C SER C 57 64.29 37.90 16.18
N GLY C 58 65.62 37.74 16.19
CA GLY C 58 66.20 36.42 16.05
C GLY C 58 66.38 35.95 14.63
N ASP C 59 66.92 34.75 14.48
CA ASP C 59 67.18 34.20 13.15
C ASP C 59 66.66 32.78 12.96
N LEU C 60 65.96 32.56 11.86
CA LEU C 60 65.42 31.25 11.51
C LEU C 60 66.29 30.68 10.40
N PHE C 61 66.83 29.47 10.60
CA PHE C 61 67.67 28.87 9.59
C PHE C 61 67.14 27.56 9.03
N ILE C 62 66.11 27.63 8.20
CA ILE C 62 65.58 26.41 7.59
C ILE C 62 66.67 25.90 6.66
N GLY C 63 66.83 24.59 6.58
CA GLY C 63 67.89 24.06 5.74
C GLY C 63 69.15 24.53 6.43
N GLU C 64 69.93 25.38 5.77
CA GLU C 64 71.15 25.89 6.39
C GLU C 64 71.39 27.34 6.03
N LYS C 65 70.31 28.07 5.76
CA LYS C 65 70.43 29.47 5.38
C LYS C 65 69.32 30.32 5.99
N ARG C 66 69.70 31.43 6.62
CA ARG C 66 68.74 32.35 7.22
C ARG C 66 67.59 32.64 6.24
N MET C 67 66.35 32.47 6.69
CA MET C 67 65.22 32.71 5.82
C MET C 67 64.15 33.65 6.34
N ASN C 68 64.49 34.43 7.36
CA ASN C 68 63.51 35.36 7.94
C ASN C 68 62.80 36.22 6.90
N ASP C 69 63.47 36.51 5.79
CA ASP C 69 62.91 37.37 4.75
C ASP C 69 62.57 36.65 3.45
N THR C 70 62.80 35.35 3.41
CA THR C 70 62.50 34.56 2.23
C THR C 70 60.98 34.43 2.11
N PRO C 71 60.46 34.39 0.87
CA PRO C 71 59.00 34.26 0.71
C PRO C 71 58.55 32.85 1.15
N PRO C 72 57.31 32.74 1.67
CA PRO C 72 56.78 31.44 2.11
C PRO C 72 56.88 30.29 1.09
N ALA C 73 56.37 30.53 -0.11
CA ALA C 73 56.35 29.51 -1.17
C ALA C 73 57.71 28.94 -1.56
N GLU C 74 58.80 29.53 -1.07
CA GLU C 74 60.13 29.05 -1.41
C GLU C 74 61.02 28.82 -0.20
N ARG C 75 60.56 27.98 0.72
CA ARG C 75 61.35 27.68 1.91
C ARG C 75 61.59 26.18 1.99
N GLY C 76 60.75 25.42 1.29
CA GLY C 76 60.87 23.96 1.28
C GLY C 76 59.90 23.39 2.29
N VAL C 77 59.06 24.28 2.80
CA VAL C 77 58.06 23.96 3.80
C VAL C 77 56.69 23.62 3.23
N GLY C 78 56.15 22.49 3.68
CA GLY C 78 54.83 22.06 3.27
C GLY C 78 54.01 22.03 4.56
N MET C 79 53.11 22.99 4.74
CA MET C 79 52.31 23.04 5.94
C MET C 79 50.86 22.60 5.75
N VAL C 80 50.26 22.12 6.83
CA VAL C 80 48.87 21.70 6.82
C VAL C 80 48.30 22.05 8.18
N PHE C 81 47.49 23.11 8.23
CA PHE C 81 46.88 23.55 9.47
C PHE C 81 45.38 23.30 9.53
N GLN C 82 44.72 23.87 10.52
CA GLN C 82 43.27 23.71 10.69
C GLN C 82 42.43 24.47 9.64
N SER C 83 42.82 25.69 9.29
CA SER C 83 42.07 26.48 8.30
C SER C 83 41.83 25.70 7.00
N TYR C 84 42.57 24.61 6.82
CA TYR C 84 42.46 23.80 5.62
C TYR C 84 43.03 24.55 4.43
N ALA C 85 42.35 24.45 3.29
CA ALA C 85 42.79 25.13 2.07
C ALA C 85 42.05 24.51 0.90
N LEU C 86 40.98 23.78 1.20
CA LEU C 86 40.22 23.14 0.16
C LEU C 86 39.51 24.17 -0.70
N TYR C 87 39.93 24.30 -1.95
CA TYR C 87 39.30 25.25 -2.87
C TYR C 87 37.97 24.67 -3.30
N PRO C 88 36.85 25.30 -2.90
CA PRO C 88 35.52 24.80 -3.27
C PRO C 88 35.30 24.53 -4.76
N HIS C 89 36.14 25.10 -5.62
CA HIS C 89 35.99 24.89 -7.06
C HIS C 89 36.65 23.61 -7.58
N LEU C 90 37.57 23.05 -6.80
CA LEU C 90 38.26 21.82 -7.19
C LEU C 90 37.69 20.56 -6.52
N SER C 91 37.71 19.45 -7.23
CA SER C 91 37.21 18.19 -6.69
C SER C 91 38.26 17.69 -5.70
N VAL C 92 37.90 16.68 -4.93
CA VAL C 92 38.83 16.11 -3.94
C VAL C 92 40.13 15.69 -4.62
N ALA C 93 39.98 15.03 -5.75
CA ALA C 93 41.12 14.55 -6.55
C ALA C 93 41.93 15.74 -7.07
N GLU C 94 41.19 16.79 -7.44
CA GLU C 94 41.79 18.02 -7.98
C GLU C 94 42.65 18.65 -6.89
N ASN C 95 42.14 18.59 -5.68
CA ASN C 95 42.94 19.00 -4.52
C ASN C 95 43.93 17.85 -4.34
N MET C 96 44.88 18.00 -3.47
CA MET C 96 45.87 16.93 -3.25
C MET C 96 46.87 16.87 -4.41
N SER C 97 46.42 17.39 -5.54
CA SER C 97 47.26 17.45 -6.76
C SER C 97 47.66 18.90 -7.01
N PHE C 98 46.74 19.79 -6.68
CA PHE C 98 46.98 21.23 -6.82
C PHE C 98 48.35 21.56 -6.27
N GLY C 99 48.71 20.85 -5.20
CA GLY C 99 50.01 21.04 -4.58
C GLY C 99 51.13 20.82 -5.57
N LEU C 100 51.07 19.74 -6.34
CA LEU C 100 52.09 19.47 -7.35
C LEU C 100 51.78 20.26 -8.60
N LYS C 101 51.55 21.54 -8.41
CA LYS C 101 51.25 22.47 -9.50
C LYS C 101 52.53 22.80 -10.27
N LEU C 102 53.31 23.73 -9.73
CA LEU C 102 54.56 24.15 -10.37
C LEU C 102 55.66 23.11 -10.30
N ALA C 103 55.48 22.08 -9.49
CA ALA C 103 56.49 21.04 -9.35
C ALA C 103 56.76 20.34 -10.69
N GLY C 104 56.05 20.78 -11.73
CA GLY C 104 56.23 20.21 -13.06
C GLY C 104 55.83 18.74 -13.10
N ALA C 105 55.29 18.25 -11.99
CA ALA C 105 54.86 16.87 -11.93
C ALA C 105 53.97 16.59 -13.14
N LYS C 106 54.11 15.39 -13.71
CA LYS C 106 53.30 15.02 -14.86
C LYS C 106 52.34 13.91 -14.47
N LYS C 107 51.17 13.89 -15.11
CA LYS C 107 50.14 12.90 -14.84
C LYS C 107 50.68 11.48 -14.62
N GLU C 108 51.88 11.20 -15.13
CA GLU C 108 52.48 9.89 -14.96
C GLU C 108 52.95 9.68 -13.52
N VAL C 109 53.76 10.62 -13.03
CA VAL C 109 54.27 10.55 -11.66
C VAL C 109 53.17 10.96 -10.68
N ILE C 110 52.47 12.05 -10.99
CA ILE C 110 51.37 12.50 -10.14
C ILE C 110 50.21 11.60 -10.51
N ASN C 111 49.03 11.86 -9.95
CA ASN C 111 47.87 11.03 -10.26
C ASN C 111 48.14 9.61 -9.77
N GLN C 112 49.42 9.24 -9.71
CA GLN C 112 49.80 7.92 -9.25
C GLN C 112 49.90 7.98 -7.73
N ARG C 113 50.72 8.91 -7.23
CA ARG C 113 50.88 9.06 -5.79
C ARG C 113 49.62 9.68 -5.22
N VAL C 114 48.80 10.26 -6.08
CA VAL C 114 47.55 10.85 -5.64
C VAL C 114 46.59 9.70 -5.40
N ASN C 115 46.81 8.59 -6.10
CA ASN C 115 45.97 7.42 -5.94
C ASN C 115 46.42 6.60 -4.72
N GLN C 116 47.73 6.41 -4.59
CA GLN C 116 48.24 5.65 -3.45
C GLN C 116 48.00 6.38 -2.13
N VAL C 117 47.87 7.71 -2.19
CA VAL C 117 47.63 8.50 -0.99
C VAL C 117 46.14 8.52 -0.63
N ALA C 118 45.29 8.60 -1.65
CA ALA C 118 43.86 8.60 -1.42
C ALA C 118 43.47 7.22 -0.89
N GLU C 119 44.42 6.28 -0.97
CA GLU C 119 44.19 4.93 -0.50
C GLU C 119 44.41 4.86 1.02
N VAL C 120 45.63 5.17 1.44
CA VAL C 120 45.93 5.13 2.86
C VAL C 120 45.02 6.04 3.66
N LEU C 121 44.77 7.25 3.17
CA LEU C 121 43.90 8.19 3.87
C LEU C 121 42.43 7.81 3.73
N GLN C 122 42.16 6.73 3.02
CA GLN C 122 40.81 6.20 2.83
C GLN C 122 39.79 7.15 2.21
N LEU C 123 40.18 7.83 1.13
CA LEU C 123 39.28 8.76 0.43
C LEU C 123 39.05 8.29 -1.01
N ALA C 124 39.61 7.13 -1.35
CA ALA C 124 39.47 6.57 -2.70
C ALA C 124 38.06 6.69 -3.25
N HIS C 125 37.05 6.50 -2.41
CA HIS C 125 35.66 6.58 -2.85
C HIS C 125 35.13 8.01 -2.83
N LEU C 126 36.02 8.98 -2.74
CA LEU C 126 35.58 10.37 -2.67
C LEU C 126 36.32 11.33 -3.59
N LEU C 127 37.16 10.78 -4.46
CA LEU C 127 37.93 11.63 -5.36
C LEU C 127 37.10 12.66 -6.13
N ASP C 128 36.07 12.20 -6.83
CA ASP C 128 35.23 13.11 -7.61
C ASP C 128 34.29 13.98 -6.77
N ARG C 129 34.54 14.02 -5.46
CA ARG C 129 33.73 14.82 -4.56
C ARG C 129 34.20 16.26 -4.51
N LYS C 130 33.44 17.11 -3.84
CA LYS C 130 33.78 18.51 -3.69
C LYS C 130 33.73 18.90 -2.22
N PRO C 131 34.73 19.66 -1.75
CA PRO C 131 34.77 20.07 -0.35
C PRO C 131 33.40 20.34 0.25
N LYS C 132 32.55 21.05 -0.47
CA LYS C 132 31.22 21.37 0.03
C LYS C 132 30.45 20.11 0.46
N ALA C 133 30.60 19.03 -0.31
CA ALA C 133 29.88 17.79 -0.02
C ALA C 133 30.69 16.75 0.74
N LEU C 134 31.40 17.18 1.78
CA LEU C 134 32.20 16.30 2.61
C LEU C 134 31.95 16.64 4.06
N SER C 135 32.70 16.00 4.96
CA SER C 135 32.55 16.25 6.38
C SER C 135 33.87 16.71 6.98
N GLY C 136 33.81 17.24 8.20
CA GLY C 136 35.01 17.71 8.85
C GLY C 136 36.16 16.75 8.63
N GLY C 137 36.04 15.58 9.26
CA GLY C 137 37.05 14.54 9.18
C GLY C 137 37.51 14.17 7.79
N GLN C 138 36.58 14.14 6.84
CA GLN C 138 36.96 13.82 5.48
C GLN C 138 37.78 14.97 4.88
N ARG C 139 37.24 16.18 4.92
CA ARG C 139 37.95 17.34 4.40
C ARG C 139 39.37 17.40 4.96
N GLN C 140 39.49 17.14 6.27
CA GLN C 140 40.80 17.21 6.91
C GLN C 140 41.80 16.18 6.39
N ARG C 141 41.30 15.01 5.98
CA ARG C 141 42.22 14.03 5.43
C ARG C 141 42.64 14.51 4.06
N VAL C 142 41.70 15.10 3.32
CA VAL C 142 41.99 15.63 2.00
C VAL C 142 43.13 16.64 2.12
N ALA C 143 42.99 17.56 3.07
CA ALA C 143 44.02 18.57 3.31
C ALA C 143 45.37 17.88 3.54
N ILE C 144 45.38 16.81 4.33
CA ILE C 144 46.63 16.10 4.60
C ILE C 144 47.12 15.53 3.28
N GLY C 145 46.16 15.08 2.48
CA GLY C 145 46.46 14.49 1.20
C GLY C 145 47.28 15.40 0.32
N ARG C 146 46.92 16.68 0.29
CA ARG C 146 47.67 17.64 -0.51
C ARG C 146 49.12 17.65 -0.09
N THR C 147 49.39 18.04 1.14
CA THR C 147 50.75 18.11 1.63
C THR C 147 51.48 16.78 1.49
N LEU C 148 50.77 15.67 1.64
CA LEU C 148 51.44 14.38 1.49
C LEU C 148 51.88 14.21 0.05
N VAL C 149 50.94 14.33 -0.89
CA VAL C 149 51.22 14.18 -2.31
C VAL C 149 52.39 15.07 -2.79
N ALA C 150 52.49 16.26 -2.21
CA ALA C 150 53.54 17.21 -2.56
C ALA C 150 54.91 16.84 -1.98
N GLU C 151 54.92 15.90 -1.03
CA GLU C 151 56.14 15.45 -0.38
C GLU C 151 57.21 16.53 -0.21
N PRO C 152 56.93 17.55 0.61
CA PRO C 152 57.89 18.64 0.84
C PRO C 152 59.18 18.11 1.45
N SER C 153 60.09 19.02 1.79
CA SER C 153 61.35 18.61 2.39
C SER C 153 61.16 18.76 3.90
N VAL C 154 60.17 19.56 4.26
CA VAL C 154 59.84 19.82 5.64
C VAL C 154 58.33 19.85 5.85
N PHE C 155 57.86 18.98 6.74
CA PHE C 155 56.43 18.92 7.04
C PHE C 155 56.14 19.74 8.28
N LEU C 156 55.06 20.50 8.21
CA LEU C 156 54.60 21.31 9.32
C LEU C 156 53.15 20.91 9.48
N LEU C 157 52.87 20.01 10.42
CA LEU C 157 51.53 19.52 10.65
C LEU C 157 50.96 20.16 11.90
N ASP C 158 49.85 20.88 11.76
CA ASP C 158 49.24 21.53 12.90
C ASP C 158 47.92 20.83 13.27
N GLU C 159 48.02 19.89 14.20
CA GLU C 159 46.86 19.11 14.65
C GLU C 159 46.14 18.57 13.41
N PRO C 160 46.86 17.84 12.56
CA PRO C 160 46.35 17.26 11.33
C PRO C 160 45.39 16.09 11.45
N LEU C 161 45.29 15.49 12.64
CA LEU C 161 44.41 14.33 12.79
C LEU C 161 43.19 14.53 13.64
N SER C 162 42.91 15.78 14.02
CA SER C 162 41.70 16.06 14.80
C SER C 162 40.54 15.76 13.85
N ASN C 163 39.31 15.85 14.35
CA ASN C 163 38.14 15.58 13.51
C ASN C 163 37.97 14.12 13.08
N LEU C 164 38.80 13.22 13.62
CA LEU C 164 38.70 11.82 13.25
C LEU C 164 38.34 10.90 14.42
N ASP C 165 37.59 9.84 14.14
CA ASP C 165 37.25 8.89 15.21
C ASP C 165 38.54 8.25 15.76
N ALA C 166 38.46 7.71 16.96
CA ALA C 166 39.62 7.10 17.60
C ALA C 166 40.29 6.00 16.76
N ALA C 167 39.48 5.17 16.12
CA ALA C 167 40.05 4.10 15.31
C ALA C 167 40.82 4.63 14.10
N LEU C 168 40.16 5.46 13.31
CA LEU C 168 40.77 6.03 12.13
C LEU C 168 41.98 6.85 12.51
N ARG C 169 41.89 7.52 13.64
CA ARG C 169 42.99 8.36 14.07
C ARG C 169 44.22 7.51 14.37
N VAL C 170 44.01 6.36 15.01
CA VAL C 170 45.12 5.46 15.34
C VAL C 170 45.73 4.95 14.06
N GLN C 171 44.89 4.67 13.07
CA GLN C 171 45.39 4.22 11.77
C GLN C 171 46.26 5.32 11.14
N MET C 172 45.79 6.58 11.17
CA MET C 172 46.58 7.66 10.59
C MET C 172 47.90 7.83 11.31
N ARG C 173 47.92 7.63 12.63
CA ARG C 173 49.17 7.76 13.36
C ARG C 173 50.17 6.75 12.83
N ILE C 174 49.70 5.59 12.40
CA ILE C 174 50.59 4.58 11.86
C ILE C 174 51.03 5.03 10.46
N GLU C 175 50.09 5.55 9.67
CA GLU C 175 50.45 6.00 8.34
C GLU C 175 51.49 7.13 8.40
N ILE C 176 51.15 8.23 9.08
CA ILE C 176 52.05 9.38 9.23
C ILE C 176 53.40 8.91 9.73
N SER C 177 53.40 7.90 10.60
CA SER C 177 54.64 7.40 11.15
C SER C 177 55.45 6.68 10.07
N ARG C 178 54.75 5.88 9.25
CA ARG C 178 55.39 5.14 8.16
C ARG C 178 55.93 6.12 7.14
N LEU C 179 55.15 7.17 6.87
CA LEU C 179 55.55 8.18 5.92
C LEU C 179 56.84 8.83 6.40
N HIS C 180 57.01 8.94 7.72
CA HIS C 180 58.20 9.55 8.27
C HIS C 180 59.40 8.61 8.21
N LYS C 181 59.14 7.32 8.08
CA LYS C 181 60.21 6.35 7.97
C LYS C 181 60.64 6.24 6.50
N ARG C 182 59.65 6.10 5.62
CA ARG C 182 59.89 5.98 4.19
C ARG C 182 60.77 7.12 3.71
N LEU C 183 60.21 8.32 3.67
CA LEU C 183 60.94 9.50 3.21
C LEU C 183 62.08 9.91 4.16
N GLY C 184 61.78 9.99 5.44
CA GLY C 184 62.82 10.37 6.40
C GLY C 184 63.13 11.86 6.41
N ARG C 185 62.11 12.69 6.23
CA ARG C 185 62.29 14.14 6.22
C ARG C 185 61.78 14.77 7.52
N THR C 186 62.26 15.97 7.81
CA THR C 186 61.88 16.68 9.01
C THR C 186 60.38 16.89 9.13
N MET C 187 59.86 16.70 10.33
CA MET C 187 58.44 16.90 10.62
C MET C 187 58.23 17.63 11.95
N ILE C 188 57.55 18.76 11.86
CA ILE C 188 57.25 19.59 13.02
C ILE C 188 55.73 19.49 13.19
N TYR C 189 55.35 18.68 14.16
CA TYR C 189 53.96 18.34 14.47
C TYR C 189 53.41 19.06 15.71
N VAL C 190 52.25 19.68 15.59
CA VAL C 190 51.66 20.34 16.74
C VAL C 190 50.38 19.59 17.13
N THR C 191 50.24 19.30 18.42
CA THR C 191 49.05 18.57 18.89
C THR C 191 48.75 18.79 20.35
N HIS C 192 47.52 18.46 20.72
CA HIS C 192 47.11 18.55 22.12
C HIS C 192 46.95 17.16 22.68
N ASP C 193 46.81 16.19 21.80
CA ASP C 193 46.66 14.81 22.19
C ASP C 193 48.00 14.30 22.68
N GLN C 194 48.14 14.21 23.98
CA GLN C 194 49.38 13.75 24.59
C GLN C 194 49.77 12.31 24.27
N VAL C 195 48.80 11.44 24.02
CA VAL C 195 49.11 10.06 23.67
C VAL C 195 49.74 10.07 22.26
N GLU C 196 49.26 10.98 21.43
CA GLU C 196 49.78 11.13 20.07
C GLU C 196 51.22 11.61 20.16
N ALA C 197 51.46 12.63 20.99
CA ALA C 197 52.80 13.16 21.13
C ALA C 197 53.72 12.01 21.54
N MET C 198 53.50 11.44 22.73
CA MET C 198 54.29 10.33 23.26
C MET C 198 54.50 9.23 22.22
N THR C 199 53.50 8.97 21.40
CA THR C 199 53.60 7.95 20.38
C THR C 199 54.51 8.27 19.17
N LEU C 200 54.30 9.41 18.54
CA LEU C 200 55.01 9.76 17.29
C LEU C 200 56.39 10.44 17.48
N ALA C 201 56.48 11.32 18.46
CA ALA C 201 57.67 12.15 18.69
C ALA C 201 58.95 11.37 19.05
N ASP C 202 60.05 11.98 18.57
CA ASP C 202 61.44 11.56 18.84
C ASP C 202 61.97 12.46 19.95
N LYS C 203 61.40 13.66 19.90
CA LYS C 203 61.69 14.76 20.80
C LYS C 203 60.42 15.60 20.95
N ILE C 204 60.21 16.15 22.14
CA ILE C 204 59.02 16.95 22.40
C ILE C 204 59.43 18.29 22.95
N VAL C 205 58.81 19.34 22.45
CA VAL C 205 59.11 20.68 22.94
C VAL C 205 57.88 21.18 23.68
N VAL C 206 58.05 21.59 24.94
CA VAL C 206 56.92 22.08 25.71
C VAL C 206 57.00 23.59 25.82
N LEU C 207 56.05 24.27 25.21
CA LEU C 207 56.03 25.72 25.24
C LEU C 207 55.18 26.27 26.37
N ASP C 208 55.59 27.41 26.90
CA ASP C 208 54.85 28.03 27.99
C ASP C 208 54.84 29.55 27.87
N ALA C 209 53.69 30.11 27.50
CA ALA C 209 53.57 31.56 27.37
C ALA C 209 54.68 32.15 26.48
N GLY C 210 54.83 31.59 25.29
CA GLY C 210 55.84 32.07 24.36
C GLY C 210 57.26 31.55 24.55
N ARG C 211 57.58 31.06 25.73
CA ARG C 211 58.92 30.56 26.00
C ARG C 211 59.03 29.05 25.90
N VAL C 212 60.23 28.54 25.69
CA VAL C 212 60.46 27.09 25.61
C VAL C 212 60.72 26.62 27.04
N ALA C 213 59.79 25.84 27.59
CA ALA C 213 59.94 25.36 28.96
C ALA C 213 60.89 24.18 29.05
N GLN C 214 60.66 23.15 28.26
CA GLN C 214 61.54 21.99 28.29
C GLN C 214 61.51 21.22 26.97
N VAL C 215 62.65 20.63 26.64
CA VAL C 215 62.81 19.83 25.44
C VAL C 215 63.34 18.46 25.86
N GLY C 216 62.79 17.39 25.31
CA GLY C 216 63.29 16.10 25.67
C GLY C 216 62.52 15.00 24.98
N LYS C 217 62.93 13.76 25.21
CA LYS C 217 62.21 12.64 24.63
C LYS C 217 60.97 12.49 25.51
N PRO C 218 59.92 11.85 24.99
CA PRO C 218 58.68 11.66 25.76
C PRO C 218 58.84 11.15 27.20
N LEU C 219 59.45 9.98 27.40
CA LEU C 219 59.62 9.46 28.76
C LEU C 219 60.52 10.33 29.62
N GLU C 220 61.33 11.17 28.96
CA GLU C 220 62.24 12.08 29.67
C GLU C 220 61.40 13.16 30.36
N LEU C 221 60.36 13.63 29.68
CA LEU C 221 59.48 14.65 30.23
C LEU C 221 58.50 14.08 31.25
N TYR C 222 58.06 12.84 31.03
CA TYR C 222 57.12 12.19 31.92
C TYR C 222 57.71 11.85 33.29
N HIS C 223 58.94 11.35 33.31
CA HIS C 223 59.61 10.98 34.57
C HIS C 223 60.40 12.10 35.19
N TYR C 224 60.90 13.02 34.37
CA TYR C 224 61.76 14.07 34.92
C TYR C 224 61.48 15.51 34.52
N PRO C 225 60.28 16.02 34.80
CA PRO C 225 59.95 17.40 34.44
C PRO C 225 60.95 18.33 35.09
N ALA C 226 61.37 19.37 34.38
CA ALA C 226 62.34 20.33 34.93
C ALA C 226 61.69 21.34 35.87
N ASP C 227 60.36 21.50 35.78
CA ASP C 227 59.69 22.40 36.69
C ASP C 227 58.23 22.01 36.93
N ARG C 228 57.60 22.71 37.85
CA ARG C 228 56.21 22.45 38.20
C ARG C 228 55.33 22.59 36.97
N PHE C 229 55.58 23.62 36.16
CA PHE C 229 54.75 23.83 34.97
C PHE C 229 54.74 22.64 34.03
N VAL C 230 55.92 22.10 33.71
CA VAL C 230 55.97 20.94 32.81
C VAL C 230 55.34 19.74 33.49
N ALA C 231 55.68 19.56 34.77
CA ALA C 231 55.15 18.47 35.59
C ALA C 231 53.63 18.47 35.53
N GLY C 232 53.05 19.66 35.68
CA GLY C 232 51.61 19.77 35.64
C GLY C 232 51.04 19.70 34.24
N PHE C 233 51.91 19.82 33.23
CA PHE C 233 51.46 19.79 31.83
C PHE C 233 51.55 18.42 31.12
N ILE C 234 52.61 17.69 31.32
CA ILE C 234 52.73 16.36 30.68
C ILE C 234 52.07 15.29 31.58
N GLY C 235 51.03 14.67 31.05
CA GLY C 235 50.29 13.60 31.74
C GLY C 235 48.79 13.94 31.84
N SER C 236 48.00 13.05 31.25
CA SER C 236 46.53 13.15 31.23
C SER C 236 46.04 13.79 32.53
N PRO C 237 45.32 13.08 33.40
CA PRO C 237 44.90 13.66 34.65
C PRO C 237 46.13 14.17 35.37
N LYS C 238 46.21 15.47 35.33
CA LYS C 238 47.29 16.27 35.91
C LYS C 238 47.83 15.67 37.19
N MET C 239 49.14 15.80 37.33
CA MET C 239 49.84 15.35 38.52
C MET C 239 49.26 16.11 39.71
N ASN C 240 49.11 15.41 40.81
CA ASN C 240 48.61 16.03 42.04
C ASN C 240 49.73 16.82 42.67
N PHE C 241 49.38 17.92 43.34
CA PHE C 241 50.38 18.73 44.02
C PHE C 241 49.98 18.94 45.48
N LEU C 242 50.95 18.80 46.38
CA LEU C 242 50.71 18.94 47.80
C LEU C 242 51.69 19.90 48.41
N PRO C 243 51.20 20.85 49.22
CA PRO C 243 52.16 21.79 49.82
C PRO C 243 52.84 21.02 50.94
N VAL C 244 54.16 21.06 50.99
CA VAL C 244 54.90 20.39 52.03
C VAL C 244 55.97 21.33 52.53
N LYS C 245 56.53 20.98 53.69
CA LYS C 245 57.54 21.77 54.36
C LYS C 245 58.79 20.91 54.47
N VAL C 246 59.95 21.49 54.26
CA VAL C 246 61.19 20.74 54.33
C VAL C 246 61.67 20.69 55.75
N THR C 247 61.70 19.49 56.32
CA THR C 247 62.12 19.32 57.70
C THR C 247 63.57 18.89 57.88
N ALA C 248 64.16 18.29 56.85
CA ALA C 248 65.55 17.86 56.90
C ALA C 248 66.00 17.66 55.46
N THR C 249 67.28 17.66 55.22
CA THR C 249 67.82 17.38 53.89
C THR C 249 69.09 16.55 54.09
N ALA C 250 69.40 15.56 53.28
CA ALA C 250 70.69 14.81 53.46
C ALA C 250 71.49 14.91 52.15
N ILE C 251 72.42 14.00 51.93
CA ILE C 251 73.25 14.05 50.71
C ILE C 251 72.38 13.97 49.46
N ASP C 252 71.50 12.99 49.44
CA ASP C 252 70.62 12.78 48.30
C ASP C 252 69.21 12.42 48.71
N GLN C 253 68.84 12.72 49.92
CA GLN C 253 67.48 12.40 50.34
C GLN C 253 66.64 13.67 50.32
N VAL C 254 66.38 14.23 51.48
CA VAL C 254 65.50 15.40 51.58
C VAL C 254 64.21 14.94 52.20
N GLN C 255 63.90 15.54 53.31
CA GLN C 255 62.71 15.17 54.07
C GLN C 255 61.70 16.30 54.09
N VAL C 256 60.45 15.92 53.83
CA VAL C 256 59.34 16.88 53.81
C VAL C 256 58.21 16.44 54.73
N GLU C 257 57.51 17.43 55.24
CA GLU C 257 56.39 17.23 56.16
C GLU C 257 55.05 17.45 55.45
N LEU C 258 54.22 16.42 55.42
CA LEU C 258 52.92 16.48 54.77
C LEU C 258 51.90 17.35 55.52
N PRO C 259 51.00 18.01 54.78
CA PRO C 259 49.97 18.88 55.37
C PRO C 259 49.10 18.16 56.40
N MET C 260 49.11 16.83 56.32
CA MET C 260 48.32 15.95 57.19
C MET C 260 48.34 16.36 58.66
N PRO C 261 47.17 16.22 59.34
CA PRO C 261 47.04 16.57 60.76
C PRO C 261 48.05 15.84 61.63
N ASN C 262 48.52 14.70 61.14
CA ASN C 262 49.52 13.89 61.83
C ASN C 262 50.94 14.30 61.46
N ARG C 263 51.06 15.39 60.71
CA ARG C 263 52.34 15.95 60.26
C ARG C 263 53.38 14.86 60.01
N GLN C 264 53.08 13.97 59.07
CA GLN C 264 54.00 12.89 58.75
C GLN C 264 55.19 13.38 57.91
N GLN C 265 56.38 13.00 58.33
CA GLN C 265 57.59 13.39 57.62
C GLN C 265 58.05 12.19 56.81
N VAL C 266 58.38 12.42 55.54
CA VAL C 266 58.85 11.35 54.67
C VAL C 266 60.05 11.82 53.85
N TRP C 267 61.04 10.94 53.67
CA TRP C 267 62.23 11.26 52.90
C TRP C 267 62.01 10.95 51.42
N LEU C 268 62.50 11.82 50.54
CA LEU C 268 62.34 11.62 49.10
C LEU C 268 63.70 11.49 48.42
N PRO C 269 63.90 10.46 47.59
CA PRO C 269 65.21 10.32 46.91
C PRO C 269 65.30 11.45 45.89
N VAL C 270 65.71 12.62 46.36
CA VAL C 270 65.76 13.79 45.49
C VAL C 270 67.00 14.66 45.62
N GLU C 271 67.32 15.36 44.53
CA GLU C 271 68.49 16.22 44.42
C GLU C 271 69.03 16.85 45.68
N SER C 272 68.24 17.64 46.39
CA SER C 272 68.75 18.29 47.63
C SER C 272 69.58 19.53 47.34
N ARG C 273 70.13 19.59 46.12
CA ARG C 273 70.91 20.74 45.71
C ARG C 273 69.96 21.94 45.79
N ASP C 274 70.40 23.02 46.43
CA ASP C 274 69.58 24.22 46.54
C ASP C 274 68.25 23.98 47.27
N VAL C 275 68.31 23.33 48.42
CA VAL C 275 67.10 23.07 49.23
C VAL C 275 67.38 23.45 50.69
N GLN C 276 66.50 24.25 51.27
CA GLN C 276 66.68 24.72 52.64
C GLN C 276 65.55 24.31 53.58
N VAL C 277 65.98 23.73 54.68
CA VAL C 277 65.09 23.35 55.76
C VAL C 277 64.24 24.57 56.07
N GLY C 278 62.95 24.40 55.97
CA GLY C 278 62.00 25.47 56.26
C GLY C 278 61.26 25.92 55.00
N ALA C 279 61.88 25.74 53.86
CA ALA C 279 61.28 26.13 52.58
C ALA C 279 59.90 25.48 52.44
N ASN C 280 59.04 26.15 51.71
CA ASN C 280 57.71 25.62 51.38
C ASN C 280 57.78 25.16 49.96
N MET C 281 57.75 23.83 49.79
CA MET C 281 57.86 23.27 48.47
C MET C 281 56.56 22.59 48.09
N SER C 282 56.54 22.09 46.86
CA SER C 282 55.39 21.43 46.31
C SER C 282 55.80 19.97 46.04
N LEU C 283 54.98 19.02 46.46
CA LEU C 283 55.29 17.63 46.24
C LEU C 283 54.34 17.16 45.18
N GLY C 284 54.88 16.49 44.16
CA GLY C 284 54.06 16.00 43.08
C GLY C 284 54.02 14.50 43.05
N ILE C 285 52.87 13.96 42.67
CA ILE C 285 52.68 12.54 42.57
C ILE C 285 51.56 12.39 41.58
N ARG C 286 51.74 11.49 40.62
CA ARG C 286 50.76 11.27 39.57
C ARG C 286 49.66 10.33 40.02
N PRO C 287 48.44 10.52 39.50
CA PRO C 287 47.31 9.66 39.87
C PRO C 287 47.57 8.17 39.66
N GLU C 288 48.38 7.83 38.68
CA GLU C 288 48.69 6.44 38.39
C GLU C 288 49.89 5.92 39.17
N HIS C 289 50.50 6.76 39.99
CA HIS C 289 51.64 6.32 40.76
C HIS C 289 51.28 6.16 42.24
N LEU C 290 50.09 6.60 42.60
CA LEU C 290 49.62 6.47 43.96
C LEU C 290 49.38 4.96 44.12
N LEU C 291 49.58 4.45 45.33
CA LEU C 291 49.40 3.02 45.58
C LEU C 291 48.16 2.70 46.38
N PRO C 292 47.74 1.42 46.40
CA PRO C 292 46.57 1.01 47.18
C PRO C 292 46.96 1.17 48.65
N SER C 293 46.01 1.52 49.52
CA SER C 293 46.32 1.73 50.93
C SER C 293 47.04 0.59 51.67
N ASP C 294 46.50 -0.62 51.59
CA ASP C 294 47.11 -1.75 52.28
C ASP C 294 48.56 -2.03 51.87
N ILE C 295 48.84 -1.90 50.59
CA ILE C 295 50.19 -2.20 50.07
C ILE C 295 51.11 -0.97 50.09
N ALA C 296 51.13 -0.26 51.22
CA ALA C 296 52.01 0.93 51.33
C ALA C 296 51.93 1.60 52.70
N ASP C 297 53.02 2.32 52.96
CA ASP C 297 53.18 3.17 54.16
C ASP C 297 52.85 4.58 53.72
N VAL C 298 52.78 5.49 54.65
CA VAL C 298 52.41 6.87 54.31
C VAL C 298 51.11 6.81 53.52
N ILE C 299 50.03 6.78 54.26
CA ILE C 299 48.69 6.68 53.68
C ILE C 299 47.94 7.99 53.82
N LEU C 300 47.00 8.24 52.92
CA LEU C 300 46.20 9.45 52.96
C LEU C 300 44.76 9.01 52.80
N GLU C 301 43.90 9.39 53.74
CA GLU C 301 42.48 9.04 53.69
C GLU C 301 41.66 10.28 53.42
N GLY C 302 40.50 10.10 52.80
CA GLY C 302 39.64 11.24 52.51
C GLY C 302 38.28 10.87 51.97
N GLU C 303 37.49 11.88 51.62
CA GLU C 303 36.13 11.70 51.10
C GLU C 303 36.05 11.69 49.57
N VAL C 304 35.59 10.57 49.02
CA VAL C 304 35.42 10.45 47.59
C VAL C 304 34.47 11.55 47.12
N GLN C 305 34.93 12.40 46.20
CA GLN C 305 34.10 13.48 45.68
C GLN C 305 33.52 13.11 44.35
N VAL C 306 34.38 12.58 43.49
CA VAL C 306 33.96 12.21 42.13
C VAL C 306 34.48 10.84 41.77
N VAL C 307 33.76 10.19 40.88
CA VAL C 307 34.16 8.89 40.40
C VAL C 307 33.74 8.81 38.95
N GLU C 308 34.71 8.78 38.06
CA GLU C 308 34.44 8.70 36.64
C GLU C 308 34.76 7.28 36.18
N GLN C 309 33.78 6.64 35.55
CA GLN C 309 33.92 5.28 35.05
C GLN C 309 34.31 5.32 33.57
N LEU C 310 35.58 5.09 33.28
CA LEU C 310 36.04 5.13 31.91
C LEU C 310 35.94 3.80 31.18
N GLY C 311 35.72 2.72 31.92
CA GLY C 311 35.60 1.41 31.29
C GLY C 311 36.81 0.52 31.51
N ASN C 312 37.98 1.02 31.10
CA ASN C 312 39.23 0.29 31.23
C ASN C 312 39.79 0.67 32.56
N GLU C 313 39.32 1.78 33.10
CA GLU C 313 39.84 2.20 34.39
C GLU C 313 38.84 3.09 35.13
N THR C 314 39.14 3.40 36.38
CA THR C 314 38.24 4.24 37.16
C THR C 314 39.05 5.34 37.83
N GLN C 315 38.66 6.59 37.64
CA GLN C 315 39.39 7.71 38.28
C GLN C 315 38.53 8.16 39.44
N ILE C 316 39.15 8.23 40.62
CA ILE C 316 38.52 8.58 41.88
C ILE C 316 39.08 9.85 42.50
N HIS C 317 38.29 10.91 42.63
CA HIS C 317 38.80 12.13 43.27
C HIS C 317 38.53 12.04 44.77
N ILE C 318 39.57 12.29 45.55
CA ILE C 318 39.49 12.19 47.00
C ILE C 318 39.79 13.49 47.72
N GLN C 319 38.81 14.00 48.46
CA GLN C 319 39.06 15.22 49.22
C GLN C 319 39.72 14.79 50.51
N ILE C 320 40.92 15.31 50.77
CA ILE C 320 41.62 14.94 51.99
C ILE C 320 41.68 16.14 52.91
N PRO C 321 41.26 15.93 54.18
CA PRO C 321 41.29 17.00 55.17
C PRO C 321 42.74 17.42 55.33
N SER C 322 43.12 18.47 54.58
CA SER C 322 44.48 19.03 54.57
C SER C 322 44.69 19.79 53.26
N ILE C 323 44.73 19.07 52.15
CA ILE C 323 44.93 19.67 50.82
C ILE C 323 43.64 20.32 50.31
N ARG C 324 43.76 21.55 49.84
CA ARG C 324 42.60 22.27 49.33
C ARG C 324 42.09 21.64 48.04
N GLN C 325 43.00 21.12 47.22
CA GLN C 325 42.60 20.49 45.96
C GLN C 325 42.32 19.01 46.11
N ASN C 326 41.34 18.52 45.37
CA ASN C 326 41.03 17.10 45.42
C ASN C 326 42.26 16.35 44.93
N LEU C 327 42.49 15.16 45.47
CA LEU C 327 43.62 14.35 45.04
C LEU C 327 43.06 13.36 44.05
N VAL C 328 43.58 13.33 42.83
CA VAL C 328 43.07 12.39 41.83
C VAL C 328 43.88 11.10 41.81
N TYR C 329 43.18 9.99 41.65
CA TYR C 329 43.77 8.66 41.69
C TYR C 329 43.21 7.75 40.60
N ARG C 330 44.07 7.08 39.84
CA ARG C 330 43.61 6.18 38.77
C ARG C 330 43.80 4.75 39.22
N GLN C 331 42.74 3.96 39.13
CA GLN C 331 42.77 2.57 39.49
C GLN C 331 42.24 1.80 38.31
N ASN C 332 42.89 0.67 38.06
CA ASN C 332 42.55 -0.18 36.95
C ASN C 332 41.17 -0.80 37.03
N ASP C 333 40.57 -1.00 35.86
CA ASP C 333 39.27 -1.62 35.74
C ASP C 333 38.12 -0.80 36.32
N VAL C 334 36.93 -1.42 36.33
CA VAL C 334 35.74 -0.81 36.88
C VAL C 334 35.79 -0.96 38.40
N VAL C 335 35.66 0.16 39.11
CA VAL C 335 35.70 0.18 40.56
C VAL C 335 34.49 0.93 41.11
N LEU C 336 33.65 0.21 41.86
CA LEU C 336 32.45 0.83 42.42
C LEU C 336 32.75 1.47 43.75
N VAL C 337 32.49 2.77 43.82
CA VAL C 337 32.71 3.54 45.03
C VAL C 337 31.59 4.55 45.07
N GLU C 338 31.04 4.77 46.26
CA GLU C 338 29.94 5.72 46.40
C GLU C 338 30.46 7.13 46.63
N GLU C 339 29.90 8.07 45.88
CA GLU C 339 30.30 9.46 46.00
C GLU C 339 30.06 9.97 47.43
N GLY C 340 30.99 9.65 48.32
CA GLY C 340 30.90 10.09 49.71
C GLY C 340 31.72 9.19 50.61
N ALA C 341 32.06 8.01 50.09
CA ALA C 341 32.84 7.00 50.81
C ALA C 341 34.20 7.43 51.33
N THR C 342 34.70 6.69 52.30
CA THR C 342 36.02 6.95 52.86
C THR C 342 36.99 6.09 52.06
N PHE C 343 38.04 6.72 51.54
CA PHE C 343 39.01 6.02 50.69
C PHE C 343 40.44 6.29 51.13
N ALA C 344 41.32 5.31 50.94
CA ALA C 344 42.72 5.48 51.32
C ALA C 344 43.63 5.10 50.13
N ILE C 345 44.83 5.66 50.16
CA ILE C 345 45.84 5.42 49.10
C ILE C 345 47.26 5.63 49.64
N GLY C 346 48.21 4.99 48.97
CA GLY C 346 49.64 5.03 49.34
C GLY C 346 50.41 6.07 48.50
N LEU C 347 51.34 6.73 49.19
CA LEU C 347 52.21 7.78 48.62
C LEU C 347 53.65 7.25 48.43
N PRO C 348 53.93 6.58 47.29
CA PRO C 348 55.26 6.01 47.00
C PRO C 348 56.36 7.07 46.92
N PRO C 349 57.31 7.13 47.89
CA PRO C 349 58.38 8.16 47.90
C PRO C 349 59.24 8.18 46.63
N GLU C 350 59.63 7.02 46.11
CA GLU C 350 60.52 6.98 44.90
C GLU C 350 59.88 7.66 43.69
N ARG C 351 58.55 7.80 43.70
CA ARG C 351 57.91 8.41 42.56
C ARG C 351 57.31 9.76 42.80
N CYS C 352 57.85 10.43 43.80
CA CYS C 352 57.40 11.76 44.18
C CYS C 352 58.34 12.84 43.67
N HIS C 353 57.80 13.85 42.99
CA HIS C 353 58.65 14.94 42.53
C HIS C 353 58.62 16.03 43.60
N LEU C 354 59.67 16.84 43.67
CA LEU C 354 59.69 17.92 44.63
C LEU C 354 60.02 19.22 43.90
N PHE C 355 59.15 20.21 44.05
CA PHE C 355 59.35 21.50 43.39
C PHE C 355 59.65 22.62 44.38
N ARG C 356 60.70 23.40 44.12
CA ARG C 356 61.07 24.51 44.99
C ARG C 356 60.02 25.61 44.90
N GLU C 357 60.20 26.64 45.71
CA GLU C 357 59.28 27.78 45.74
C GLU C 357 59.22 28.46 44.36
N ASP C 358 60.36 28.52 43.66
CA ASP C 358 60.40 29.14 42.34
C ASP C 358 59.93 28.17 41.25
N GLY C 359 59.40 27.01 41.66
CA GLY C 359 58.88 26.03 40.73
C GLY C 359 59.84 25.06 40.08
N THR C 360 61.15 25.31 40.20
CA THR C 360 62.11 24.41 39.58
C THR C 360 62.15 23.11 40.37
N ALA C 361 62.23 22.03 39.63
CA ALA C 361 62.23 20.69 40.21
C ALA C 361 63.60 20.32 40.77
N CYS C 362 63.53 19.56 41.84
CA CYS C 362 64.70 18.97 42.49
C CYS C 362 64.90 17.59 41.87
N ARG C 363 65.85 17.55 40.97
CA ARG C 363 66.21 16.36 40.18
C ARG C 363 65.96 15.07 40.99
N ARG C 364 65.12 14.24 40.41
CA ARG C 364 64.76 12.91 40.95
C ARG C 364 65.92 11.95 40.73
N LEU C 365 66.37 11.35 41.80
CA LEU C 365 67.52 10.43 41.75
C LEU C 365 67.07 8.99 41.50
N HIS C 366 65.78 8.72 41.61
CA HIS C 366 65.32 7.36 41.34
C HIS C 366 65.46 7.11 39.84
N LYS C 367 66.12 6.02 39.48
CA LYS C 367 66.28 5.71 38.07
C LYS C 367 65.01 5.01 37.61
N GLU C 368 64.42 5.51 36.54
CA GLU C 368 63.21 4.92 36.02
C GLU C 368 63.53 4.22 34.71
N PRO C 369 62.82 3.13 34.40
CA PRO C 369 63.08 2.42 33.15
C PRO C 369 62.81 3.34 31.95
N GLY C 370 63.85 3.60 31.16
CA GLY C 370 63.69 4.46 30.00
C GLY C 370 64.65 5.63 29.83
N VAL D 4 14.58 17.06 20.92
CA VAL D 4 14.41 16.07 22.00
C VAL D 4 13.82 14.78 21.43
N GLN D 5 13.45 14.78 20.14
CA GLN D 5 12.84 13.57 19.57
C GLN D 5 12.80 13.46 18.04
N LEU D 6 13.31 12.34 17.53
CA LEU D 6 13.32 12.07 16.09
C LEU D 6 12.47 10.83 15.83
N GLN D 7 11.99 10.70 14.59
CA GLN D 7 11.11 9.58 14.26
C GLN D 7 11.22 9.23 12.77
N ASN D 8 12.07 8.25 12.45
CA ASN D 8 12.29 7.83 11.07
C ASN D 8 12.85 8.98 10.25
N VAL D 9 13.61 9.84 10.91
CA VAL D 9 14.23 10.98 10.25
C VAL D 9 15.23 10.46 9.23
N THR D 10 14.91 10.61 7.95
CA THR D 10 15.79 10.15 6.89
C THR D 10 16.29 11.36 6.12
N LYS D 11 17.59 11.40 5.86
CA LYS D 11 18.15 12.51 5.11
C LYS D 11 18.98 11.95 3.98
N ALA D 12 18.96 12.64 2.85
CA ALA D 12 19.72 12.19 1.70
C ALA D 12 19.73 13.22 0.60
N TRP D 13 20.77 13.14 -0.23
CA TRP D 13 20.95 14.03 -1.36
C TRP D 13 21.38 13.17 -2.55
N GLY D 14 20.41 12.81 -3.37
CA GLY D 14 20.69 11.96 -4.52
C GLY D 14 20.76 10.52 -4.03
N GLU D 15 21.52 9.68 -4.72
CA GLU D 15 21.64 8.29 -4.31
C GLU D 15 22.70 8.14 -3.21
N VAL D 16 23.03 9.27 -2.58
CA VAL D 16 24.01 9.29 -1.50
C VAL D 16 23.25 9.54 -0.19
N VAL D 17 22.61 8.50 0.33
CA VAL D 17 21.83 8.59 1.56
C VAL D 17 22.73 8.76 2.79
N VAL D 18 22.69 9.96 3.38
CA VAL D 18 23.50 10.30 4.55
C VAL D 18 22.97 9.72 5.84
N SER D 19 21.65 9.61 5.95
CA SER D 19 21.03 9.08 7.16
C SER D 19 19.80 8.26 6.84
N LYS D 20 19.66 7.13 7.51
CA LYS D 20 18.53 6.23 7.33
C LYS D 20 17.45 6.60 8.33
N ASP D 21 16.42 5.78 8.43
CA ASP D 21 15.30 6.05 9.33
C ASP D 21 15.71 5.95 10.80
N ILE D 22 16.56 6.87 11.25
CA ILE D 22 17.01 6.87 12.64
C ILE D 22 15.86 7.25 13.57
N ASN D 23 15.74 6.54 14.69
CA ASN D 23 14.70 6.79 15.68
C ASN D 23 15.29 7.07 17.05
N LEU D 24 15.59 8.33 17.35
CA LEU D 24 16.15 8.69 18.63
C LEU D 24 15.05 9.20 19.55
N ASP D 25 15.21 8.92 20.85
CA ASP D 25 14.24 9.32 21.86
C ASP D 25 14.96 10.03 23.00
N ILE D 26 15.32 11.29 22.79
CA ILE D 26 16.04 12.07 23.79
C ILE D 26 15.11 12.74 24.79
N HIS D 27 15.19 12.31 26.05
CA HIS D 27 14.35 12.88 27.10
C HIS D 27 14.73 14.31 27.41
N GLU D 28 13.96 14.96 28.28
CA GLU D 28 14.22 16.34 28.64
C GLU D 28 15.35 16.43 29.66
N GLY D 29 16.31 17.33 29.41
CA GLY D 29 17.42 17.51 30.32
C GLY D 29 18.32 16.29 30.42
N GLU D 30 18.48 15.58 29.32
CA GLU D 30 19.33 14.40 29.29
C GLU D 30 20.60 14.84 28.55
N PHE D 31 21.76 14.34 28.97
CA PHE D 31 23.02 14.68 28.30
C PHE D 31 23.29 13.55 27.30
N VAL D 32 23.15 13.82 26.02
CA VAL D 32 23.37 12.81 25.01
C VAL D 32 24.52 13.13 24.05
N VAL D 33 25.51 12.24 23.97
CA VAL D 33 26.62 12.51 23.04
C VAL D 33 26.53 11.56 21.85
N PHE D 34 26.91 12.07 20.68
CA PHE D 34 26.89 11.27 19.46
C PHE D 34 28.32 10.94 19.06
N VAL D 35 28.56 9.67 18.78
CA VAL D 35 29.87 9.22 18.36
C VAL D 35 29.68 8.33 17.15
N GLY D 36 30.71 8.25 16.32
CA GLY D 36 30.61 7.43 15.14
C GLY D 36 31.81 7.69 14.26
N PRO D 37 32.06 6.83 13.28
CA PRO D 37 33.19 6.96 12.36
C PRO D 37 33.06 8.24 11.57
N SER D 38 34.20 8.79 11.15
CA SER D 38 34.22 10.00 10.34
C SER D 38 33.32 9.72 9.13
N GLY D 39 32.30 10.55 8.93
CA GLY D 39 31.40 10.35 7.80
C GLY D 39 30.07 9.67 8.07
N CYS D 40 29.91 9.09 9.25
CA CYS D 40 28.67 8.38 9.58
C CYS D 40 27.39 9.23 9.61
N GLY D 41 27.53 10.55 9.75
CA GLY D 41 26.37 11.43 9.77
C GLY D 41 26.08 12.15 11.08
N LYS D 42 27.11 12.39 11.89
CA LYS D 42 26.93 13.06 13.18
C LYS D 42 26.66 14.57 13.06
N SER D 43 27.43 15.25 12.22
CA SER D 43 27.26 16.68 12.05
C SER D 43 25.97 16.99 11.30
N THR D 44 25.70 16.23 10.24
CA THR D 44 24.49 16.43 9.48
C THR D 44 23.29 16.27 10.39
N LEU D 45 23.31 15.22 11.19
CA LEU D 45 22.23 14.94 12.11
C LEU D 45 22.00 16.12 13.04
N LEU D 46 23.07 16.60 13.66
CA LEU D 46 22.99 17.73 14.58
C LEU D 46 22.43 18.98 13.90
N ARG D 47 22.82 19.21 12.65
CA ARG D 47 22.33 20.37 11.92
C ARG D 47 20.83 20.24 11.59
N MET D 48 20.42 19.06 11.14
CA MET D 48 19.02 18.82 10.84
C MET D 48 18.19 19.07 12.09
N ILE D 49 18.71 18.65 13.25
CA ILE D 49 17.98 18.87 14.52
C ILE D 49 17.74 20.36 14.70
N ALA D 50 18.52 21.17 13.99
CA ALA D 50 18.40 22.61 14.03
C ALA D 50 18.06 23.06 12.61
N GLY D 51 18.63 24.17 12.17
CA GLY D 51 18.37 24.63 10.82
C GLY D 51 19.61 24.29 10.01
N LEU D 52 19.91 25.10 9.00
CA LEU D 52 21.10 24.87 8.19
C LEU D 52 21.03 23.60 7.35
N GLU D 53 20.09 22.72 7.68
CA GLU D 53 19.95 21.48 6.92
C GLU D 53 18.52 20.96 6.89
N THR D 54 18.09 20.56 5.69
CA THR D 54 16.74 20.07 5.47
C THR D 54 16.54 18.63 5.96
N ILE D 55 15.28 18.22 6.09
CA ILE D 55 14.93 16.87 6.54
C ILE D 55 14.14 16.14 5.44
N THR D 56 14.83 15.30 4.67
CA THR D 56 14.19 14.58 3.57
C THR D 56 12.96 13.75 3.98
N SER D 57 12.89 13.30 5.23
CA SER D 57 11.75 12.51 5.69
C SER D 57 11.77 12.35 7.20
N GLY D 58 10.62 12.04 7.79
CA GLY D 58 10.58 11.86 9.22
C GLY D 58 10.05 13.06 9.99
N ASP D 59 9.92 12.90 11.30
CA ASP D 59 9.41 13.97 12.17
C ASP D 59 10.42 14.40 13.23
N LEU D 60 10.41 15.69 13.55
CA LEU D 60 11.31 16.24 14.55
C LEU D 60 10.49 16.86 15.68
N PHE D 61 10.26 16.07 16.73
CA PHE D 61 9.48 16.52 17.88
C PHE D 61 10.28 17.21 18.97
N ILE D 62 10.48 18.52 18.82
CA ILE D 62 11.22 19.27 19.82
C ILE D 62 10.20 19.90 20.76
N GLY D 63 10.16 19.44 22.01
CA GLY D 63 9.20 19.99 22.95
C GLY D 63 7.90 19.21 22.96
N GLU D 64 7.29 19.04 21.79
CA GLU D 64 6.05 18.28 21.70
C GLU D 64 5.67 18.07 20.25
N LYS D 65 5.34 19.16 19.55
CA LYS D 65 4.94 19.06 18.17
C LYS D 65 6.09 19.30 17.20
N ARG D 66 5.97 18.67 16.04
CA ARG D 66 6.96 18.75 14.97
C ARG D 66 7.54 20.15 14.77
N MET D 67 8.73 20.19 14.17
CA MET D 67 9.41 21.45 13.90
C MET D 67 10.38 21.36 12.72
N ASN D 68 10.00 20.59 11.71
CA ASN D 68 10.85 20.42 10.53
C ASN D 68 10.82 21.66 9.63
N ASP D 69 9.73 22.41 9.73
CA ASP D 69 9.54 23.60 8.91
C ASP D 69 9.77 24.89 9.67
N THR D 70 9.79 24.81 11.00
CA THR D 70 10.01 25.98 11.84
C THR D 70 11.35 26.59 11.46
N PRO D 71 11.41 27.93 11.33
CA PRO D 71 12.66 28.60 10.97
C PRO D 71 13.74 28.41 12.04
N PRO D 72 15.02 28.32 11.62
CA PRO D 72 16.14 28.14 12.55
C PRO D 72 16.03 29.06 13.75
N ALA D 73 15.38 30.21 13.55
CA ALA D 73 15.21 31.19 14.61
C ALA D 73 14.71 30.54 15.89
N GLU D 74 13.39 30.45 16.03
CA GLU D 74 12.79 29.89 17.22
C GLU D 74 12.59 28.38 17.07
N ARG D 75 13.29 27.63 17.92
CA ARG D 75 13.24 26.17 17.95
C ARG D 75 13.59 25.81 19.39
N GLY D 76 14.46 26.62 19.97
CA GLY D 76 14.93 26.41 21.32
C GLY D 76 16.40 26.05 21.21
N VAL D 77 16.85 25.94 19.97
CA VAL D 77 18.22 25.59 19.64
C VAL D 77 19.24 26.72 19.85
N GLY D 78 20.49 26.33 20.00
CA GLY D 78 21.58 27.26 20.18
C GLY D 78 22.87 26.57 19.76
N MET D 79 23.15 26.58 18.46
CA MET D 79 24.34 25.91 17.91
C MET D 79 25.49 26.85 17.51
N VAL D 80 26.00 26.66 16.29
CA VAL D 80 27.12 27.44 15.76
C VAL D 80 28.37 27.13 16.59
N PHE D 81 29.35 26.50 15.99
CA PHE D 81 30.55 26.12 16.76
C PHE D 81 31.85 26.00 15.94
N GLN D 82 32.89 25.81 16.75
CA GLN D 82 34.30 25.49 16.39
C GLN D 82 34.99 26.62 15.60
N SER D 83 36.06 27.08 16.23
CA SER D 83 36.96 28.15 15.76
C SER D 83 36.51 28.78 14.44
N TYR D 84 36.19 30.05 14.61
CA TYR D 84 35.77 31.01 13.57
C TYR D 84 34.40 30.65 12.99
N ALA D 85 33.49 31.40 13.55
CA ALA D 85 32.07 31.45 13.25
C ALA D 85 31.62 32.76 13.87
N LEU D 86 32.69 33.45 14.26
CA LEU D 86 32.69 34.76 14.91
C LEU D 86 32.77 35.89 13.86
N TYR D 87 32.26 37.04 14.26
CA TYR D 87 32.23 38.24 13.41
C TYR D 87 33.60 38.94 13.45
N PRO D 88 34.36 38.89 12.35
CA PRO D 88 35.69 39.50 12.29
C PRO D 88 35.72 40.99 12.66
N HIS D 89 34.60 41.66 12.70
CA HIS D 89 34.60 43.11 13.04
C HIS D 89 34.27 43.36 14.53
N LEU D 90 33.40 42.54 15.09
CA LEU D 90 33.04 42.67 16.51
C LEU D 90 34.25 42.25 17.36
N SER D 91 34.08 42.35 18.66
CA SER D 91 35.14 41.94 19.60
C SER D 91 34.71 40.64 20.26
N VAL D 92 35.49 40.19 21.21
CA VAL D 92 35.17 38.96 21.93
C VAL D 92 33.88 39.15 22.71
N ALA D 93 33.86 40.17 23.54
CA ALA D 93 32.71 40.49 24.37
C ALA D 93 31.46 40.70 23.50
N GLU D 94 31.68 41.28 22.34
CA GLU D 94 30.59 41.59 21.40
C GLU D 94 29.99 40.29 20.81
N ASN D 95 30.88 39.36 20.48
CA ASN D 95 30.48 38.08 19.89
C ASN D 95 29.78 37.19 20.93
N MET D 96 30.34 37.20 22.14
CA MET D 96 29.80 36.37 23.23
C MET D 96 28.45 36.91 23.73
N SER D 97 28.32 38.23 23.70
CA SER D 97 27.08 38.88 24.18
C SER D 97 26.08 39.11 23.04
N PHE D 98 25.96 38.11 22.19
CA PHE D 98 25.03 38.15 21.05
C PHE D 98 23.75 37.39 21.39
N GLY D 99 23.48 37.33 22.69
CA GLY D 99 22.32 36.61 23.22
C GLY D 99 21.15 37.56 23.46
N LEU D 100 20.87 38.39 22.47
CA LEU D 100 19.76 39.36 22.53
C LEU D 100 18.54 38.79 21.81
N LYS D 101 18.79 37.84 20.92
CA LYS D 101 17.72 37.19 20.12
C LYS D 101 18.16 35.83 19.56
N LEU D 102 18.09 34.81 20.40
CA LEU D 102 18.48 33.44 20.01
C LEU D 102 17.46 32.41 20.52
N ALA D 103 16.19 32.74 20.32
CA ALA D 103 15.05 31.87 20.71
C ALA D 103 14.81 31.90 22.23
N GLY D 104 14.24 33.00 22.71
CA GLY D 104 13.94 33.17 24.14
C GLY D 104 13.61 34.63 24.47
N ALA D 105 13.83 34.98 25.74
CA ALA D 105 13.55 36.34 26.22
C ALA D 105 14.53 36.72 27.34
N LYS D 106 15.44 37.63 26.99
CA LYS D 106 16.48 38.13 27.91
C LYS D 106 16.50 39.66 27.90
N LYS D 107 17.05 40.24 28.97
CA LYS D 107 17.15 41.70 29.13
C LYS D 107 18.22 42.26 28.19
N GLU D 108 18.94 43.27 28.68
CA GLU D 108 19.99 43.93 27.89
C GLU D 108 21.16 44.40 28.78
N VAL D 109 21.11 43.97 30.03
CA VAL D 109 22.16 44.27 31.02
C VAL D 109 22.76 42.95 31.49
N ILE D 110 22.79 42.03 30.55
CA ILE D 110 23.26 40.65 30.77
C ILE D 110 24.78 40.59 30.96
N ASN D 111 25.38 41.76 31.04
CA ASN D 111 26.83 41.86 31.25
C ASN D 111 27.25 41.02 32.47
N GLN D 112 26.26 40.75 33.31
CA GLN D 112 26.47 39.99 34.54
C GLN D 112 26.79 38.52 34.24
N ARG D 113 26.50 38.10 33.02
CA ARG D 113 26.73 36.70 32.63
C ARG D 113 27.87 36.57 31.62
N VAL D 114 27.89 37.44 30.64
CA VAL D 114 28.96 37.41 29.63
C VAL D 114 30.31 37.54 30.32
N ASN D 115 30.27 38.04 31.53
CA ASN D 115 31.48 38.24 32.34
C ASN D 115 31.74 37.01 33.22
N GLN D 116 30.67 36.29 33.51
CA GLN D 116 30.76 35.08 34.35
C GLN D 116 31.09 33.87 33.47
N VAL D 117 30.73 33.96 32.21
CA VAL D 117 31.00 32.87 31.25
C VAL D 117 32.46 32.95 30.78
N ALA D 118 32.85 34.15 30.38
CA ALA D 118 34.21 34.39 29.92
C ALA D 118 35.18 34.04 31.05
N GLU D 119 34.62 33.90 32.23
CA GLU D 119 35.40 33.57 33.43
C GLU D 119 35.70 32.07 33.47
N VAL D 120 34.65 31.28 33.28
CA VAL D 120 34.80 29.81 33.29
C VAL D 120 35.63 29.34 32.09
N LEU D 121 35.50 30.04 31.00
CA LEU D 121 36.24 29.69 29.76
C LEU D 121 37.63 30.33 29.77
N GLN D 122 37.99 30.88 30.91
CA GLN D 122 39.29 31.54 31.09
C GLN D 122 39.58 32.48 29.90
N LEU D 123 38.61 33.32 29.64
CA LEU D 123 38.66 34.29 28.53
C LEU D 123 38.57 35.74 29.06
N ALA D 124 38.55 35.86 30.37
CA ALA D 124 38.41 37.17 31.04
C ALA D 124 39.33 38.25 30.44
N HIS D 125 40.62 37.94 30.41
CA HIS D 125 41.63 38.89 29.93
C HIS D 125 41.64 39.03 28.39
N LEU D 126 40.56 38.60 27.74
CA LEU D 126 40.47 38.67 26.26
C LEU D 126 39.13 39.22 25.76
N LEU D 127 38.39 39.85 26.64
CA LEU D 127 37.05 40.38 26.32
C LEU D 127 37.08 41.44 25.19
N ASP D 128 38.03 42.36 25.28
CA ASP D 128 38.14 43.46 24.31
C ASP D 128 38.98 43.08 23.08
N ARG D 129 39.25 41.79 22.96
CA ARG D 129 40.05 41.26 21.85
C ARG D 129 39.17 41.02 20.62
N LYS D 130 39.82 41.03 19.45
CA LYS D 130 39.14 40.79 18.17
C LYS D 130 39.54 39.40 17.65
N PRO D 131 38.63 38.67 16.99
CA PRO D 131 38.90 37.31 16.56
C PRO D 131 40.24 37.12 15.88
N LYS D 132 40.63 38.00 14.99
CA LYS D 132 41.92 37.85 14.30
C LYS D 132 43.09 37.87 15.32
N ALA D 133 42.77 38.14 16.58
CA ALA D 133 43.79 38.24 17.63
C ALA D 133 43.69 37.10 18.67
N LEU D 134 42.97 36.07 18.32
CA LEU D 134 42.79 34.90 19.22
C LEU D 134 43.33 33.62 18.55
N SER D 135 43.87 32.75 19.38
CA SER D 135 44.40 31.45 18.91
C SER D 135 43.23 30.52 18.62
N GLY D 136 43.51 29.49 17.86
CA GLY D 136 42.49 28.50 17.48
C GLY D 136 41.66 28.11 18.70
N GLY D 137 42.37 27.80 19.77
CA GLY D 137 41.77 27.34 21.04
C GLY D 137 40.92 28.44 21.70
N GLN D 138 41.38 29.67 21.56
CA GLN D 138 40.69 30.82 22.16
C GLN D 138 39.40 31.10 21.39
N ARG D 139 39.54 31.21 20.08
CA ARG D 139 38.38 31.42 19.21
C ARG D 139 37.32 30.39 19.58
N GLN D 140 37.76 29.13 19.63
CA GLN D 140 36.90 28.02 19.94
C GLN D 140 36.03 28.25 21.17
N ARG D 141 36.66 28.70 22.26
CA ARG D 141 35.91 28.94 23.48
C ARG D 141 34.96 30.12 23.34
N VAL D 142 35.37 31.14 22.58
CA VAL D 142 34.50 32.29 22.37
C VAL D 142 33.23 31.74 21.73
N ALA D 143 33.39 30.94 20.69
CA ALA D 143 32.25 30.34 20.01
C ALA D 143 31.33 29.65 21.00
N ILE D 144 31.90 29.06 22.05
CA ILE D 144 31.13 28.35 23.06
C ILE D 144 30.41 29.32 24.00
N GLY D 145 31.06 30.43 24.30
CA GLY D 145 30.47 31.42 25.18
C GLY D 145 29.18 31.95 24.58
N ARG D 146 29.23 32.20 23.27
CA ARG D 146 28.07 32.68 22.54
C ARG D 146 26.85 31.84 22.86
N THR D 147 27.07 30.54 23.03
CA THR D 147 25.99 29.62 23.34
C THR D 147 25.72 29.50 24.83
N LEU D 148 26.76 29.62 25.64
CA LEU D 148 26.56 29.52 27.08
C LEU D 148 25.91 30.79 27.60
N VAL D 149 26.02 31.86 26.82
CA VAL D 149 25.43 33.13 27.20
C VAL D 149 23.94 33.13 26.85
N ALA D 150 23.62 32.75 25.63
CA ALA D 150 22.23 32.70 25.19
C ALA D 150 21.41 31.76 26.08
N GLU D 151 22.05 30.70 26.59
CA GLU D 151 21.39 29.72 27.46
C GLU D 151 20.12 29.09 26.89
N PRO D 152 20.17 28.57 25.64
CA PRO D 152 19.00 27.95 25.03
C PRO D 152 18.33 26.88 25.92
N SER D 153 17.22 26.35 25.45
CA SER D 153 16.50 25.31 26.21
C SER D 153 17.13 23.96 25.86
N VAL D 154 17.83 23.94 24.72
CA VAL D 154 18.50 22.74 24.23
C VAL D 154 19.78 23.12 23.50
N PHE D 155 20.94 22.83 24.11
CA PHE D 155 22.23 23.13 23.48
C PHE D 155 22.55 22.02 22.48
N LEU D 156 23.26 22.37 21.42
CA LEU D 156 23.65 21.38 20.42
C LEU D 156 25.14 21.58 20.17
N LEU D 157 25.94 21.06 21.08
CA LEU D 157 27.40 21.19 21.00
C LEU D 157 28.03 20.21 19.99
N ASP D 158 28.97 20.71 19.19
CA ASP D 158 29.63 19.87 18.21
C ASP D 158 31.15 19.96 18.33
N GLU D 159 31.72 19.12 19.18
CA GLU D 159 33.15 19.07 19.41
C GLU D 159 33.62 20.45 19.88
N PRO D 160 32.89 21.00 20.86
CA PRO D 160 33.20 22.32 21.42
C PRO D 160 34.52 22.45 22.15
N LEU D 161 35.07 21.33 22.60
CA LEU D 161 36.30 21.37 23.37
C LEU D 161 37.61 21.13 22.62
N SER D 162 37.52 21.01 21.31
CA SER D 162 38.70 20.79 20.48
C SER D 162 39.67 21.95 20.59
N ASN D 163 40.89 21.74 20.14
CA ASN D 163 41.93 22.77 20.19
C ASN D 163 42.32 23.19 21.60
N LEU D 164 42.02 22.37 22.60
CA LEU D 164 42.37 22.70 23.97
C LEU D 164 43.37 21.73 24.58
N ASP D 165 44.40 22.24 25.25
CA ASP D 165 45.36 21.35 25.89
C ASP D 165 44.60 20.43 26.86
N ALA D 166 45.22 19.31 27.23
CA ALA D 166 44.61 18.34 28.14
C ALA D 166 44.15 18.96 29.46
N ALA D 167 45.04 19.64 30.15
CA ALA D 167 44.66 20.26 31.42
C ALA D 167 43.42 21.16 31.28
N LEU D 168 43.47 22.06 30.30
CA LEU D 168 42.36 22.97 30.07
C LEU D 168 41.11 22.21 29.72
N ARG D 169 41.26 21.22 28.84
CA ARG D 169 40.12 20.42 28.40
C ARG D 169 39.45 19.67 29.52
N VAL D 170 40.19 19.36 30.58
CA VAL D 170 39.58 18.66 31.71
C VAL D 170 38.72 19.66 32.49
N GLN D 171 39.28 20.83 32.78
CA GLN D 171 38.50 21.86 33.48
C GLN D 171 37.20 22.16 32.73
N MET D 172 37.26 22.32 31.41
CA MET D 172 36.06 22.61 30.64
C MET D 172 35.02 21.50 30.73
N ARG D 173 35.47 20.26 30.87
CA ARG D 173 34.53 19.15 30.98
C ARG D 173 33.77 19.34 32.27
N ILE D 174 34.49 19.76 33.31
CA ILE D 174 33.89 19.99 34.60
C ILE D 174 32.83 21.10 34.51
N GLU D 175 33.21 22.19 33.86
CA GLU D 175 32.34 23.35 33.67
C GLU D 175 31.07 23.00 32.90
N ILE D 176 31.24 22.30 31.80
CA ILE D 176 30.12 21.89 30.98
C ILE D 176 29.22 20.94 31.74
N SER D 177 29.80 20.15 32.63
CA SER D 177 29.02 19.19 33.42
C SER D 177 28.16 19.94 34.44
N ARG D 178 28.70 21.04 34.97
CA ARG D 178 27.99 21.85 35.94
C ARG D 178 26.87 22.63 35.26
N LEU D 179 27.16 23.15 34.08
CA LEU D 179 26.18 23.91 33.33
C LEU D 179 25.02 22.99 32.95
N HIS D 180 25.16 21.71 33.22
CA HIS D 180 24.10 20.76 32.90
C HIS D 180 23.35 20.32 34.14
N LYS D 181 24.03 20.31 35.28
CA LYS D 181 23.41 19.92 36.52
C LYS D 181 22.90 21.18 37.22
N ARG D 182 22.71 22.23 36.43
CA ARG D 182 22.22 23.51 36.93
C ARG D 182 21.04 23.93 36.06
N LEU D 183 21.33 24.36 34.84
CA LEU D 183 20.28 24.77 33.91
C LEU D 183 19.33 23.60 33.61
N GLY D 184 19.78 22.38 33.92
CA GLY D 184 18.96 21.21 33.68
C GLY D 184 18.43 21.09 32.26
N ARG D 185 18.93 21.90 31.34
CA ARG D 185 18.49 21.88 29.96
C ARG D 185 18.87 20.56 29.29
N THR D 186 18.48 20.41 28.03
CA THR D 186 18.82 19.20 27.28
C THR D 186 20.09 19.47 26.46
N MET D 187 21.01 18.50 26.47
CA MET D 187 22.25 18.64 25.72
C MET D 187 22.49 17.53 24.71
N ILE D 188 22.89 17.93 23.51
CA ILE D 188 23.20 17.00 22.42
C ILE D 188 24.63 17.30 22.00
N TYR D 189 25.55 16.53 22.58
CA TYR D 189 27.01 16.65 22.38
C TYR D 189 27.54 15.72 21.30
N VAL D 190 28.47 16.20 20.49
CA VAL D 190 29.06 15.36 19.45
C VAL D 190 30.56 15.37 19.61
N THR D 191 31.16 14.20 19.76
CA THR D 191 32.60 14.14 19.94
C THR D 191 33.28 12.89 19.41
N HIS D 192 34.61 12.94 19.38
CA HIS D 192 35.42 11.84 18.94
C HIS D 192 36.27 11.41 20.12
N ASP D 193 36.39 12.30 21.10
CA ASP D 193 37.14 12.02 22.30
C ASP D 193 36.29 11.01 23.08
N GLN D 194 36.73 9.75 23.17
CA GLN D 194 35.91 8.76 23.84
C GLN D 194 35.90 8.89 25.36
N VAL D 195 37.00 9.35 25.93
CA VAL D 195 37.05 9.53 27.37
C VAL D 195 35.98 10.56 27.71
N GLU D 196 35.91 11.61 26.90
CA GLU D 196 34.93 12.67 27.12
C GLU D 196 33.53 12.09 27.10
N ALA D 197 33.23 11.36 26.04
CA ALA D 197 31.94 10.74 25.89
C ALA D 197 31.51 10.01 27.17
N MET D 198 32.38 9.13 27.64
CA MET D 198 32.10 8.33 28.84
C MET D 198 31.90 9.18 30.09
N THR D 199 32.61 10.29 30.17
CA THR D 199 32.57 11.15 31.37
C THR D 199 31.37 12.12 31.40
N LEU D 200 30.90 12.56 30.25
CA LEU D 200 29.83 13.59 30.20
C LEU D 200 28.43 13.03 29.95
N ALA D 201 28.35 11.98 29.18
CA ALA D 201 27.06 11.41 28.77
C ALA D 201 26.37 10.62 29.87
N ASP D 202 25.07 10.63 29.73
CA ASP D 202 24.11 9.87 30.55
C ASP D 202 23.30 9.03 29.58
N LYS D 203 23.92 8.91 28.40
CA LYS D 203 23.37 8.16 27.25
C LYS D 203 24.20 8.45 25.99
N ILE D 204 24.71 7.38 25.36
CA ILE D 204 25.55 7.52 24.15
C ILE D 204 24.90 6.92 22.91
N VAL D 205 24.97 7.65 21.80
CA VAL D 205 24.39 7.16 20.55
C VAL D 205 25.52 6.89 19.57
N VAL D 206 25.61 5.66 19.10
CA VAL D 206 26.66 5.28 18.16
C VAL D 206 26.07 5.19 16.76
N LEU D 207 26.57 6.04 15.87
CA LEU D 207 26.11 6.04 14.50
C LEU D 207 27.10 5.25 13.66
N ASP D 208 26.65 4.85 12.47
CA ASP D 208 27.48 4.12 11.55
C ASP D 208 26.83 4.17 10.18
N ALA D 209 27.53 4.73 9.21
CA ALA D 209 27.02 4.84 7.85
C ALA D 209 25.53 5.13 7.83
N GLY D 210 25.15 6.29 8.34
CA GLY D 210 23.75 6.68 8.34
C GLY D 210 22.88 6.01 9.41
N ARG D 211 23.01 4.71 9.57
CA ARG D 211 22.17 4.00 10.55
C ARG D 211 22.66 4.15 11.99
N VAL D 212 21.76 3.94 12.95
CA VAL D 212 22.12 4.00 14.36
C VAL D 212 22.55 2.58 14.73
N ALA D 213 23.76 2.45 15.27
CA ALA D 213 24.28 1.14 15.62
C ALA D 213 23.77 0.64 16.97
N GLN D 214 23.78 1.52 17.96
CA GLN D 214 23.35 1.14 19.28
C GLN D 214 23.24 2.37 20.16
N VAL D 215 22.33 2.33 21.13
CA VAL D 215 22.18 3.44 22.06
C VAL D 215 22.15 2.84 23.45
N GLY D 216 22.94 3.40 24.35
CA GLY D 216 22.97 2.88 25.70
C GLY D 216 23.83 3.75 26.60
N LYS D 217 23.91 3.41 27.88
CA LYS D 217 24.72 4.19 28.79
C LYS D 217 26.17 3.85 28.51
N PRO D 218 27.12 4.67 29.01
CA PRO D 218 28.54 4.42 28.79
C PRO D 218 29.04 2.98 29.00
N LEU D 219 28.90 2.46 30.22
CA LEU D 219 29.37 1.10 30.49
C LEU D 219 28.59 0.00 29.77
N GLU D 220 27.36 0.25 29.34
CA GLU D 220 26.60 -0.78 28.63
C GLU D 220 27.17 -0.99 27.23
N LEU D 221 27.65 0.10 26.64
CA LEU D 221 28.23 0.04 25.30
C LEU D 221 29.58 -0.61 25.37
N TYR D 222 30.32 -0.25 26.41
CA TYR D 222 31.67 -0.77 26.63
C TYR D 222 31.67 -2.27 26.86
N HIS D 223 30.89 -2.69 27.87
CA HIS D 223 30.76 -4.09 28.27
C HIS D 223 29.87 -4.93 27.42
N TYR D 224 28.87 -4.33 26.79
CA TYR D 224 27.92 -5.14 26.03
C TYR D 224 27.62 -4.69 24.63
N PRO D 225 28.66 -4.50 23.81
CA PRO D 225 28.43 -4.08 22.43
C PRO D 225 27.49 -5.11 21.81
N ALA D 226 26.47 -4.63 21.10
CA ALA D 226 25.49 -5.51 20.48
C ALA D 226 26.01 -6.21 19.24
N ASP D 227 27.08 -5.68 18.66
CA ASP D 227 27.65 -6.30 17.47
C ASP D 227 29.13 -6.01 17.30
N ARG D 228 29.73 -6.65 16.31
CA ARG D 228 31.16 -6.48 16.04
C ARG D 228 31.52 -5.02 15.83
N PHE D 229 30.76 -4.33 14.98
CA PHE D 229 31.04 -2.94 14.72
C PHE D 229 31.12 -2.08 15.99
N VAL D 230 30.04 -2.06 16.77
CA VAL D 230 30.06 -1.27 18.00
C VAL D 230 31.21 -1.72 18.88
N ALA D 231 31.43 -3.03 18.96
CA ALA D 231 32.51 -3.57 19.78
C ALA D 231 33.86 -2.99 19.40
N GLY D 232 34.11 -2.89 18.10
CA GLY D 232 35.37 -2.36 17.63
C GLY D 232 35.47 -0.84 17.67
N PHE D 233 34.34 -0.16 17.87
CA PHE D 233 34.31 1.30 17.92
C PHE D 233 34.43 1.91 19.31
N ILE D 234 33.74 1.40 20.31
CA ILE D 234 33.88 1.94 21.67
C ILE D 234 35.08 1.26 22.33
N GLY D 235 35.97 2.08 22.86
CA GLY D 235 37.20 1.61 23.52
C GLY D 235 38.42 1.99 22.68
N SER D 236 39.34 2.68 23.34
CA SER D 236 40.59 3.20 22.72
C SER D 236 41.27 2.12 21.86
N PRO D 237 42.42 1.54 22.24
CA PRO D 237 43.05 0.57 21.39
C PRO D 237 42.04 -0.49 21.09
N LYS D 238 41.48 -0.33 19.90
CA LYS D 238 40.42 -1.21 19.38
C LYS D 238 40.52 -2.59 20.01
N MET D 239 39.35 -3.20 20.15
CA MET D 239 39.21 -4.53 20.70
C MET D 239 39.86 -5.54 19.75
N ASN D 240 40.61 -6.45 20.33
CA ASN D 240 41.28 -7.51 19.57
C ASN D 240 40.22 -8.46 19.04
N PHE D 241 40.42 -8.95 17.82
CA PHE D 241 39.47 -9.88 17.20
C PHE D 241 40.19 -11.12 16.67
N LEU D 242 39.83 -12.29 17.21
CA LEU D 242 40.45 -13.55 16.79
C LEU D 242 39.45 -14.43 16.06
N PRO D 243 39.89 -15.11 14.99
CA PRO D 243 38.94 -15.98 14.29
C PRO D 243 38.89 -17.32 15.04
N VAL D 244 37.70 -17.81 15.32
CA VAL D 244 37.56 -19.09 16.02
C VAL D 244 36.46 -19.95 15.43
N LYS D 245 36.31 -21.14 15.98
CA LYS D 245 35.28 -22.06 15.50
C LYS D 245 34.55 -22.66 16.67
N VAL D 246 33.23 -22.76 16.53
CA VAL D 246 32.40 -23.32 17.57
C VAL D 246 32.52 -24.83 17.49
N THR D 247 33.06 -25.42 18.55
CA THR D 247 33.22 -26.86 18.60
C THR D 247 32.11 -27.52 19.42
N ALA D 248 31.60 -26.81 20.43
CA ALA D 248 30.54 -27.36 21.26
C ALA D 248 29.49 -26.34 21.70
N THR D 249 28.29 -26.82 22.00
CA THR D 249 27.21 -25.95 22.42
C THR D 249 26.44 -26.47 23.63
N ALA D 250 26.30 -25.61 24.63
CA ALA D 250 25.55 -25.97 25.84
C ALA D 250 24.41 -24.98 25.87
N ILE D 251 23.75 -24.84 27.01
CA ILE D 251 22.64 -23.90 27.09
C ILE D 251 23.12 -22.46 27.28
N ASP D 252 23.94 -22.25 28.29
CA ASP D 252 24.49 -20.91 28.59
C ASP D 252 26.02 -20.92 28.53
N GLN D 253 26.56 -21.55 27.52
CA GLN D 253 28.03 -21.59 27.37
C GLN D 253 28.42 -21.37 25.92
N VAL D 254 29.12 -22.33 25.36
CA VAL D 254 29.62 -22.20 23.98
C VAL D 254 31.13 -22.37 24.01
N GLN D 255 31.58 -23.38 23.31
CA GLN D 255 33.00 -23.70 23.24
C GLN D 255 33.54 -23.37 21.85
N VAL D 256 34.67 -22.69 21.84
CA VAL D 256 35.31 -22.29 20.58
C VAL D 256 36.75 -22.80 20.48
N GLU D 257 37.23 -22.91 19.26
CA GLU D 257 38.59 -23.40 19.03
C GLU D 257 39.49 -22.31 18.48
N LEU D 258 40.52 -21.96 19.24
CA LEU D 258 41.47 -20.93 18.83
C LEU D 258 42.29 -21.43 17.65
N PRO D 259 42.51 -20.57 16.64
CA PRO D 259 43.27 -20.94 15.43
C PRO D 259 44.74 -21.32 15.64
N MET D 260 45.19 -21.30 16.88
CA MET D 260 46.58 -21.64 17.20
C MET D 260 47.02 -23.03 16.73
N PRO D 261 48.35 -23.27 16.71
CA PRO D 261 48.90 -24.57 16.29
C PRO D 261 48.36 -25.69 17.18
N ASN D 262 48.28 -25.40 18.49
CA ASN D 262 47.80 -26.36 19.47
C ASN D 262 46.28 -26.51 19.42
N ARG D 263 45.62 -25.57 18.74
CA ARG D 263 44.15 -25.58 18.60
C ARG D 263 43.46 -25.80 19.94
N GLN D 264 43.73 -24.89 20.87
CA GLN D 264 43.15 -24.93 22.21
C GLN D 264 41.66 -24.54 22.17
N GLN D 265 40.87 -25.18 23.01
CA GLN D 265 39.45 -24.91 23.08
C GLN D 265 39.12 -24.34 24.46
N VAL D 266 38.12 -23.46 24.52
CA VAL D 266 37.75 -22.86 25.81
C VAL D 266 36.25 -22.55 25.87
N TRP D 267 35.66 -22.69 27.06
CA TRP D 267 34.24 -22.40 27.23
C TRP D 267 33.99 -20.91 27.58
N LEU D 268 33.13 -20.26 26.80
CA LEU D 268 32.82 -18.86 27.01
C LEU D 268 31.42 -18.63 27.60
N PRO D 269 31.29 -17.73 28.58
CA PRO D 269 29.97 -17.45 29.18
C PRO D 269 29.09 -16.64 28.24
N VAL D 270 28.72 -17.24 27.10
CA VAL D 270 27.92 -16.56 26.08
C VAL D 270 26.52 -17.11 25.78
N GLU D 271 25.69 -16.23 25.22
CA GLU D 271 24.30 -16.49 24.85
C GLU D 271 23.95 -17.91 24.42
N SER D 272 24.65 -18.43 23.41
CA SER D 272 24.41 -19.79 22.89
C SER D 272 23.25 -19.86 21.90
N ARG D 273 22.30 -18.94 22.05
CA ARG D 273 21.15 -18.88 21.16
C ARG D 273 21.61 -18.62 19.74
N ASP D 274 21.09 -19.41 18.81
CA ASP D 274 21.42 -19.29 17.40
C ASP D 274 22.91 -19.43 17.10
N VAL D 275 23.57 -20.34 17.78
CA VAL D 275 24.99 -20.58 17.57
C VAL D 275 25.16 -22.05 17.17
N GLN D 276 25.38 -22.30 15.89
CA GLN D 276 25.54 -23.67 15.39
C GLN D 276 26.98 -24.16 15.49
N VAL D 277 27.15 -25.41 15.91
CA VAL D 277 28.47 -26.00 16.02
C VAL D 277 29.13 -25.98 14.65
N GLY D 278 30.42 -25.68 14.62
CA GLY D 278 31.12 -25.65 13.34
C GLY D 278 31.10 -24.30 12.64
N ALA D 279 30.33 -23.36 13.18
CA ALA D 279 30.23 -22.02 12.58
C ALA D 279 31.53 -21.23 12.81
N ASN D 280 31.86 -20.36 11.86
CA ASN D 280 33.06 -19.52 11.95
C ASN D 280 32.68 -18.26 12.68
N MET D 281 33.26 -18.06 13.85
CA MET D 281 32.92 -16.89 14.64
C MET D 281 34.10 -16.04 15.02
N SER D 282 33.78 -14.84 15.46
CA SER D 282 34.76 -13.84 15.85
C SER D 282 34.80 -13.70 17.37
N LEU D 283 35.98 -13.82 17.94
CA LEU D 283 36.12 -13.69 19.37
C LEU D 283 36.86 -12.41 19.69
N GLY D 284 36.24 -11.57 20.51
CA GLY D 284 36.86 -10.31 20.87
C GLY D 284 37.34 -10.25 22.31
N ILE D 285 38.49 -9.61 22.51
CA ILE D 285 39.07 -9.47 23.82
C ILE D 285 39.80 -8.14 23.83
N ARG D 286 39.52 -7.28 24.81
CA ARG D 286 40.13 -5.96 24.85
C ARG D 286 41.56 -5.89 25.37
N PRO D 287 42.38 -5.05 24.73
CA PRO D 287 43.77 -4.93 25.18
C PRO D 287 43.94 -4.88 26.70
N GLU D 288 43.05 -4.20 27.42
CA GLU D 288 43.20 -4.09 28.89
C GLU D 288 42.73 -5.34 29.64
N HIS D 289 41.97 -6.17 28.94
CA HIS D 289 41.44 -7.35 29.54
C HIS D 289 42.36 -8.56 29.46
N LEU D 290 43.29 -8.53 28.52
CA LEU D 290 44.27 -9.58 28.37
C LEU D 290 45.00 -9.68 29.71
N LEU D 291 45.50 -10.89 30.03
CA LEU D 291 46.17 -11.14 31.30
C LEU D 291 47.68 -11.32 31.20
N PRO D 292 48.37 -11.15 32.33
CA PRO D 292 49.83 -11.28 32.44
C PRO D 292 50.42 -12.62 31.93
N SER D 293 49.58 -13.66 31.86
CA SER D 293 50.01 -14.99 31.39
C SER D 293 50.79 -15.67 32.50
N ASP D 294 51.32 -14.84 33.38
CA ASP D 294 52.07 -15.28 34.54
C ASP D 294 51.16 -16.19 35.35
N ILE D 295 49.87 -15.87 35.35
CA ILE D 295 48.87 -16.65 36.07
C ILE D 295 48.81 -18.06 35.49
N ALA D 296 47.97 -18.26 34.47
CA ALA D 296 47.83 -19.57 33.83
C ALA D 296 46.65 -19.62 32.86
N ASP D 297 46.26 -20.84 32.49
CA ASP D 297 45.15 -21.10 31.57
C ASP D 297 45.46 -20.73 30.14
N VAL D 298 44.41 -20.53 29.34
CA VAL D 298 44.54 -20.17 27.94
C VAL D 298 45.66 -19.17 27.74
N ILE D 299 46.65 -19.53 26.95
CA ILE D 299 47.77 -18.63 26.70
C ILE D 299 48.10 -18.46 25.23
N LEU D 300 48.53 -17.26 24.88
CA LEU D 300 48.92 -16.98 23.50
C LEU D 300 50.34 -16.43 23.56
N GLU D 301 51.16 -16.82 22.59
CA GLU D 301 52.54 -16.37 22.52
C GLU D 301 52.82 -15.84 21.13
N GLY D 302 53.74 -14.89 21.05
CA GLY D 302 54.07 -14.32 19.75
C GLY D 302 55.31 -13.46 19.84
N GLU D 303 55.58 -12.73 18.76
CA GLU D 303 56.73 -11.84 18.70
C GLU D 303 56.35 -10.37 18.80
N VAL D 304 57.02 -9.66 19.69
CA VAL D 304 56.77 -8.24 19.86
C VAL D 304 56.99 -7.51 18.53
N GLN D 305 55.96 -6.87 18.03
CA GLN D 305 56.06 -6.14 16.76
C GLN D 305 56.21 -4.63 17.01
N VAL D 306 55.42 -4.13 17.97
CA VAL D 306 55.45 -2.71 18.31
C VAL D 306 55.39 -2.55 19.82
N VAL D 307 55.96 -1.45 20.30
CA VAL D 307 55.95 -1.16 21.72
C VAL D 307 55.88 0.36 21.87
N GLU D 308 54.72 0.84 22.30
CA GLU D 308 54.49 2.27 22.49
C GLU D 308 54.51 2.61 23.99
N GLN D 309 55.42 3.50 24.37
CA GLN D 309 55.57 3.95 25.76
C GLN D 309 54.72 5.18 26.05
N LEU D 310 53.81 5.08 27.01
CA LEU D 310 52.98 6.22 27.31
C LEU D 310 53.19 6.78 28.71
N GLY D 311 54.20 6.29 29.41
CA GLY D 311 54.46 6.77 30.75
C GLY D 311 53.62 6.07 31.80
N ASN D 312 52.30 6.12 31.66
CA ASN D 312 51.45 5.49 32.65
C ASN D 312 51.27 4.02 32.26
N GLU D 313 51.36 3.72 30.98
CA GLU D 313 51.22 2.35 30.51
C GLU D 313 52.10 2.00 29.28
N THR D 314 52.10 0.75 28.87
CA THR D 314 52.88 0.34 27.71
C THR D 314 51.98 -0.53 26.88
N GLN D 315 51.92 -0.26 25.59
CA GLN D 315 51.09 -1.07 24.72
C GLN D 315 52.07 -1.92 23.91
N ILE D 316 51.91 -3.23 23.98
CA ILE D 316 52.77 -4.17 23.28
C ILE D 316 51.98 -4.78 22.14
N HIS D 317 52.52 -4.70 20.93
CA HIS D 317 51.86 -5.30 19.78
C HIS D 317 52.51 -6.67 19.57
N ILE D 318 51.70 -7.71 19.64
CA ILE D 318 52.21 -9.07 19.52
C ILE D 318 51.68 -9.80 18.29
N GLN D 319 52.60 -10.43 17.56
CA GLN D 319 52.20 -11.19 16.38
C GLN D 319 52.03 -12.65 16.76
N ILE D 320 50.87 -13.19 16.42
CA ILE D 320 50.56 -14.58 16.73
C ILE D 320 50.30 -15.36 15.44
N PRO D 321 50.87 -16.57 15.36
CA PRO D 321 50.70 -17.44 14.19
C PRO D 321 49.25 -17.82 13.97
N SER D 322 48.79 -17.65 12.73
CA SER D 322 47.43 -17.98 12.30
C SER D 322 46.46 -16.81 12.42
N ILE D 323 46.90 -15.73 13.07
CA ILE D 323 46.04 -14.56 13.24
C ILE D 323 46.55 -13.41 12.36
N ARG D 324 45.65 -12.83 11.55
CA ARG D 324 46.00 -11.73 10.66
C ARG D 324 46.72 -10.58 11.36
N GLN D 325 45.93 -9.65 11.91
CA GLN D 325 46.45 -8.47 12.58
C GLN D 325 47.13 -8.82 13.91
N ASN D 326 48.01 -7.93 14.38
CA ASN D 326 48.70 -8.15 15.65
C ASN D 326 47.68 -8.08 16.77
N LEU D 327 48.03 -8.62 17.92
CA LEU D 327 47.15 -8.57 19.09
C LEU D 327 47.68 -7.45 19.98
N VAL D 328 46.87 -6.42 20.21
CA VAL D 328 47.30 -5.31 21.05
C VAL D 328 46.99 -5.59 22.51
N TYR D 329 48.00 -5.34 23.35
CA TYR D 329 47.93 -5.58 24.79
C TYR D 329 48.46 -4.36 25.57
N ARG D 330 47.69 -3.90 26.57
CA ARG D 330 48.12 -2.76 27.38
C ARG D 330 48.49 -3.24 28.75
N GLN D 331 49.62 -2.78 29.26
CA GLN D 331 50.06 -3.17 30.56
C GLN D 331 50.49 -1.96 31.35
N ASN D 332 50.24 -2.05 32.64
CA ASN D 332 50.56 -0.96 33.52
C ASN D 332 52.05 -0.63 33.60
N ASP D 333 52.27 0.67 33.77
CA ASP D 333 53.60 1.28 33.95
C ASP D 333 54.46 1.16 32.69
N VAL D 334 55.72 1.51 32.90
CA VAL D 334 56.77 1.33 31.90
C VAL D 334 57.20 -0.10 32.01
N VAL D 335 57.22 -0.72 30.89
CA VAL D 335 57.60 -2.12 30.78
C VAL D 335 58.65 -2.20 29.70
N LEU D 336 59.78 -2.79 29.99
CA LEU D 336 60.87 -2.77 29.00
C LEU D 336 60.99 -4.04 28.15
N VAL D 337 60.47 -4.00 26.93
CA VAL D 337 60.58 -5.14 26.04
C VAL D 337 61.01 -4.61 24.70
N GLU D 338 61.65 -5.46 23.90
CA GLU D 338 62.11 -5.04 22.59
C GLU D 338 61.38 -5.76 21.48
N GLU D 339 61.52 -5.24 20.28
CA GLU D 339 60.89 -5.85 19.12
C GLU D 339 61.56 -7.16 18.82
N GLY D 340 60.78 -8.11 18.29
CA GLY D 340 61.32 -9.41 17.98
C GLY D 340 61.34 -10.31 19.19
N ALA D 341 61.19 -9.73 20.37
CA ALA D 341 61.17 -10.53 21.59
C ALA D 341 59.93 -11.41 21.65
N THR D 342 60.01 -12.47 22.44
CA THR D 342 58.88 -13.39 22.59
C THR D 342 58.03 -12.93 23.76
N PHE D 343 56.72 -12.89 23.57
CA PHE D 343 55.81 -12.43 24.61
C PHE D 343 54.57 -13.32 24.75
N ALA D 344 54.18 -13.60 25.99
CA ALA D 344 53.01 -14.44 26.24
C ALA D 344 51.97 -13.73 27.10
N ILE D 345 50.71 -13.86 26.72
CA ILE D 345 49.61 -13.22 27.47
C ILE D 345 48.47 -14.17 27.74
N GLY D 346 47.70 -13.89 28.79
CA GLY D 346 46.57 -14.72 29.17
C GLY D 346 45.21 -14.24 28.66
N LEU D 347 44.44 -15.15 28.10
CA LEU D 347 43.12 -14.84 27.54
C LEU D 347 41.93 -15.26 28.42
N PRO D 348 41.46 -14.37 29.31
CA PRO D 348 40.33 -14.60 30.24
C PRO D 348 38.98 -14.83 29.54
N PRO D 349 38.38 -16.03 29.73
CA PRO D 349 37.09 -16.33 29.09
C PRO D 349 35.90 -15.45 29.48
N GLU D 350 35.85 -14.98 30.72
CA GLU D 350 34.74 -14.11 31.16
C GLU D 350 34.70 -12.80 30.37
N ARG D 351 35.87 -12.27 30.04
CA ARG D 351 35.99 -11.01 29.33
C ARG D 351 35.99 -11.14 27.81
N CYS D 352 35.67 -12.32 27.30
CA CYS D 352 35.63 -12.52 25.85
C CYS D 352 34.27 -12.25 25.25
N HIS D 353 34.26 -11.75 24.02
CA HIS D 353 33.02 -11.48 23.32
C HIS D 353 33.04 -12.47 22.16
N LEU D 354 31.88 -12.71 21.58
CA LEU D 354 31.80 -13.63 20.46
C LEU D 354 30.76 -13.10 19.50
N PHE D 355 31.12 -13.01 18.22
CA PHE D 355 30.20 -12.50 17.22
C PHE D 355 29.92 -13.52 16.16
N ARG D 356 28.65 -13.68 15.81
CA ARG D 356 28.28 -14.63 14.78
C ARG D 356 28.85 -14.15 13.45
N GLU D 357 28.72 -14.95 12.40
CA GLU D 357 29.26 -14.56 11.11
C GLU D 357 28.63 -13.24 10.66
N ASP D 358 27.35 -13.04 11.00
CA ASP D 358 26.66 -11.82 10.60
C ASP D 358 27.12 -10.63 11.46
N GLY D 359 28.02 -10.89 12.39
CA GLY D 359 28.54 -9.82 13.22
C GLY D 359 27.76 -9.48 14.50
N THR D 360 26.53 -9.92 14.61
CA THR D 360 25.76 -9.63 15.84
C THR D 360 26.42 -10.38 17.00
N ALA D 361 26.29 -9.83 18.18
CA ALA D 361 26.94 -10.40 19.36
C ALA D 361 26.08 -11.42 20.09
N CYS D 362 26.81 -12.26 20.80
CA CYS D 362 26.27 -13.30 21.68
C CYS D 362 26.33 -12.78 23.11
N ARG D 363 25.28 -12.08 23.45
CA ARG D 363 25.10 -11.45 24.77
C ARG D 363 25.92 -12.17 25.85
N ARG D 364 26.98 -11.49 26.26
CA ARG D 364 27.84 -12.00 27.35
C ARG D 364 26.95 -12.18 28.58
N LEU D 365 27.14 -13.30 29.24
CA LEU D 365 26.33 -13.64 30.42
C LEU D 365 26.97 -13.09 31.69
N HIS D 366 28.23 -12.74 31.57
CA HIS D 366 29.02 -12.22 32.70
C HIS D 366 28.49 -10.86 33.13
N LYS D 367 28.27 -10.79 34.42
CA LYS D 367 27.81 -9.57 35.05
C LYS D 367 29.01 -8.75 35.47
N GLU D 368 29.17 -7.67 34.75
CA GLU D 368 30.21 -6.69 35.02
C GLU D 368 29.58 -5.63 35.91
N PRO D 369 30.34 -5.10 36.88
CA PRO D 369 29.80 -4.06 37.77
C PRO D 369 29.44 -2.82 36.95
N GLY D 370 28.23 -2.32 37.14
CA GLY D 370 27.78 -1.16 36.40
C GLY D 370 26.70 -1.51 35.38
#